data_2CG6
# 
_entry.id   2CG6 
# 
_audit_conform.dict_name       mmcif_pdbx.dic 
_audit_conform.dict_version    5.398 
_audit_conform.dict_location   http://mmcif.pdb.org/dictionaries/ascii/mmcif_pdbx.dic 
# 
loop_
_database_2.database_id 
_database_2.database_code 
_database_2.pdbx_database_accession 
_database_2.pdbx_DOI 
PDB   2CG6         pdb_00002cg6 10.2210/pdb2cg6/pdb 
PDBE  EBI-27980    ?            ?                   
WWPDB D_1290027980 ?            ?                   
# 
loop_
_pdbx_audit_revision_history.ordinal 
_pdbx_audit_revision_history.data_content_type 
_pdbx_audit_revision_history.major_revision 
_pdbx_audit_revision_history.minor_revision 
_pdbx_audit_revision_history.revision_date 
1 'Structure model' 1 0 2007-02-27 
2 'Structure model' 1 1 2011-05-08 
3 'Structure model' 1 2 2011-07-13 
4 'Structure model' 1 3 2017-08-30 
5 'Structure model' 1 4 2024-11-13 
# 
_pdbx_audit_revision_details.ordinal             1 
_pdbx_audit_revision_details.revision_ordinal    1 
_pdbx_audit_revision_details.data_content_type   'Structure model' 
_pdbx_audit_revision_details.provider            repository 
_pdbx_audit_revision_details.type                'Initial release' 
_pdbx_audit_revision_details.description         ? 
_pdbx_audit_revision_details.details             ? 
# 
loop_
_pdbx_audit_revision_group.ordinal 
_pdbx_audit_revision_group.revision_ordinal 
_pdbx_audit_revision_group.data_content_type 
_pdbx_audit_revision_group.group 
1 2 'Structure model' 'Version format compliance' 
2 3 'Structure model' 'Version format compliance' 
3 4 'Structure model' 'Data collection'           
4 5 'Structure model' 'Data collection'           
5 5 'Structure model' 'Database references'       
6 5 'Structure model' Other                       
7 5 'Structure model' 'Structure summary'         
# 
loop_
_pdbx_audit_revision_category.ordinal 
_pdbx_audit_revision_category.revision_ordinal 
_pdbx_audit_revision_category.data_content_type 
_pdbx_audit_revision_category.category 
1 4 'Structure model' diffrn_detector           
2 5 'Structure model' chem_comp_atom            
3 5 'Structure model' chem_comp_bond            
4 5 'Structure model' database_2                
5 5 'Structure model' pdbx_database_status      
6 5 'Structure model' pdbx_entry_details        
7 5 'Structure model' pdbx_modification_feature 
# 
loop_
_pdbx_audit_revision_item.ordinal 
_pdbx_audit_revision_item.revision_ordinal 
_pdbx_audit_revision_item.data_content_type 
_pdbx_audit_revision_item.item 
1 4 'Structure model' '_diffrn_detector.type'                
2 5 'Structure model' '_database_2.pdbx_DOI'                 
3 5 'Structure model' '_database_2.pdbx_database_accession'  
4 5 'Structure model' '_pdbx_database_status.status_code_sf' 
# 
_pdbx_database_status.status_code                     REL 
_pdbx_database_status.entry_id                        2CG6 
_pdbx_database_status.deposit_site                    PDBE 
_pdbx_database_status.process_site                    PDBE 
_pdbx_database_status.SG_entry                        . 
_pdbx_database_status.recvd_initial_deposition_date   2006-02-27 
_pdbx_database_status.pdb_format_compatible           Y 
_pdbx_database_status.status_code_sf                  REL 
_pdbx_database_status.status_code_mr                  ? 
_pdbx_database_status.status_code_cs                  ? 
_pdbx_database_status.methods_development_category    ? 
_pdbx_database_status.status_code_nmr_data            ? 
# 
loop_
_pdbx_database_related.db_name 
_pdbx_database_related.db_id 
_pdbx_database_related.content_type 
_pdbx_database_related.details 
PDB 1E88 unspecified 
'SOLUTION STRUCTURE OF 6F11F22F2, A COMPACT THREE-MODULE FRAGMENT OF THE GELATIN-BINDING DOMAIN OF HUMAN FIBRONECTIN' 
PDB 1E8B unspecified 
'SOLUTION STRUCTURE OF 6F11F22F2, A COMPACT THREE-MODULE FRAGMENT OF THE GELATIN-BINDING DOMAIN OF HUMAN FIBRONECTIN' 
PDB 1FBR unspecified 'FOURTH AND FIFTH FIBRONECTIN TYPE I MODULE PAIR' 
PDB 1FNA unspecified 'FIBRONECTIN CELL-ADHESION MODULE TYPE III-10' 
PDB 1FNF unspecified 'FRAGMENT OF HUMAN FIBRONECTIN ENCOMPASSING TYPE-III REPEATS 7 THROUGH 10' 
PDB 1FNH unspecified 'CRYSTAL STRUCTURE OF HEPARIN AND INTEGRIN BINDING SEGMENT OF HUMAN FIBRONECTIN' 
PDB 1J8K unspecified 'NMR STRUCTURE OF THE FIBRONECTIN EDA DOMAIN , NMR, 20STRUCTURES' 
PDB 1O9A unspecified 'SOLUTION STRUCTURE OF THE COMPLEX OF 1F12F1 FROM FIBRONECTIN WITH B3 FROM FNBB FROM S. DYSGALACTIAE' 
PDB 1OWW unspecified 'SOLUTION STRUCTURE OF THE FIRST TYPE III MODULE OF HUMANFIBRONECTIN DETERMINED BY 1H, 15N NMR SPECTROSCOPY' 
PDB 1Q38 unspecified ANASTELLIN 
PDB 1QGB unspecified 'SOLUTION STRUCTURE OF THE N-TERMINAL F1 MODULE PAIR FROM HUMAN FIBRONECTIN' 
PDB 1QO6 unspecified 'SOLUTION STRUCTURE OF A PAIR OF MODULES FROM THE GELATIN-BINDING DOMAIN OF FIBRONECTIN' 
PDB 1TTF unspecified 'FIBRONECTIN (TENTH TYPE III MODULE) (NMR, 36 STRUCTURES)' 
PDB 1TTG unspecified 'FIBRONECTIN (TENTH TYPE III MODULE) (NMR, RESTRAINED MINIMIZED AVERAGE STRUCTURE)' 
PDB 2CG6 unspecified 'SECOND AND THIRD FIBRONECTIN TYPE I MODULE PAIR.' 
PDB 2FN2 unspecified 'SOLUTION NMR STRUCTURE OF THE GLYCOSYLATED SECOND TYPE TWO MODULE OF FIBRONECTIN, 20 STRUCTURES' 
PDB 2FNB unspecified 'NMR STRUCTURE OF THE FIBRONECTIN ED-B DOMAIN, NMR, 20 STRUCTURES' 
# 
loop_
_audit_author.name 
_audit_author.pdbx_ordinal 
'Rudino-Pinera, E.' 1 
'Ravelli, R.B.G.'   2 
'Sheldrick, G.M.'   3 
'Nanao, M.H.'       4 
'Werner, J.M.'      5 
'Schwarz-Linek, U.' 6 
'Potts, J.R.'       7 
'Garman, E.F.'      8 
# 
_citation.id                        primary 
_citation.title                     
;The Solution and Crystal Structures of a Module Pair from the Staphylococcus Aureus-Binding Site of Human Fibronectin-A Tale with a Twist.
;
_citation.journal_abbrev            J.Mol.Biol. 
_citation.journal_volume            368 
_citation.page_first                833 
_citation.page_last                 ? 
_citation.year                      2007 
_citation.journal_id_ASTM           JMOBAK 
_citation.country                   UK 
_citation.journal_id_ISSN           0022-2836 
_citation.journal_id_CSD            0070 
_citation.book_publisher            ? 
_citation.pdbx_database_id_PubMed   17368672 
_citation.pdbx_database_id_DOI      10.1016/J.JMB.2007.02.061 
# 
loop_
_citation_author.citation_id 
_citation_author.name 
_citation_author.ordinal 
_citation_author.identifier_ORCID 
primary 'Rudino-Pinera, E.' 1 ? 
primary 'Ravelli, R.B.G.'   2 ? 
primary 'Sheldrick, G.M.'   3 ? 
primary 'Nanao, M.H.'       4 ? 
primary 'Korostelev, V.V.'  5 ? 
primary 'Werner, J.M.'      6 ? 
primary 'Schwarz-Linek, U.' 7 ? 
primary 'Potts, J.R.'       8 ? 
primary 'Garman, E.F.'      9 ? 
# 
loop_
_entity.id 
_entity.type 
_entity.src_method 
_entity.pdbx_description 
_entity.formula_weight 
_entity.pdbx_number_of_molecules 
_entity.pdbx_ec 
_entity.pdbx_mutation 
_entity.pdbx_fragment 
_entity.details 
1 polymer     man 'HUMAN FIBRONECTIN' 10120.389 1  ? ? 'RESIDUES 93-182 (62-151 IN COORDINATES)' ? 
2 non-polymer syn 'SULFATE ION'       96.063    1  ? ? ?                                         ? 
3 water       nat water               18.015    70 ? ? ?                                         ? 
# 
_entity_name_com.entity_id   1 
_entity_name_com.name        'FN, COLD-INSOLUBLE GLOBULIN, CIG' 
# 
_entity_poly.entity_id                      1 
_entity_poly.type                           'polypeptide(L)' 
_entity_poly.nstd_linkage                   no 
_entity_poly.nstd_monomer                   no 
_entity_poly.pdbx_seq_one_letter_code       
;AEETCFDKYTGNTYRVGDTYERPKDSMIWDCTCIGAGRGRISCTIANRCHEGGQSYKIGDTWRRPHETGGYMLECVCLGN
GKGEWTCKPI
;
_entity_poly.pdbx_seq_one_letter_code_can   
;AEETCFDKYTGNTYRVGDTYERPKDSMIWDCTCIGAGRGRISCTIANRCHEGGQSYKIGDTWRRPHETGGYMLECVCLGN
GKGEWTCKPI
;
_entity_poly.pdbx_strand_id                 A 
_entity_poly.pdbx_target_identifier         ? 
# 
loop_
_pdbx_entity_nonpoly.entity_id 
_pdbx_entity_nonpoly.name 
_pdbx_entity_nonpoly.comp_id 
2 'SULFATE ION' SO4 
3 water         HOH 
# 
loop_
_entity_poly_seq.entity_id 
_entity_poly_seq.num 
_entity_poly_seq.mon_id 
_entity_poly_seq.hetero 
1 1  ALA n 
1 2  GLU n 
1 3  GLU n 
1 4  THR n 
1 5  CYS n 
1 6  PHE n 
1 7  ASP n 
1 8  LYS n 
1 9  TYR n 
1 10 THR n 
1 11 GLY n 
1 12 ASN n 
1 13 THR n 
1 14 TYR n 
1 15 ARG n 
1 16 VAL n 
1 17 GLY n 
1 18 ASP n 
1 19 THR n 
1 20 TYR n 
1 21 GLU n 
1 22 ARG n 
1 23 PRO n 
1 24 LYS n 
1 25 ASP n 
1 26 SER n 
1 27 MET n 
1 28 ILE n 
1 29 TRP n 
1 30 ASP n 
1 31 CYS n 
1 32 THR n 
1 33 CYS n 
1 34 ILE n 
1 35 GLY n 
1 36 ALA n 
1 37 GLY n 
1 38 ARG n 
1 39 GLY n 
1 40 ARG n 
1 41 ILE n 
1 42 SER n 
1 43 CYS n 
1 44 THR n 
1 45 ILE n 
1 46 ALA n 
1 47 ASN n 
1 48 ARG n 
1 49 CYS n 
1 50 HIS n 
1 51 GLU n 
1 52 GLY n 
1 53 GLY n 
1 54 GLN n 
1 55 SER n 
1 56 TYR n 
1 57 LYS n 
1 58 ILE n 
1 59 GLY n 
1 60 ASP n 
1 61 THR n 
1 62 TRP n 
1 63 ARG n 
1 64 ARG n 
1 65 PRO n 
1 66 HIS n 
1 67 GLU n 
1 68 THR n 
1 69 GLY n 
1 70 GLY n 
1 71 TYR n 
1 72 MET n 
1 73 LEU n 
1 74 GLU n 
1 75 CYS n 
1 76 VAL n 
1 77 CYS n 
1 78 LEU n 
1 79 GLY n 
1 80 ASN n 
1 81 GLY n 
1 82 LYS n 
1 83 GLY n 
1 84 GLU n 
1 85 TRP n 
1 86 THR n 
1 87 CYS n 
1 88 LYS n 
1 89 PRO n 
1 90 ILE n 
# 
_entity_src_gen.entity_id                          1 
_entity_src_gen.pdbx_src_id                        1 
_entity_src_gen.pdbx_alt_source_flag               sample 
_entity_src_gen.pdbx_seq_type                      ? 
_entity_src_gen.pdbx_beg_seq_num                   ? 
_entity_src_gen.pdbx_end_seq_num                   ? 
_entity_src_gen.gene_src_common_name               HUMAN 
_entity_src_gen.gene_src_genus                     ? 
_entity_src_gen.pdbx_gene_src_gene                 ? 
_entity_src_gen.gene_src_species                   ? 
_entity_src_gen.gene_src_strain                    ? 
_entity_src_gen.gene_src_tissue                    ? 
_entity_src_gen.gene_src_tissue_fraction           ? 
_entity_src_gen.gene_src_details                   ? 
_entity_src_gen.pdbx_gene_src_fragment             ? 
_entity_src_gen.pdbx_gene_src_scientific_name      'HOMO SAPIENS' 
_entity_src_gen.pdbx_gene_src_ncbi_taxonomy_id     9606 
_entity_src_gen.pdbx_gene_src_variant              ? 
_entity_src_gen.pdbx_gene_src_cell_line            ? 
_entity_src_gen.pdbx_gene_src_atcc                 ? 
_entity_src_gen.pdbx_gene_src_organ                ? 
_entity_src_gen.pdbx_gene_src_organelle            ? 
_entity_src_gen.pdbx_gene_src_cell                 ? 
_entity_src_gen.pdbx_gene_src_cellular_location    ? 
_entity_src_gen.host_org_common_name               ? 
_entity_src_gen.pdbx_host_org_scientific_name      'PICHIA PASTORIS' 
_entity_src_gen.pdbx_host_org_ncbi_taxonomy_id     4922 
_entity_src_gen.host_org_genus                     ? 
_entity_src_gen.pdbx_host_org_gene                 ? 
_entity_src_gen.pdbx_host_org_organ                ? 
_entity_src_gen.host_org_species                   ? 
_entity_src_gen.pdbx_host_org_tissue               ? 
_entity_src_gen.pdbx_host_org_tissue_fraction      ? 
_entity_src_gen.pdbx_host_org_strain               ? 
_entity_src_gen.pdbx_host_org_variant              ? 
_entity_src_gen.pdbx_host_org_cell_line            ? 
_entity_src_gen.pdbx_host_org_atcc                 ? 
_entity_src_gen.pdbx_host_org_culture_collection   ? 
_entity_src_gen.pdbx_host_org_cell                 ? 
_entity_src_gen.pdbx_host_org_organelle            ? 
_entity_src_gen.pdbx_host_org_cellular_location    ? 
_entity_src_gen.pdbx_host_org_vector_type          ? 
_entity_src_gen.pdbx_host_org_vector               ? 
_entity_src_gen.host_org_details                   ? 
_entity_src_gen.expression_system_id               ? 
_entity_src_gen.plasmid_name                       ? 
_entity_src_gen.plasmid_details                    ? 
_entity_src_gen.pdbx_description                   ? 
# 
loop_
_chem_comp.id 
_chem_comp.type 
_chem_comp.mon_nstd_flag 
_chem_comp.name 
_chem_comp.pdbx_synonyms 
_chem_comp.formula 
_chem_comp.formula_weight 
ALA 'L-peptide linking' y ALANINE         ? 'C3 H7 N O2'     89.093  
ARG 'L-peptide linking' y ARGININE        ? 'C6 H15 N4 O2 1' 175.209 
ASN 'L-peptide linking' y ASPARAGINE      ? 'C4 H8 N2 O3'    132.118 
ASP 'L-peptide linking' y 'ASPARTIC ACID' ? 'C4 H7 N O4'     133.103 
CYS 'L-peptide linking' y CYSTEINE        ? 'C3 H7 N O2 S'   121.158 
GLN 'L-peptide linking' y GLUTAMINE       ? 'C5 H10 N2 O3'   146.144 
GLU 'L-peptide linking' y 'GLUTAMIC ACID' ? 'C5 H9 N O4'     147.129 
GLY 'peptide linking'   y GLYCINE         ? 'C2 H5 N O2'     75.067  
HIS 'L-peptide linking' y HISTIDINE       ? 'C6 H10 N3 O2 1' 156.162 
HOH non-polymer         . WATER           ? 'H2 O'           18.015  
ILE 'L-peptide linking' y ISOLEUCINE      ? 'C6 H13 N O2'    131.173 
LEU 'L-peptide linking' y LEUCINE         ? 'C6 H13 N O2'    131.173 
LYS 'L-peptide linking' y LYSINE          ? 'C6 H15 N2 O2 1' 147.195 
MET 'L-peptide linking' y METHIONINE      ? 'C5 H11 N O2 S'  149.211 
PHE 'L-peptide linking' y PHENYLALANINE   ? 'C9 H11 N O2'    165.189 
PRO 'L-peptide linking' y PROLINE         ? 'C5 H9 N O2'     115.130 
SER 'L-peptide linking' y SERINE          ? 'C3 H7 N O3'     105.093 
SO4 non-polymer         . 'SULFATE ION'   ? 'O4 S -2'        96.063  
THR 'L-peptide linking' y THREONINE       ? 'C4 H9 N O3'     119.119 
TRP 'L-peptide linking' y TRYPTOPHAN      ? 'C11 H12 N2 O2'  204.225 
TYR 'L-peptide linking' y TYROSINE        ? 'C9 H11 N O3'    181.189 
VAL 'L-peptide linking' y VALINE          ? 'C5 H11 N O2'    117.146 
# 
loop_
_pdbx_poly_seq_scheme.asym_id 
_pdbx_poly_seq_scheme.entity_id 
_pdbx_poly_seq_scheme.seq_id 
_pdbx_poly_seq_scheme.mon_id 
_pdbx_poly_seq_scheme.ndb_seq_num 
_pdbx_poly_seq_scheme.pdb_seq_num 
_pdbx_poly_seq_scheme.auth_seq_num 
_pdbx_poly_seq_scheme.pdb_mon_id 
_pdbx_poly_seq_scheme.auth_mon_id 
_pdbx_poly_seq_scheme.pdb_strand_id 
_pdbx_poly_seq_scheme.pdb_ins_code 
_pdbx_poly_seq_scheme.hetero 
A 1 1  ALA 1  62  62  ALA ALA A . n 
A 1 2  GLU 2  63  63  GLU GLU A . n 
A 1 3  GLU 3  64  64  GLU GLU A . n 
A 1 4  THR 4  65  65  THR THR A . n 
A 1 5  CYS 5  66  66  CYS CYS A . n 
A 1 6  PHE 6  67  67  PHE PHE A . n 
A 1 7  ASP 7  68  68  ASP ASP A . n 
A 1 8  LYS 8  69  69  LYS LYS A . n 
A 1 9  TYR 9  70  70  TYR TYR A . n 
A 1 10 THR 10 71  71  THR THR A . n 
A 1 11 GLY 11 72  72  GLY GLY A . n 
A 1 12 ASN 12 73  73  ASN ASN A . n 
A 1 13 THR 13 74  74  THR THR A . n 
A 1 14 TYR 14 75  75  TYR TYR A . n 
A 1 15 ARG 15 76  76  ARG ARG A . n 
A 1 16 VAL 16 77  77  VAL VAL A . n 
A 1 17 GLY 17 78  78  GLY GLY A . n 
A 1 18 ASP 18 79  79  ASP ASP A . n 
A 1 19 THR 19 80  80  THR THR A . n 
A 1 20 TYR 20 81  81  TYR TYR A . n 
A 1 21 GLU 21 82  82  GLU GLU A . n 
A 1 22 ARG 22 83  83  ARG ARG A . n 
A 1 23 PRO 23 84  84  PRO PRO A . n 
A 1 24 LYS 24 85  85  LYS LYS A . n 
A 1 25 ASP 25 86  86  ASP ASP A . n 
A 1 26 SER 26 87  87  SER SER A . n 
A 1 27 MET 27 88  88  MET MET A . n 
A 1 28 ILE 28 89  89  ILE ILE A . n 
A 1 29 TRP 29 90  90  TRP TRP A . n 
A 1 30 ASP 30 91  91  ASP ASP A . n 
A 1 31 CYS 31 92  92  CYS CYS A . n 
A 1 32 THR 32 93  93  THR THR A . n 
A 1 33 CYS 33 94  94  CYS CYS A . n 
A 1 34 ILE 34 95  95  ILE ILE A . n 
A 1 35 GLY 35 96  96  GLY GLY A . n 
A 1 36 ALA 36 97  97  ALA ALA A . n 
A 1 37 GLY 37 98  98  GLY GLY A . n 
A 1 38 ARG 38 99  99  ARG ARG A . n 
A 1 39 GLY 39 100 100 GLY GLY A . n 
A 1 40 ARG 40 101 101 ARG ARG A . n 
A 1 41 ILE 41 102 102 ILE ILE A . n 
A 1 42 SER 42 103 103 SER SER A . n 
A 1 43 CYS 43 104 104 CYS CYS A . n 
A 1 44 THR 44 105 105 THR THR A . n 
A 1 45 ILE 45 106 106 ILE ILE A . n 
A 1 46 ALA 46 107 107 ALA ALA A . n 
A 1 47 ASN 47 108 108 ASN ASN A . n 
A 1 48 ARG 48 109 109 ARG ARG A . n 
A 1 49 CYS 49 110 110 CYS CYS A . n 
A 1 50 HIS 50 111 111 HIS HIS A . n 
A 1 51 GLU 51 112 112 GLU GLU A . n 
A 1 52 GLY 52 113 113 GLY GLY A . n 
A 1 53 GLY 53 114 114 GLY GLY A . n 
A 1 54 GLN 54 115 115 GLN GLN A . n 
A 1 55 SER 55 116 116 SER SER A . n 
A 1 56 TYR 56 117 117 TYR TYR A . n 
A 1 57 LYS 57 118 118 LYS LYS A . n 
A 1 58 ILE 58 119 119 ILE ILE A . n 
A 1 59 GLY 59 120 120 GLY GLY A . n 
A 1 60 ASP 60 121 121 ASP ASP A . n 
A 1 61 THR 61 122 122 THR THR A . n 
A 1 62 TRP 62 123 123 TRP TRP A . n 
A 1 63 ARG 63 124 124 ARG ARG A . n 
A 1 64 ARG 64 125 125 ARG ARG A . n 
A 1 65 PRO 65 126 126 PRO PRO A . n 
A 1 66 HIS 66 127 127 HIS HIS A . n 
A 1 67 GLU 67 128 128 GLU GLU A . n 
A 1 68 THR 68 129 129 THR THR A . n 
A 1 69 GLY 69 130 130 GLY GLY A . n 
A 1 70 GLY 70 131 131 GLY GLY A . n 
A 1 71 TYR 71 132 132 TYR TYR A . n 
A 1 72 MET 72 133 133 MET MET A . n 
A 1 73 LEU 73 134 134 LEU LEU A . n 
A 1 74 GLU 74 135 135 GLU GLU A . n 
A 1 75 CYS 75 136 136 CYS CYS A . n 
A 1 76 VAL 76 137 137 VAL VAL A . n 
A 1 77 CYS 77 138 138 CYS CYS A . n 
A 1 78 LEU 78 139 139 LEU LEU A . n 
A 1 79 GLY 79 140 140 GLY GLY A . n 
A 1 80 ASN 80 141 141 ASN ASN A . n 
A 1 81 GLY 81 142 142 GLY GLY A . n 
A 1 82 LYS 82 143 143 LYS LYS A . n 
A 1 83 GLY 83 144 144 GLY GLY A . n 
A 1 84 GLU 84 145 145 GLU GLU A . n 
A 1 85 TRP 85 146 146 TRP TRP A . n 
A 1 86 THR 86 147 147 THR THR A . n 
A 1 87 CYS 87 148 148 CYS CYS A . n 
A 1 88 LYS 88 149 149 LYS LYS A . n 
A 1 89 PRO 89 150 150 PRO PRO A . n 
A 1 90 ILE 90 151 151 ILE ILE A . n 
# 
loop_
_pdbx_nonpoly_scheme.asym_id 
_pdbx_nonpoly_scheme.entity_id 
_pdbx_nonpoly_scheme.mon_id 
_pdbx_nonpoly_scheme.ndb_seq_num 
_pdbx_nonpoly_scheme.pdb_seq_num 
_pdbx_nonpoly_scheme.auth_seq_num 
_pdbx_nonpoly_scheme.pdb_mon_id 
_pdbx_nonpoly_scheme.auth_mon_id 
_pdbx_nonpoly_scheme.pdb_strand_id 
_pdbx_nonpoly_scheme.pdb_ins_code 
B 2 SO4 1  1152 1152 SO4 SO4 A . 
C 3 HOH 1  2001 2001 HOH HOH A . 
C 3 HOH 2  2002 2002 HOH HOH A . 
C 3 HOH 3  2003 2003 HOH HOH A . 
C 3 HOH 4  2004 2004 HOH HOH A . 
C 3 HOH 5  2005 2005 HOH HOH A . 
C 3 HOH 6  2006 2006 HOH HOH A . 
C 3 HOH 7  2007 2007 HOH HOH A . 
C 3 HOH 8  2008 2008 HOH HOH A . 
C 3 HOH 9  2009 2009 HOH HOH A . 
C 3 HOH 10 2010 2010 HOH HOH A . 
C 3 HOH 11 2011 2011 HOH HOH A . 
C 3 HOH 12 2012 2012 HOH HOH A . 
C 3 HOH 13 2013 2013 HOH HOH A . 
C 3 HOH 14 2014 2014 HOH HOH A . 
C 3 HOH 15 2015 2015 HOH HOH A . 
C 3 HOH 16 2016 2016 HOH HOH A . 
C 3 HOH 17 2017 2017 HOH HOH A . 
C 3 HOH 18 2018 2018 HOH HOH A . 
C 3 HOH 19 2019 2019 HOH HOH A . 
C 3 HOH 20 2020 2020 HOH HOH A . 
C 3 HOH 21 2021 2021 HOH HOH A . 
C 3 HOH 22 2022 2022 HOH HOH A . 
C 3 HOH 23 2023 2023 HOH HOH A . 
C 3 HOH 24 2024 2024 HOH HOH A . 
C 3 HOH 25 2025 2025 HOH HOH A . 
C 3 HOH 26 2026 2026 HOH HOH A . 
C 3 HOH 27 2027 2027 HOH HOH A . 
C 3 HOH 28 2028 2028 HOH HOH A . 
C 3 HOH 29 2029 2029 HOH HOH A . 
C 3 HOH 30 2030 2030 HOH HOH A . 
C 3 HOH 31 2031 2031 HOH HOH A . 
C 3 HOH 32 2032 2032 HOH HOH A . 
C 3 HOH 33 2033 2033 HOH HOH A . 
C 3 HOH 34 2034 2034 HOH HOH A . 
C 3 HOH 35 2035 2035 HOH HOH A . 
C 3 HOH 36 2036 2036 HOH HOH A . 
C 3 HOH 37 2037 2037 HOH HOH A . 
C 3 HOH 38 2038 2038 HOH HOH A . 
C 3 HOH 39 2039 2039 HOH HOH A . 
C 3 HOH 40 2040 2040 HOH HOH A . 
C 3 HOH 41 2041 2041 HOH HOH A . 
C 3 HOH 42 2042 2042 HOH HOH A . 
C 3 HOH 43 2043 2043 HOH HOH A . 
C 3 HOH 44 2044 2044 HOH HOH A . 
C 3 HOH 45 2045 2045 HOH HOH A . 
C 3 HOH 46 2046 2046 HOH HOH A . 
C 3 HOH 47 2047 2047 HOH HOH A . 
C 3 HOH 48 2048 2048 HOH HOH A . 
C 3 HOH 49 2049 2049 HOH HOH A . 
C 3 HOH 50 2050 2050 HOH HOH A . 
C 3 HOH 51 2051 2051 HOH HOH A . 
C 3 HOH 52 2052 2052 HOH HOH A . 
C 3 HOH 53 2053 2053 HOH HOH A . 
C 3 HOH 54 2054 2054 HOH HOH A . 
C 3 HOH 55 2055 2055 HOH HOH A . 
C 3 HOH 56 2056 2056 HOH HOH A . 
C 3 HOH 57 2057 2057 HOH HOH A . 
C 3 HOH 58 2058 2058 HOH HOH A . 
C 3 HOH 59 2059 2059 HOH HOH A . 
C 3 HOH 60 2060 2060 HOH HOH A . 
C 3 HOH 61 2061 2061 HOH HOH A . 
C 3 HOH 62 2062 2062 HOH HOH A . 
C 3 HOH 63 2063 2063 HOH HOH A . 
C 3 HOH 64 2064 2064 HOH HOH A . 
C 3 HOH 65 2065 2065 HOH HOH A . 
C 3 HOH 66 2066 2066 HOH HOH A . 
C 3 HOH 67 2067 2067 HOH HOH A . 
C 3 HOH 68 2068 2068 HOH HOH A . 
C 3 HOH 69 2069 2069 HOH HOH A . 
C 3 HOH 70 2070 2070 HOH HOH A . 
# 
loop_
_software.name 
_software.classification 
_software.version 
_software.citation_id 
_software.pdbx_ordinal 
REFMAC refinement       5.2.0005 ? 1 
MOSFLM 'data reduction' .        ? 2 
SCALA  'data scaling'   .        ? 3 
SHELX  phasing          .        ? 4 
# 
_cell.entry_id           2CG6 
_cell.length_a           37.855 
_cell.length_b           37.855 
_cell.length_c           108.419 
_cell.angle_alpha        90.00 
_cell.angle_beta         90.00 
_cell.angle_gamma        90.00 
_cell.Z_PDB              8 
_cell.pdbx_unique_axis   ? 
# 
_symmetry.entry_id                         2CG6 
_symmetry.space_group_name_H-M             'P 41 21 2' 
_symmetry.pdbx_full_space_group_name_H-M   ? 
_symmetry.cell_setting                     ? 
_symmetry.Int_Tables_number                92 
# 
_exptl.entry_id          2CG6 
_exptl.method            'X-RAY DIFFRACTION' 
_exptl.crystals_number   1 
# 
_exptl_crystal.id                    1 
_exptl_crystal.density_meas          ? 
_exptl_crystal.density_Matthews      1.98 
_exptl_crystal.density_percent_sol   38.01 
_exptl_crystal.description           
;THE PHASES FOR THE STRUCTURE WERE OBTAINED BY COMBINING RIP AND S-SAD PHASES TO 2.1A RESOLUTION. BEFORE BURN RIP DATA SET, AT 1.55A RESOLUTION, IS DEPOSITED HERE.
;
# 
_exptl_crystal_grow.crystal_id      1 
_exptl_crystal_grow.method          ? 
_exptl_crystal_grow.temp            ? 
_exptl_crystal_grow.temp_details    ? 
_exptl_crystal_grow.pH              4.50 
_exptl_crystal_grow.pdbx_pH_range   ? 
_exptl_crystal_grow.pdbx_details    '0.2 M AMMONIUM SULPHATE, 0.1M NA ACETATE PH 4.5, 2% MPD, 5% PEG MME 550' 
# 
_diffrn.id                     1 
_diffrn.ambient_temp           100.0 
_diffrn.ambient_temp_details   ? 
_diffrn.crystal_id             1 
# 
_diffrn_detector.diffrn_id              1 
_diffrn_detector.detector               CCD 
_diffrn_detector.type                   ADSC 
_diffrn_detector.pdbx_collection_date   2004-05-24 
_diffrn_detector.details                
;A ZEISS MIRROR WITH DIMENSIONS OF 800X95X78 MM3. MADE OF MONOCRYSTALLINE SILICON AND COATED WITH 20-50 NM RH. SPECIFICATIONS SAGITTAL RADIUS 77.15. BENDING RADIUS 9KM.
;
# 
_diffrn_radiation.diffrn_id                        1 
_diffrn_radiation.wavelength_id                    1 
_diffrn_radiation.pdbx_monochromatic_or_laue_m_l   M 
_diffrn_radiation.monochromator                    
'KHOZU MONOCHROMATOR WITH A MCLENNON CONTROLLER CONTAINING A LN2 COOLED SI111 CRYSTAL' 
_diffrn_radiation.pdbx_diffrn_protocol             'SINGLE WAVELENGTH' 
_diffrn_radiation.pdbx_scattering_type             x-ray 
# 
_diffrn_radiation_wavelength.id           1 
_diffrn_radiation_wavelength.wavelength   0.9756 
_diffrn_radiation_wavelength.wt           1.0 
# 
_diffrn_source.diffrn_id                   1 
_diffrn_source.source                      SYNCHROTRON 
_diffrn_source.type                        'ESRF BEAMLINE ID14-4' 
_diffrn_source.pdbx_synchrotron_site       ESRF 
_diffrn_source.pdbx_synchrotron_beamline   ID14-4 
_diffrn_source.pdbx_wavelength             0.9756 
_diffrn_source.pdbx_wavelength_list        ? 
# 
_reflns.pdbx_diffrn_id               1 
_reflns.pdbx_ordinal                 1 
_reflns.entry_id                     2CG6 
_reflns.observed_criterion_sigma_I   0.000 
_reflns.observed_criterion_sigma_F   ? 
_reflns.d_resolution_low             35.740 
_reflns.d_resolution_high            1.550 
_reflns.number_obs                   12021 
_reflns.number_all                   ? 
_reflns.percent_possible_obs         98.2 
_reflns.pdbx_Rmerge_I_obs            0.06000 
_reflns.pdbx_Rsym_value              ? 
_reflns.pdbx_netI_over_sigmaI        6.0000 
_reflns.B_iso_Wilson_estimate        24.27 
_reflns.pdbx_redundancy              7.100 
# 
_reflns_shell.pdbx_diffrn_id         1 
_reflns_shell.pdbx_ordinal           1 
_reflns_shell.d_res_high             1.55 
_reflns_shell.d_res_low              1.63 
_reflns_shell.percent_possible_all   93.2 
_reflns_shell.Rmerge_I_obs           0.42000 
_reflns_shell.pdbx_Rsym_value        ? 
_reflns_shell.meanI_over_sigI_obs    1.800 
_reflns_shell.pdbx_redundancy        5.50 
# 
_refine.pdbx_refine_id                           'X-RAY DIFFRACTION' 
_refine.entry_id                                 2CG6 
_refine.pdbx_diffrn_id                           1 
_refine.pdbx_TLS_residual_ADP_flag               ? 
_refine.ls_number_reflns_obs                     11400 
_refine.ls_number_reflns_all                     ? 
_refine.pdbx_ls_sigma_I                          ? 
_refine.pdbx_ls_sigma_F                          ? 
_refine.pdbx_data_cutoff_high_absF               ? 
_refine.pdbx_data_cutoff_low_absF                ? 
_refine.pdbx_data_cutoff_high_rms_absF           ? 
_refine.ls_d_res_low                             35.74 
_refine.ls_d_res_high                            1.55 
_refine.ls_percent_reflns_obs                    98.5 
_refine.ls_R_factor_obs                          0.191 
_refine.ls_R_factor_all                          ? 
_refine.ls_R_factor_R_work                       0.188 
_refine.ls_R_factor_R_free                       0.231 
_refine.ls_R_factor_R_free_error                 ? 
_refine.ls_R_factor_R_free_error_details         ? 
_refine.ls_percent_reflns_R_free                 4.800 
_refine.ls_number_reflns_R_free                  579 
_refine.ls_number_parameters                     ? 
_refine.ls_number_restraints                     ? 
_refine.occupancy_min                            ? 
_refine.occupancy_max                            ? 
_refine.correlation_coeff_Fo_to_Fc               0.959 
_refine.correlation_coeff_Fo_to_Fc_free          0.935 
_refine.B_iso_mean                               25.76 
_refine.aniso_B[1][1]                            0.08000 
_refine.aniso_B[2][2]                            0.08000 
_refine.aniso_B[3][3]                            -0.16000 
_refine.aniso_B[1][2]                            0.00000 
_refine.aniso_B[1][3]                            0.00000 
_refine.aniso_B[2][3]                            0.00000 
_refine.solvent_model_details                    MASK 
_refine.solvent_model_param_ksol                 ? 
_refine.solvent_model_param_bsol                 ? 
_refine.pdbx_solvent_vdw_probe_radii             1.20 
_refine.pdbx_solvent_ion_probe_radii             0.80 
_refine.pdbx_solvent_shrinkage_radii             0.80 
_refine.pdbx_ls_cross_valid_method               THROUGHOUT 
_refine.details                                  'HYDROGENS HAVE BEEN ADDED IN THE RIDING POSITIONS.' 
_refine.pdbx_starting_model                      ? 
_refine.pdbx_method_to_determine_struct          OTHER 
_refine.pdbx_isotropic_thermal_model             ? 
_refine.pdbx_stereochemistry_target_values       'MAXIMUM LIKELIHOOD' 
_refine.pdbx_stereochem_target_val_spec_case     ? 
_refine.pdbx_R_Free_selection_details            RANDOM 
_refine.pdbx_overall_ESU_R                       0.132 
_refine.pdbx_overall_ESU_R_Free                  0.107 
_refine.overall_SU_ML                            0.065 
_refine.pdbx_overall_phase_error                 ? 
_refine.overall_SU_B                             3.631 
_refine.overall_SU_R_Cruickshank_DPI             ? 
_refine.pdbx_overall_SU_R_free_Cruickshank_DPI   ? 
_refine.pdbx_overall_SU_R_Blow_DPI               ? 
_refine.pdbx_overall_SU_R_free_Blow_DPI          ? 
# 
_refine_hist.pdbx_refine_id                   'X-RAY DIFFRACTION' 
_refine_hist.cycle_id                         LAST 
_refine_hist.pdbx_number_atoms_protein        703 
_refine_hist.pdbx_number_atoms_nucleic_acid   0 
_refine_hist.pdbx_number_atoms_ligand         5 
_refine_hist.number_atoms_solvent             70 
_refine_hist.number_atoms_total               778 
_refine_hist.d_res_high                       1.55 
_refine_hist.d_res_low                        35.74 
# 
loop_
_refine_ls_restr.type 
_refine_ls_restr.dev_ideal 
_refine_ls_restr.dev_ideal_target 
_refine_ls_restr.weight 
_refine_ls_restr.number 
_refine_ls_restr.pdbx_refine_id 
_refine_ls_restr.pdbx_restraint_function 
r_bond_refined_d             0.020  0.021  ? 792  'X-RAY DIFFRACTION' ? 
r_bond_other_d               ?      ?      ? ?    'X-RAY DIFFRACTION' ? 
r_angle_refined_deg          1.696  1.938  ? 1077 'X-RAY DIFFRACTION' ? 
r_angle_other_deg            ?      ?      ? ?    'X-RAY DIFFRACTION' ? 
r_dihedral_angle_1_deg       6.651  5.000  ? 101  'X-RAY DIFFRACTION' ? 
r_dihedral_angle_2_deg       27.030 21.316 ? 38   'X-RAY DIFFRACTION' ? 
r_dihedral_angle_3_deg       16.427 15.000 ? 136  'X-RAY DIFFRACTION' ? 
r_dihedral_angle_4_deg       22.363 15.000 ? 11   'X-RAY DIFFRACTION' ? 
r_chiral_restr               0.128  0.200  ? 103  'X-RAY DIFFRACTION' ? 
r_gen_planes_refined         0.010  0.020  ? 628  'X-RAY DIFFRACTION' ? 
r_gen_planes_other           ?      ?      ? ?    'X-RAY DIFFRACTION' ? 
r_nbd_refined                0.227  0.200  ? 313  'X-RAY DIFFRACTION' ? 
r_nbd_other                  ?      ?      ? ?    'X-RAY DIFFRACTION' ? 
r_nbtor_refined              0.301  0.200  ? 533  'X-RAY DIFFRACTION' ? 
r_nbtor_other                ?      ?      ? ?    'X-RAY DIFFRACTION' ? 
r_xyhbond_nbd_refined        0.162  0.200  ? 55   'X-RAY DIFFRACTION' ? 
r_xyhbond_nbd_other          ?      ?      ? ?    'X-RAY DIFFRACTION' ? 
r_metal_ion_refined          ?      ?      ? ?    'X-RAY DIFFRACTION' ? 
r_metal_ion_other            ?      ?      ? ?    'X-RAY DIFFRACTION' ? 
r_symmetry_vdw_refined       0.299  0.200  ? 58   'X-RAY DIFFRACTION' ? 
r_symmetry_vdw_other         ?      ?      ? ?    'X-RAY DIFFRACTION' ? 
r_symmetry_hbond_refined     0.178  0.200  ? 16   'X-RAY DIFFRACTION' ? 
r_symmetry_hbond_other       ?      ?      ? ?    'X-RAY DIFFRACTION' ? 
r_symmetry_metal_ion_refined ?      ?      ? ?    'X-RAY DIFFRACTION' ? 
r_symmetry_metal_ion_other   ?      ?      ? ?    'X-RAY DIFFRACTION' ? 
r_mcbond_it                  2.405  1.500  ? 487  'X-RAY DIFFRACTION' ? 
r_mcbond_other               ?      ?      ? ?    'X-RAY DIFFRACTION' ? 
r_mcangle_it                 3.459  2.000  ? 770  'X-RAY DIFFRACTION' ? 
r_mcangle_other              ?      ?      ? ?    'X-RAY DIFFRACTION' ? 
r_scbond_it                  4.968  3.000  ? 351  'X-RAY DIFFRACTION' ? 
r_scbond_other               ?      ?      ? ?    'X-RAY DIFFRACTION' ? 
r_scangle_it                 6.893  4.500  ? 307  'X-RAY DIFFRACTION' ? 
r_scangle_other              ?      ?      ? ?    'X-RAY DIFFRACTION' ? 
r_long_range_B_refined       ?      ?      ? ?    'X-RAY DIFFRACTION' ? 
r_long_range_B_other         ?      ?      ? ?    'X-RAY DIFFRACTION' ? 
r_rigid_bond_restr           ?      ?      ? ?    'X-RAY DIFFRACTION' ? 
r_sphericity_free            ?      ?      ? ?    'X-RAY DIFFRACTION' ? 
r_sphericity_bonded          ?      ?      ? ?    'X-RAY DIFFRACTION' ? 
# 
_refine_ls_shell.pdbx_refine_id                   'X-RAY DIFFRACTION' 
_refine_ls_shell.pdbx_total_number_of_bins_used   20 
_refine_ls_shell.d_res_high                       1.55 
_refine_ls_shell.d_res_low                        1.59 
_refine_ls_shell.number_reflns_R_work             727 
_refine_ls_shell.R_factor_R_work                  0.2200 
_refine_ls_shell.percent_reflns_obs               ? 
_refine_ls_shell.R_factor_R_free                  0.2960 
_refine_ls_shell.R_factor_R_free_error            ? 
_refine_ls_shell.percent_reflns_R_free            ? 
_refine_ls_shell.number_reflns_R_free             39 
_refine_ls_shell.number_reflns_all                ? 
_refine_ls_shell.R_factor_all                     ? 
# 
_struct.entry_id                  2CG6 
_struct.title                     'Second and third fibronectin type I module pair (crystal form I).' 
_struct.pdbx_model_details        ? 
_struct.pdbx_CASP_flag            ? 
_struct.pdbx_model_type_details   ? 
# 
_struct_keywords.entry_id        2CG6 
_struct_keywords.pdbx_keywords   'SIGNALING PROTEIN' 
_struct_keywords.text            
;CELL ADHESION, GLYCOPROTEIN, HEPARIN-BINDING, SIGNALING PROTEIN, ACUTE PHASE, ALTERNATIVE SPLICING, PHOSPHORYLATION, PYRROLIDONE CARBOXYLIC ACID, SULFATION
;
# 
loop_
_struct_asym.id 
_struct_asym.pdbx_blank_PDB_chainid_flag 
_struct_asym.pdbx_modified 
_struct_asym.entity_id 
_struct_asym.details 
A N N 1 ? 
B N N 2 ? 
C N N 3 ? 
# 
_struct_ref.id                         1 
_struct_ref.db_name                    UNP 
_struct_ref.db_code                    FINC_HUMAN 
_struct_ref.entity_id                  1 
_struct_ref.pdbx_seq_one_letter_code   ? 
_struct_ref.pdbx_align_begin           ? 
_struct_ref.pdbx_db_accession          P02751 
_struct_ref.pdbx_db_isoform            ? 
# 
_struct_ref_seq.align_id                      1 
_struct_ref_seq.ref_id                        1 
_struct_ref_seq.pdbx_PDB_id_code              2CG6 
_struct_ref_seq.pdbx_strand_id                A 
_struct_ref_seq.seq_align_beg                 1 
_struct_ref_seq.pdbx_seq_align_beg_ins_code   ? 
_struct_ref_seq.seq_align_end                 90 
_struct_ref_seq.pdbx_seq_align_end_ins_code   ? 
_struct_ref_seq.pdbx_db_accession             P02751 
_struct_ref_seq.db_align_beg                  93 
_struct_ref_seq.pdbx_db_align_beg_ins_code    ? 
_struct_ref_seq.db_align_end                  182 
_struct_ref_seq.pdbx_db_align_end_ins_code    ? 
_struct_ref_seq.pdbx_auth_seq_align_beg       62 
_struct_ref_seq.pdbx_auth_seq_align_end       151 
# 
_pdbx_struct_assembly.id                   1 
_pdbx_struct_assembly.details              author_and_software_defined_assembly 
_pdbx_struct_assembly.method_details       PQS 
_pdbx_struct_assembly.oligomeric_details   dimeric 
_pdbx_struct_assembly.oligomeric_count     2 
# 
_pdbx_struct_assembly_gen.assembly_id       1 
_pdbx_struct_assembly_gen.oper_expression   1,2 
_pdbx_struct_assembly_gen.asym_id_list      A,B,C 
# 
loop_
_pdbx_struct_oper_list.id 
_pdbx_struct_oper_list.type 
_pdbx_struct_oper_list.name 
_pdbx_struct_oper_list.symmetry_operation 
_pdbx_struct_oper_list.matrix[1][1] 
_pdbx_struct_oper_list.matrix[1][2] 
_pdbx_struct_oper_list.matrix[1][3] 
_pdbx_struct_oper_list.vector[1] 
_pdbx_struct_oper_list.matrix[2][1] 
_pdbx_struct_oper_list.matrix[2][2] 
_pdbx_struct_oper_list.matrix[2][3] 
_pdbx_struct_oper_list.vector[2] 
_pdbx_struct_oper_list.matrix[3][1] 
_pdbx_struct_oper_list.matrix[3][2] 
_pdbx_struct_oper_list.matrix[3][3] 
_pdbx_struct_oper_list.vector[3] 
1 'identity operation'         1_555 x,y,z    1.0000000000  0.0000000000 0.0000000000 0.0000000000 0.0000000000 1.0000000000 0.0000000000 0.0000000000  0.0000000000 0.0000000000 1.0000000000  0.0000000000  
2 'crystal symmetry operation' 7_556 y,x,-z+1 -0.6897354340 0.7170122475 0.1007892262 0.7577607883 0.7170122475 0.6569941247 0.2329209245 -2.5014332864 0.1007892262 0.2329209245 -0.9672586907 15.4624858201 
# 
_struct_biol.id   1 
# 
loop_
_struct_conn.id 
_struct_conn.conn_type_id 
_struct_conn.pdbx_leaving_atom_flag 
_struct_conn.pdbx_PDB_id 
_struct_conn.ptnr1_label_asym_id 
_struct_conn.ptnr1_label_comp_id 
_struct_conn.ptnr1_label_seq_id 
_struct_conn.ptnr1_label_atom_id 
_struct_conn.pdbx_ptnr1_label_alt_id 
_struct_conn.pdbx_ptnr1_PDB_ins_code 
_struct_conn.pdbx_ptnr1_standard_comp_id 
_struct_conn.ptnr1_symmetry 
_struct_conn.ptnr2_label_asym_id 
_struct_conn.ptnr2_label_comp_id 
_struct_conn.ptnr2_label_seq_id 
_struct_conn.ptnr2_label_atom_id 
_struct_conn.pdbx_ptnr2_label_alt_id 
_struct_conn.pdbx_ptnr2_PDB_ins_code 
_struct_conn.ptnr1_auth_asym_id 
_struct_conn.ptnr1_auth_comp_id 
_struct_conn.ptnr1_auth_seq_id 
_struct_conn.ptnr2_auth_asym_id 
_struct_conn.ptnr2_auth_comp_id 
_struct_conn.ptnr2_auth_seq_id 
_struct_conn.ptnr2_symmetry 
_struct_conn.pdbx_ptnr3_label_atom_id 
_struct_conn.pdbx_ptnr3_label_seq_id 
_struct_conn.pdbx_ptnr3_label_comp_id 
_struct_conn.pdbx_ptnr3_label_asym_id 
_struct_conn.pdbx_ptnr3_label_alt_id 
_struct_conn.pdbx_ptnr3_PDB_ins_code 
_struct_conn.details 
_struct_conn.pdbx_dist_value 
_struct_conn.pdbx_value_order 
_struct_conn.pdbx_role 
disulf1 disulf ? ? A CYS 5  SG ? ? ? 1_555 A CYS 33 SG ? ? A CYS 66  A CYS 94  1_555 ? ? ? ? ? ? ? 2.059 ? ? 
disulf2 disulf ? ? A CYS 31 SG ? ? ? 1_555 A CYS 43 SG ? ? A CYS 92  A CYS 104 1_555 ? ? ? ? ? ? ? 2.077 ? ? 
disulf3 disulf ? ? A CYS 49 SG ? ? ? 1_555 A CYS 77 SG ? ? A CYS 110 A CYS 138 1_555 ? ? ? ? ? ? ? 2.074 ? ? 
disulf4 disulf ? ? A CYS 75 SG ? ? ? 1_555 A CYS 87 SG ? ? A CYS 136 A CYS 148 1_555 ? ? ? ? ? ? ? 2.057 ? ? 
# 
_struct_conn_type.id          disulf 
_struct_conn_type.criteria    ? 
_struct_conn_type.reference   ? 
# 
loop_
_pdbx_modification_feature.ordinal 
_pdbx_modification_feature.label_comp_id 
_pdbx_modification_feature.label_asym_id 
_pdbx_modification_feature.label_seq_id 
_pdbx_modification_feature.label_alt_id 
_pdbx_modification_feature.modified_residue_label_comp_id 
_pdbx_modification_feature.modified_residue_label_asym_id 
_pdbx_modification_feature.modified_residue_label_seq_id 
_pdbx_modification_feature.modified_residue_label_alt_id 
_pdbx_modification_feature.auth_comp_id 
_pdbx_modification_feature.auth_asym_id 
_pdbx_modification_feature.auth_seq_id 
_pdbx_modification_feature.PDB_ins_code 
_pdbx_modification_feature.symmetry 
_pdbx_modification_feature.modified_residue_auth_comp_id 
_pdbx_modification_feature.modified_residue_auth_asym_id 
_pdbx_modification_feature.modified_residue_auth_seq_id 
_pdbx_modification_feature.modified_residue_PDB_ins_code 
_pdbx_modification_feature.modified_residue_symmetry 
_pdbx_modification_feature.comp_id_linking_atom 
_pdbx_modification_feature.modified_residue_id_linking_atom 
_pdbx_modification_feature.modified_residue_id 
_pdbx_modification_feature.ref_pcm_id 
_pdbx_modification_feature.ref_comp_id 
_pdbx_modification_feature.type 
_pdbx_modification_feature.category 
1 CYS A 5  ? CYS A 33 ? CYS A 66  ? 1_555 CYS A 94  ? 1_555 SG SG . . . None 'Disulfide bridge' 
2 CYS A 31 ? CYS A 43 ? CYS A 92  ? 1_555 CYS A 104 ? 1_555 SG SG . . . None 'Disulfide bridge' 
3 CYS A 49 ? CYS A 77 ? CYS A 110 ? 1_555 CYS A 138 ? 1_555 SG SG . . . None 'Disulfide bridge' 
4 CYS A 75 ? CYS A 87 ? CYS A 136 ? 1_555 CYS A 148 ? 1_555 SG SG . . . None 'Disulfide bridge' 
# 
loop_
_struct_sheet.id 
_struct_sheet.type 
_struct_sheet.number_strands 
_struct_sheet.details 
AA ? 2 ? 
AB ? 3 ? 
AC ? 2 ? 
AD ? 3 ? 
# 
loop_
_struct_sheet_order.sheet_id 
_struct_sheet_order.range_id_1 
_struct_sheet_order.range_id_2 
_struct_sheet_order.offset 
_struct_sheet_order.sense 
AA 1 2 ? anti-parallel 
AB 1 2 ? anti-parallel 
AB 2 3 ? anti-parallel 
AC 1 2 ? anti-parallel 
AD 1 2 ? anti-parallel 
AD 2 3 ? anti-parallel 
# 
loop_
_struct_sheet_range.sheet_id 
_struct_sheet_range.id 
_struct_sheet_range.beg_label_comp_id 
_struct_sheet_range.beg_label_asym_id 
_struct_sheet_range.beg_label_seq_id 
_struct_sheet_range.pdbx_beg_PDB_ins_code 
_struct_sheet_range.end_label_comp_id 
_struct_sheet_range.end_label_asym_id 
_struct_sheet_range.end_label_seq_id 
_struct_sheet_range.pdbx_end_PDB_ins_code 
_struct_sheet_range.beg_auth_comp_id 
_struct_sheet_range.beg_auth_asym_id 
_struct_sheet_range.beg_auth_seq_id 
_struct_sheet_range.end_auth_comp_id 
_struct_sheet_range.end_auth_asym_id 
_struct_sheet_range.end_auth_seq_id 
AA 1 THR A 4  ? PHE A 6  ? THR A 65  PHE A 67  
AA 2 THR A 13 ? ARG A 15 ? THR A 74  ARG A 76  
AB 1 THR A 19 ? LYS A 24 ? THR A 80  LYS A 85  
AB 2 MET A 27 ? GLY A 35 ? MET A 88  GLY A 96  
AB 3 ARG A 40 ? THR A 44 ? ARG A 101 THR A 105 
AC 1 ARG A 48 ? GLU A 51 ? ARG A 109 GLU A 112 
AC 2 GLN A 54 ? LYS A 57 ? GLN A 115 LYS A 118 
AD 1 THR A 61 ? PRO A 65 ? THR A 122 PRO A 126 
AD 2 MET A 72 ? GLY A 79 ? MET A 133 GLY A 140 
AD 3 GLU A 84 ? PRO A 89 ? GLU A 145 PRO A 150 
# 
loop_
_pdbx_struct_sheet_hbond.sheet_id 
_pdbx_struct_sheet_hbond.range_id_1 
_pdbx_struct_sheet_hbond.range_id_2 
_pdbx_struct_sheet_hbond.range_1_label_atom_id 
_pdbx_struct_sheet_hbond.range_1_label_comp_id 
_pdbx_struct_sheet_hbond.range_1_label_asym_id 
_pdbx_struct_sheet_hbond.range_1_label_seq_id 
_pdbx_struct_sheet_hbond.range_1_PDB_ins_code 
_pdbx_struct_sheet_hbond.range_1_auth_atom_id 
_pdbx_struct_sheet_hbond.range_1_auth_comp_id 
_pdbx_struct_sheet_hbond.range_1_auth_asym_id 
_pdbx_struct_sheet_hbond.range_1_auth_seq_id 
_pdbx_struct_sheet_hbond.range_2_label_atom_id 
_pdbx_struct_sheet_hbond.range_2_label_comp_id 
_pdbx_struct_sheet_hbond.range_2_label_asym_id 
_pdbx_struct_sheet_hbond.range_2_label_seq_id 
_pdbx_struct_sheet_hbond.range_2_PDB_ins_code 
_pdbx_struct_sheet_hbond.range_2_auth_atom_id 
_pdbx_struct_sheet_hbond.range_2_auth_comp_id 
_pdbx_struct_sheet_hbond.range_2_auth_asym_id 
_pdbx_struct_sheet_hbond.range_2_auth_seq_id 
AA 1 2 N CYS A 5  ? N CYS A 66  O TYR A 14 ? O TYR A 75  
AB 1 2 N LYS A 24 ? N LYS A 85  O MET A 27 ? O MET A 88  
AB 2 3 N GLY A 35 ? N GLY A 96  O ARG A 40 ? O ARG A 101 
AC 1 2 N GLU A 51 ? N GLU A 112 O GLN A 54 ? O GLN A 115 
AD 1 2 N ARG A 64 ? N ARG A 125 O LEU A 73 ? O LEU A 134 
AD 2 3 N GLY A 79 ? N GLY A 140 O GLU A 84 ? O GLU A 145 
# 
_struct_site.id                   AC1 
_struct_site.pdbx_evidence_code   Software 
_struct_site.pdbx_auth_asym_id    ? 
_struct_site.pdbx_auth_comp_id    ? 
_struct_site.pdbx_auth_seq_id     ? 
_struct_site.pdbx_auth_ins_code   ? 
_struct_site.pdbx_num_residues    5 
_struct_site.details              'BINDING SITE FOR RESIDUE SO4 A1152' 
# 
loop_
_struct_site_gen.id 
_struct_site_gen.site_id 
_struct_site_gen.pdbx_num_res 
_struct_site_gen.label_comp_id 
_struct_site_gen.label_asym_id 
_struct_site_gen.label_seq_id 
_struct_site_gen.pdbx_auth_ins_code 
_struct_site_gen.auth_comp_id 
_struct_site_gen.auth_asym_id 
_struct_site_gen.auth_seq_id 
_struct_site_gen.label_atom_id 
_struct_site_gen.label_alt_id 
_struct_site_gen.symmetry 
_struct_site_gen.details 
1 AC1 5 ALA A 1  ? ALA A 62   . ? 1_555 ? 
2 AC1 5 ARG A 40 ? ARG A 101  . ? 1_555 ? 
3 AC1 5 THR A 86 ? THR A 147  . ? 1_555 ? 
4 AC1 5 CYS A 87 ? CYS A 148  . ? 1_555 ? 
5 AC1 5 HOH C .  ? HOH A 2070 . ? 1_555 ? 
# 
_pdbx_entry_details.entry_id                   2CG6 
_pdbx_entry_details.compound_details           ? 
_pdbx_entry_details.source_details             ? 
_pdbx_entry_details.nonpolymer_details         ? 
_pdbx_entry_details.sequence_details           ? 
_pdbx_entry_details.has_ligand_of_interest     ? 
_pdbx_entry_details.has_protein_modification   Y 
# 
loop_
_pdbx_validate_rmsd_angle.id 
_pdbx_validate_rmsd_angle.PDB_model_num 
_pdbx_validate_rmsd_angle.auth_atom_id_1 
_pdbx_validate_rmsd_angle.auth_asym_id_1 
_pdbx_validate_rmsd_angle.auth_comp_id_1 
_pdbx_validate_rmsd_angle.auth_seq_id_1 
_pdbx_validate_rmsd_angle.PDB_ins_code_1 
_pdbx_validate_rmsd_angle.label_alt_id_1 
_pdbx_validate_rmsd_angle.auth_atom_id_2 
_pdbx_validate_rmsd_angle.auth_asym_id_2 
_pdbx_validate_rmsd_angle.auth_comp_id_2 
_pdbx_validate_rmsd_angle.auth_seq_id_2 
_pdbx_validate_rmsd_angle.PDB_ins_code_2 
_pdbx_validate_rmsd_angle.label_alt_id_2 
_pdbx_validate_rmsd_angle.auth_atom_id_3 
_pdbx_validate_rmsd_angle.auth_asym_id_3 
_pdbx_validate_rmsd_angle.auth_comp_id_3 
_pdbx_validate_rmsd_angle.auth_seq_id_3 
_pdbx_validate_rmsd_angle.PDB_ins_code_3 
_pdbx_validate_rmsd_angle.label_alt_id_3 
_pdbx_validate_rmsd_angle.angle_value 
_pdbx_validate_rmsd_angle.angle_target_value 
_pdbx_validate_rmsd_angle.angle_deviation 
_pdbx_validate_rmsd_angle.angle_standard_deviation 
_pdbx_validate_rmsd_angle.linker_flag 
1 1 NE A ARG 83  ? ? CZ A ARG 83  ? ? NH1 A ARG 83  ? ? 124.93 120.30 4.63  0.50 N 
2 1 NE A ARG 83  ? ? CZ A ARG 83  ? ? NH2 A ARG 83  ? ? 117.10 120.30 -3.20 0.50 N 
3 1 CB A ASP 121 ? ? CG A ASP 121 ? ? OD2 A ASP 121 ? ? 112.85 118.30 -5.45 0.90 N 
# 
loop_
_pdbx_validate_torsion.id 
_pdbx_validate_torsion.PDB_model_num 
_pdbx_validate_torsion.auth_comp_id 
_pdbx_validate_torsion.auth_asym_id 
_pdbx_validate_torsion.auth_seq_id 
_pdbx_validate_torsion.PDB_ins_code 
_pdbx_validate_torsion.label_alt_id 
_pdbx_validate_torsion.phi 
_pdbx_validate_torsion.psi 
1 1 ARG A 99  ? A -144.83 28.32 
2 1 ARG A 99  ? B -144.07 28.76 
3 1 ASN A 108 ? ? -109.95 60.16 
# 
loop_
_chem_comp_atom.comp_id 
_chem_comp_atom.atom_id 
_chem_comp_atom.type_symbol 
_chem_comp_atom.pdbx_aromatic_flag 
_chem_comp_atom.pdbx_stereo_config 
_chem_comp_atom.pdbx_ordinal 
ALA N    N N N 1   
ALA CA   C N S 2   
ALA C    C N N 3   
ALA O    O N N 4   
ALA CB   C N N 5   
ALA OXT  O N N 6   
ALA H    H N N 7   
ALA H2   H N N 8   
ALA HA   H N N 9   
ALA HB1  H N N 10  
ALA HB2  H N N 11  
ALA HB3  H N N 12  
ALA HXT  H N N 13  
ARG N    N N N 14  
ARG CA   C N S 15  
ARG C    C N N 16  
ARG O    O N N 17  
ARG CB   C N N 18  
ARG CG   C N N 19  
ARG CD   C N N 20  
ARG NE   N N N 21  
ARG CZ   C N N 22  
ARG NH1  N N N 23  
ARG NH2  N N N 24  
ARG OXT  O N N 25  
ARG H    H N N 26  
ARG H2   H N N 27  
ARG HA   H N N 28  
ARG HB2  H N N 29  
ARG HB3  H N N 30  
ARG HG2  H N N 31  
ARG HG3  H N N 32  
ARG HD2  H N N 33  
ARG HD3  H N N 34  
ARG HE   H N N 35  
ARG HH11 H N N 36  
ARG HH12 H N N 37  
ARG HH21 H N N 38  
ARG HH22 H N N 39  
ARG HXT  H N N 40  
ASN N    N N N 41  
ASN CA   C N S 42  
ASN C    C N N 43  
ASN O    O N N 44  
ASN CB   C N N 45  
ASN CG   C N N 46  
ASN OD1  O N N 47  
ASN ND2  N N N 48  
ASN OXT  O N N 49  
ASN H    H N N 50  
ASN H2   H N N 51  
ASN HA   H N N 52  
ASN HB2  H N N 53  
ASN HB3  H N N 54  
ASN HD21 H N N 55  
ASN HD22 H N N 56  
ASN HXT  H N N 57  
ASP N    N N N 58  
ASP CA   C N S 59  
ASP C    C N N 60  
ASP O    O N N 61  
ASP CB   C N N 62  
ASP CG   C N N 63  
ASP OD1  O N N 64  
ASP OD2  O N N 65  
ASP OXT  O N N 66  
ASP H    H N N 67  
ASP H2   H N N 68  
ASP HA   H N N 69  
ASP HB2  H N N 70  
ASP HB3  H N N 71  
ASP HD2  H N N 72  
ASP HXT  H N N 73  
CYS N    N N N 74  
CYS CA   C N R 75  
CYS C    C N N 76  
CYS O    O N N 77  
CYS CB   C N N 78  
CYS SG   S N N 79  
CYS OXT  O N N 80  
CYS H    H N N 81  
CYS H2   H N N 82  
CYS HA   H N N 83  
CYS HB2  H N N 84  
CYS HB3  H N N 85  
CYS HG   H N N 86  
CYS HXT  H N N 87  
GLN N    N N N 88  
GLN CA   C N S 89  
GLN C    C N N 90  
GLN O    O N N 91  
GLN CB   C N N 92  
GLN CG   C N N 93  
GLN CD   C N N 94  
GLN OE1  O N N 95  
GLN NE2  N N N 96  
GLN OXT  O N N 97  
GLN H    H N N 98  
GLN H2   H N N 99  
GLN HA   H N N 100 
GLN HB2  H N N 101 
GLN HB3  H N N 102 
GLN HG2  H N N 103 
GLN HG3  H N N 104 
GLN HE21 H N N 105 
GLN HE22 H N N 106 
GLN HXT  H N N 107 
GLU N    N N N 108 
GLU CA   C N S 109 
GLU C    C N N 110 
GLU O    O N N 111 
GLU CB   C N N 112 
GLU CG   C N N 113 
GLU CD   C N N 114 
GLU OE1  O N N 115 
GLU OE2  O N N 116 
GLU OXT  O N N 117 
GLU H    H N N 118 
GLU H2   H N N 119 
GLU HA   H N N 120 
GLU HB2  H N N 121 
GLU HB3  H N N 122 
GLU HG2  H N N 123 
GLU HG3  H N N 124 
GLU HE2  H N N 125 
GLU HXT  H N N 126 
GLY N    N N N 127 
GLY CA   C N N 128 
GLY C    C N N 129 
GLY O    O N N 130 
GLY OXT  O N N 131 
GLY H    H N N 132 
GLY H2   H N N 133 
GLY HA2  H N N 134 
GLY HA3  H N N 135 
GLY HXT  H N N 136 
HIS N    N N N 137 
HIS CA   C N S 138 
HIS C    C N N 139 
HIS O    O N N 140 
HIS CB   C N N 141 
HIS CG   C Y N 142 
HIS ND1  N Y N 143 
HIS CD2  C Y N 144 
HIS CE1  C Y N 145 
HIS NE2  N Y N 146 
HIS OXT  O N N 147 
HIS H    H N N 148 
HIS H2   H N N 149 
HIS HA   H N N 150 
HIS HB2  H N N 151 
HIS HB3  H N N 152 
HIS HD1  H N N 153 
HIS HD2  H N N 154 
HIS HE1  H N N 155 
HIS HE2  H N N 156 
HIS HXT  H N N 157 
HOH O    O N N 158 
HOH H1   H N N 159 
HOH H2   H N N 160 
ILE N    N N N 161 
ILE CA   C N S 162 
ILE C    C N N 163 
ILE O    O N N 164 
ILE CB   C N S 165 
ILE CG1  C N N 166 
ILE CG2  C N N 167 
ILE CD1  C N N 168 
ILE OXT  O N N 169 
ILE H    H N N 170 
ILE H2   H N N 171 
ILE HA   H N N 172 
ILE HB   H N N 173 
ILE HG12 H N N 174 
ILE HG13 H N N 175 
ILE HG21 H N N 176 
ILE HG22 H N N 177 
ILE HG23 H N N 178 
ILE HD11 H N N 179 
ILE HD12 H N N 180 
ILE HD13 H N N 181 
ILE HXT  H N N 182 
LEU N    N N N 183 
LEU CA   C N S 184 
LEU C    C N N 185 
LEU O    O N N 186 
LEU CB   C N N 187 
LEU CG   C N N 188 
LEU CD1  C N N 189 
LEU CD2  C N N 190 
LEU OXT  O N N 191 
LEU H    H N N 192 
LEU H2   H N N 193 
LEU HA   H N N 194 
LEU HB2  H N N 195 
LEU HB3  H N N 196 
LEU HG   H N N 197 
LEU HD11 H N N 198 
LEU HD12 H N N 199 
LEU HD13 H N N 200 
LEU HD21 H N N 201 
LEU HD22 H N N 202 
LEU HD23 H N N 203 
LEU HXT  H N N 204 
LYS N    N N N 205 
LYS CA   C N S 206 
LYS C    C N N 207 
LYS O    O N N 208 
LYS CB   C N N 209 
LYS CG   C N N 210 
LYS CD   C N N 211 
LYS CE   C N N 212 
LYS NZ   N N N 213 
LYS OXT  O N N 214 
LYS H    H N N 215 
LYS H2   H N N 216 
LYS HA   H N N 217 
LYS HB2  H N N 218 
LYS HB3  H N N 219 
LYS HG2  H N N 220 
LYS HG3  H N N 221 
LYS HD2  H N N 222 
LYS HD3  H N N 223 
LYS HE2  H N N 224 
LYS HE3  H N N 225 
LYS HZ1  H N N 226 
LYS HZ2  H N N 227 
LYS HZ3  H N N 228 
LYS HXT  H N N 229 
MET N    N N N 230 
MET CA   C N S 231 
MET C    C N N 232 
MET O    O N N 233 
MET CB   C N N 234 
MET CG   C N N 235 
MET SD   S N N 236 
MET CE   C N N 237 
MET OXT  O N N 238 
MET H    H N N 239 
MET H2   H N N 240 
MET HA   H N N 241 
MET HB2  H N N 242 
MET HB3  H N N 243 
MET HG2  H N N 244 
MET HG3  H N N 245 
MET HE1  H N N 246 
MET HE2  H N N 247 
MET HE3  H N N 248 
MET HXT  H N N 249 
PHE N    N N N 250 
PHE CA   C N S 251 
PHE C    C N N 252 
PHE O    O N N 253 
PHE CB   C N N 254 
PHE CG   C Y N 255 
PHE CD1  C Y N 256 
PHE CD2  C Y N 257 
PHE CE1  C Y N 258 
PHE CE2  C Y N 259 
PHE CZ   C Y N 260 
PHE OXT  O N N 261 
PHE H    H N N 262 
PHE H2   H N N 263 
PHE HA   H N N 264 
PHE HB2  H N N 265 
PHE HB3  H N N 266 
PHE HD1  H N N 267 
PHE HD2  H N N 268 
PHE HE1  H N N 269 
PHE HE2  H N N 270 
PHE HZ   H N N 271 
PHE HXT  H N N 272 
PRO N    N N N 273 
PRO CA   C N S 274 
PRO C    C N N 275 
PRO O    O N N 276 
PRO CB   C N N 277 
PRO CG   C N N 278 
PRO CD   C N N 279 
PRO OXT  O N N 280 
PRO H    H N N 281 
PRO HA   H N N 282 
PRO HB2  H N N 283 
PRO HB3  H N N 284 
PRO HG2  H N N 285 
PRO HG3  H N N 286 
PRO HD2  H N N 287 
PRO HD3  H N N 288 
PRO HXT  H N N 289 
SER N    N N N 290 
SER CA   C N S 291 
SER C    C N N 292 
SER O    O N N 293 
SER CB   C N N 294 
SER OG   O N N 295 
SER OXT  O N N 296 
SER H    H N N 297 
SER H2   H N N 298 
SER HA   H N N 299 
SER HB2  H N N 300 
SER HB3  H N N 301 
SER HG   H N N 302 
SER HXT  H N N 303 
SO4 S    S N N 304 
SO4 O1   O N N 305 
SO4 O2   O N N 306 
SO4 O3   O N N 307 
SO4 O4   O N N 308 
THR N    N N N 309 
THR CA   C N S 310 
THR C    C N N 311 
THR O    O N N 312 
THR CB   C N R 313 
THR OG1  O N N 314 
THR CG2  C N N 315 
THR OXT  O N N 316 
THR H    H N N 317 
THR H2   H N N 318 
THR HA   H N N 319 
THR HB   H N N 320 
THR HG1  H N N 321 
THR HG21 H N N 322 
THR HG22 H N N 323 
THR HG23 H N N 324 
THR HXT  H N N 325 
TRP N    N N N 326 
TRP CA   C N S 327 
TRP C    C N N 328 
TRP O    O N N 329 
TRP CB   C N N 330 
TRP CG   C Y N 331 
TRP CD1  C Y N 332 
TRP CD2  C Y N 333 
TRP NE1  N Y N 334 
TRP CE2  C Y N 335 
TRP CE3  C Y N 336 
TRP CZ2  C Y N 337 
TRP CZ3  C Y N 338 
TRP CH2  C Y N 339 
TRP OXT  O N N 340 
TRP H    H N N 341 
TRP H2   H N N 342 
TRP HA   H N N 343 
TRP HB2  H N N 344 
TRP HB3  H N N 345 
TRP HD1  H N N 346 
TRP HE1  H N N 347 
TRP HE3  H N N 348 
TRP HZ2  H N N 349 
TRP HZ3  H N N 350 
TRP HH2  H N N 351 
TRP HXT  H N N 352 
TYR N    N N N 353 
TYR CA   C N S 354 
TYR C    C N N 355 
TYR O    O N N 356 
TYR CB   C N N 357 
TYR CG   C Y N 358 
TYR CD1  C Y N 359 
TYR CD2  C Y N 360 
TYR CE1  C Y N 361 
TYR CE2  C Y N 362 
TYR CZ   C Y N 363 
TYR OH   O N N 364 
TYR OXT  O N N 365 
TYR H    H N N 366 
TYR H2   H N N 367 
TYR HA   H N N 368 
TYR HB2  H N N 369 
TYR HB3  H N N 370 
TYR HD1  H N N 371 
TYR HD2  H N N 372 
TYR HE1  H N N 373 
TYR HE2  H N N 374 
TYR HH   H N N 375 
TYR HXT  H N N 376 
VAL N    N N N 377 
VAL CA   C N S 378 
VAL C    C N N 379 
VAL O    O N N 380 
VAL CB   C N N 381 
VAL CG1  C N N 382 
VAL CG2  C N N 383 
VAL OXT  O N N 384 
VAL H    H N N 385 
VAL H2   H N N 386 
VAL HA   H N N 387 
VAL HB   H N N 388 
VAL HG11 H N N 389 
VAL HG12 H N N 390 
VAL HG13 H N N 391 
VAL HG21 H N N 392 
VAL HG22 H N N 393 
VAL HG23 H N N 394 
VAL HXT  H N N 395 
# 
loop_
_chem_comp_bond.comp_id 
_chem_comp_bond.atom_id_1 
_chem_comp_bond.atom_id_2 
_chem_comp_bond.value_order 
_chem_comp_bond.pdbx_aromatic_flag 
_chem_comp_bond.pdbx_stereo_config 
_chem_comp_bond.pdbx_ordinal 
ALA N   CA   sing N N 1   
ALA N   H    sing N N 2   
ALA N   H2   sing N N 3   
ALA CA  C    sing N N 4   
ALA CA  CB   sing N N 5   
ALA CA  HA   sing N N 6   
ALA C   O    doub N N 7   
ALA C   OXT  sing N N 8   
ALA CB  HB1  sing N N 9   
ALA CB  HB2  sing N N 10  
ALA CB  HB3  sing N N 11  
ALA OXT HXT  sing N N 12  
ARG N   CA   sing N N 13  
ARG N   H    sing N N 14  
ARG N   H2   sing N N 15  
ARG CA  C    sing N N 16  
ARG CA  CB   sing N N 17  
ARG CA  HA   sing N N 18  
ARG C   O    doub N N 19  
ARG C   OXT  sing N N 20  
ARG CB  CG   sing N N 21  
ARG CB  HB2  sing N N 22  
ARG CB  HB3  sing N N 23  
ARG CG  CD   sing N N 24  
ARG CG  HG2  sing N N 25  
ARG CG  HG3  sing N N 26  
ARG CD  NE   sing N N 27  
ARG CD  HD2  sing N N 28  
ARG CD  HD3  sing N N 29  
ARG NE  CZ   sing N N 30  
ARG NE  HE   sing N N 31  
ARG CZ  NH1  sing N N 32  
ARG CZ  NH2  doub N N 33  
ARG NH1 HH11 sing N N 34  
ARG NH1 HH12 sing N N 35  
ARG NH2 HH21 sing N N 36  
ARG NH2 HH22 sing N N 37  
ARG OXT HXT  sing N N 38  
ASN N   CA   sing N N 39  
ASN N   H    sing N N 40  
ASN N   H2   sing N N 41  
ASN CA  C    sing N N 42  
ASN CA  CB   sing N N 43  
ASN CA  HA   sing N N 44  
ASN C   O    doub N N 45  
ASN C   OXT  sing N N 46  
ASN CB  CG   sing N N 47  
ASN CB  HB2  sing N N 48  
ASN CB  HB3  sing N N 49  
ASN CG  OD1  doub N N 50  
ASN CG  ND2  sing N N 51  
ASN ND2 HD21 sing N N 52  
ASN ND2 HD22 sing N N 53  
ASN OXT HXT  sing N N 54  
ASP N   CA   sing N N 55  
ASP N   H    sing N N 56  
ASP N   H2   sing N N 57  
ASP CA  C    sing N N 58  
ASP CA  CB   sing N N 59  
ASP CA  HA   sing N N 60  
ASP C   O    doub N N 61  
ASP C   OXT  sing N N 62  
ASP CB  CG   sing N N 63  
ASP CB  HB2  sing N N 64  
ASP CB  HB3  sing N N 65  
ASP CG  OD1  doub N N 66  
ASP CG  OD2  sing N N 67  
ASP OD2 HD2  sing N N 68  
ASP OXT HXT  sing N N 69  
CYS N   CA   sing N N 70  
CYS N   H    sing N N 71  
CYS N   H2   sing N N 72  
CYS CA  C    sing N N 73  
CYS CA  CB   sing N N 74  
CYS CA  HA   sing N N 75  
CYS C   O    doub N N 76  
CYS C   OXT  sing N N 77  
CYS CB  SG   sing N N 78  
CYS CB  HB2  sing N N 79  
CYS CB  HB3  sing N N 80  
CYS SG  HG   sing N N 81  
CYS OXT HXT  sing N N 82  
GLN N   CA   sing N N 83  
GLN N   H    sing N N 84  
GLN N   H2   sing N N 85  
GLN CA  C    sing N N 86  
GLN CA  CB   sing N N 87  
GLN CA  HA   sing N N 88  
GLN C   O    doub N N 89  
GLN C   OXT  sing N N 90  
GLN CB  CG   sing N N 91  
GLN CB  HB2  sing N N 92  
GLN CB  HB3  sing N N 93  
GLN CG  CD   sing N N 94  
GLN CG  HG2  sing N N 95  
GLN CG  HG3  sing N N 96  
GLN CD  OE1  doub N N 97  
GLN CD  NE2  sing N N 98  
GLN NE2 HE21 sing N N 99  
GLN NE2 HE22 sing N N 100 
GLN OXT HXT  sing N N 101 
GLU N   CA   sing N N 102 
GLU N   H    sing N N 103 
GLU N   H2   sing N N 104 
GLU CA  C    sing N N 105 
GLU CA  CB   sing N N 106 
GLU CA  HA   sing N N 107 
GLU C   O    doub N N 108 
GLU C   OXT  sing N N 109 
GLU CB  CG   sing N N 110 
GLU CB  HB2  sing N N 111 
GLU CB  HB3  sing N N 112 
GLU CG  CD   sing N N 113 
GLU CG  HG2  sing N N 114 
GLU CG  HG3  sing N N 115 
GLU CD  OE1  doub N N 116 
GLU CD  OE2  sing N N 117 
GLU OE2 HE2  sing N N 118 
GLU OXT HXT  sing N N 119 
GLY N   CA   sing N N 120 
GLY N   H    sing N N 121 
GLY N   H2   sing N N 122 
GLY CA  C    sing N N 123 
GLY CA  HA2  sing N N 124 
GLY CA  HA3  sing N N 125 
GLY C   O    doub N N 126 
GLY C   OXT  sing N N 127 
GLY OXT HXT  sing N N 128 
HIS N   CA   sing N N 129 
HIS N   H    sing N N 130 
HIS N   H2   sing N N 131 
HIS CA  C    sing N N 132 
HIS CA  CB   sing N N 133 
HIS CA  HA   sing N N 134 
HIS C   O    doub N N 135 
HIS C   OXT  sing N N 136 
HIS CB  CG   sing N N 137 
HIS CB  HB2  sing N N 138 
HIS CB  HB3  sing N N 139 
HIS CG  ND1  sing Y N 140 
HIS CG  CD2  doub Y N 141 
HIS ND1 CE1  doub Y N 142 
HIS ND1 HD1  sing N N 143 
HIS CD2 NE2  sing Y N 144 
HIS CD2 HD2  sing N N 145 
HIS CE1 NE2  sing Y N 146 
HIS CE1 HE1  sing N N 147 
HIS NE2 HE2  sing N N 148 
HIS OXT HXT  sing N N 149 
HOH O   H1   sing N N 150 
HOH O   H2   sing N N 151 
ILE N   CA   sing N N 152 
ILE N   H    sing N N 153 
ILE N   H2   sing N N 154 
ILE CA  C    sing N N 155 
ILE CA  CB   sing N N 156 
ILE CA  HA   sing N N 157 
ILE C   O    doub N N 158 
ILE C   OXT  sing N N 159 
ILE CB  CG1  sing N N 160 
ILE CB  CG2  sing N N 161 
ILE CB  HB   sing N N 162 
ILE CG1 CD1  sing N N 163 
ILE CG1 HG12 sing N N 164 
ILE CG1 HG13 sing N N 165 
ILE CG2 HG21 sing N N 166 
ILE CG2 HG22 sing N N 167 
ILE CG2 HG23 sing N N 168 
ILE CD1 HD11 sing N N 169 
ILE CD1 HD12 sing N N 170 
ILE CD1 HD13 sing N N 171 
ILE OXT HXT  sing N N 172 
LEU N   CA   sing N N 173 
LEU N   H    sing N N 174 
LEU N   H2   sing N N 175 
LEU CA  C    sing N N 176 
LEU CA  CB   sing N N 177 
LEU CA  HA   sing N N 178 
LEU C   O    doub N N 179 
LEU C   OXT  sing N N 180 
LEU CB  CG   sing N N 181 
LEU CB  HB2  sing N N 182 
LEU CB  HB3  sing N N 183 
LEU CG  CD1  sing N N 184 
LEU CG  CD2  sing N N 185 
LEU CG  HG   sing N N 186 
LEU CD1 HD11 sing N N 187 
LEU CD1 HD12 sing N N 188 
LEU CD1 HD13 sing N N 189 
LEU CD2 HD21 sing N N 190 
LEU CD2 HD22 sing N N 191 
LEU CD2 HD23 sing N N 192 
LEU OXT HXT  sing N N 193 
LYS N   CA   sing N N 194 
LYS N   H    sing N N 195 
LYS N   H2   sing N N 196 
LYS CA  C    sing N N 197 
LYS CA  CB   sing N N 198 
LYS CA  HA   sing N N 199 
LYS C   O    doub N N 200 
LYS C   OXT  sing N N 201 
LYS CB  CG   sing N N 202 
LYS CB  HB2  sing N N 203 
LYS CB  HB3  sing N N 204 
LYS CG  CD   sing N N 205 
LYS CG  HG2  sing N N 206 
LYS CG  HG3  sing N N 207 
LYS CD  CE   sing N N 208 
LYS CD  HD2  sing N N 209 
LYS CD  HD3  sing N N 210 
LYS CE  NZ   sing N N 211 
LYS CE  HE2  sing N N 212 
LYS CE  HE3  sing N N 213 
LYS NZ  HZ1  sing N N 214 
LYS NZ  HZ2  sing N N 215 
LYS NZ  HZ3  sing N N 216 
LYS OXT HXT  sing N N 217 
MET N   CA   sing N N 218 
MET N   H    sing N N 219 
MET N   H2   sing N N 220 
MET CA  C    sing N N 221 
MET CA  CB   sing N N 222 
MET CA  HA   sing N N 223 
MET C   O    doub N N 224 
MET C   OXT  sing N N 225 
MET CB  CG   sing N N 226 
MET CB  HB2  sing N N 227 
MET CB  HB3  sing N N 228 
MET CG  SD   sing N N 229 
MET CG  HG2  sing N N 230 
MET CG  HG3  sing N N 231 
MET SD  CE   sing N N 232 
MET CE  HE1  sing N N 233 
MET CE  HE2  sing N N 234 
MET CE  HE3  sing N N 235 
MET OXT HXT  sing N N 236 
PHE N   CA   sing N N 237 
PHE N   H    sing N N 238 
PHE N   H2   sing N N 239 
PHE CA  C    sing N N 240 
PHE CA  CB   sing N N 241 
PHE CA  HA   sing N N 242 
PHE C   O    doub N N 243 
PHE C   OXT  sing N N 244 
PHE CB  CG   sing N N 245 
PHE CB  HB2  sing N N 246 
PHE CB  HB3  sing N N 247 
PHE CG  CD1  doub Y N 248 
PHE CG  CD2  sing Y N 249 
PHE CD1 CE1  sing Y N 250 
PHE CD1 HD1  sing N N 251 
PHE CD2 CE2  doub Y N 252 
PHE CD2 HD2  sing N N 253 
PHE CE1 CZ   doub Y N 254 
PHE CE1 HE1  sing N N 255 
PHE CE2 CZ   sing Y N 256 
PHE CE2 HE2  sing N N 257 
PHE CZ  HZ   sing N N 258 
PHE OXT HXT  sing N N 259 
PRO N   CA   sing N N 260 
PRO N   CD   sing N N 261 
PRO N   H    sing N N 262 
PRO CA  C    sing N N 263 
PRO CA  CB   sing N N 264 
PRO CA  HA   sing N N 265 
PRO C   O    doub N N 266 
PRO C   OXT  sing N N 267 
PRO CB  CG   sing N N 268 
PRO CB  HB2  sing N N 269 
PRO CB  HB3  sing N N 270 
PRO CG  CD   sing N N 271 
PRO CG  HG2  sing N N 272 
PRO CG  HG3  sing N N 273 
PRO CD  HD2  sing N N 274 
PRO CD  HD3  sing N N 275 
PRO OXT HXT  sing N N 276 
SER N   CA   sing N N 277 
SER N   H    sing N N 278 
SER N   H2   sing N N 279 
SER CA  C    sing N N 280 
SER CA  CB   sing N N 281 
SER CA  HA   sing N N 282 
SER C   O    doub N N 283 
SER C   OXT  sing N N 284 
SER CB  OG   sing N N 285 
SER CB  HB2  sing N N 286 
SER CB  HB3  sing N N 287 
SER OG  HG   sing N N 288 
SER OXT HXT  sing N N 289 
SO4 S   O1   doub N N 290 
SO4 S   O2   doub N N 291 
SO4 S   O3   sing N N 292 
SO4 S   O4   sing N N 293 
THR N   CA   sing N N 294 
THR N   H    sing N N 295 
THR N   H2   sing N N 296 
THR CA  C    sing N N 297 
THR CA  CB   sing N N 298 
THR CA  HA   sing N N 299 
THR C   O    doub N N 300 
THR C   OXT  sing N N 301 
THR CB  OG1  sing N N 302 
THR CB  CG2  sing N N 303 
THR CB  HB   sing N N 304 
THR OG1 HG1  sing N N 305 
THR CG2 HG21 sing N N 306 
THR CG2 HG22 sing N N 307 
THR CG2 HG23 sing N N 308 
THR OXT HXT  sing N N 309 
TRP N   CA   sing N N 310 
TRP N   H    sing N N 311 
TRP N   H2   sing N N 312 
TRP CA  C    sing N N 313 
TRP CA  CB   sing N N 314 
TRP CA  HA   sing N N 315 
TRP C   O    doub N N 316 
TRP C   OXT  sing N N 317 
TRP CB  CG   sing N N 318 
TRP CB  HB2  sing N N 319 
TRP CB  HB3  sing N N 320 
TRP CG  CD1  doub Y N 321 
TRP CG  CD2  sing Y N 322 
TRP CD1 NE1  sing Y N 323 
TRP CD1 HD1  sing N N 324 
TRP CD2 CE2  doub Y N 325 
TRP CD2 CE3  sing Y N 326 
TRP NE1 CE2  sing Y N 327 
TRP NE1 HE1  sing N N 328 
TRP CE2 CZ2  sing Y N 329 
TRP CE3 CZ3  doub Y N 330 
TRP CE3 HE3  sing N N 331 
TRP CZ2 CH2  doub Y N 332 
TRP CZ2 HZ2  sing N N 333 
TRP CZ3 CH2  sing Y N 334 
TRP CZ3 HZ3  sing N N 335 
TRP CH2 HH2  sing N N 336 
TRP OXT HXT  sing N N 337 
TYR N   CA   sing N N 338 
TYR N   H    sing N N 339 
TYR N   H2   sing N N 340 
TYR CA  C    sing N N 341 
TYR CA  CB   sing N N 342 
TYR CA  HA   sing N N 343 
TYR C   O    doub N N 344 
TYR C   OXT  sing N N 345 
TYR CB  CG   sing N N 346 
TYR CB  HB2  sing N N 347 
TYR CB  HB3  sing N N 348 
TYR CG  CD1  doub Y N 349 
TYR CG  CD2  sing Y N 350 
TYR CD1 CE1  sing Y N 351 
TYR CD1 HD1  sing N N 352 
TYR CD2 CE2  doub Y N 353 
TYR CD2 HD2  sing N N 354 
TYR CE1 CZ   doub Y N 355 
TYR CE1 HE1  sing N N 356 
TYR CE2 CZ   sing Y N 357 
TYR CE2 HE2  sing N N 358 
TYR CZ  OH   sing N N 359 
TYR OH  HH   sing N N 360 
TYR OXT HXT  sing N N 361 
VAL N   CA   sing N N 362 
VAL N   H    sing N N 363 
VAL N   H2   sing N N 364 
VAL CA  C    sing N N 365 
VAL CA  CB   sing N N 366 
VAL CA  HA   sing N N 367 
VAL C   O    doub N N 368 
VAL C   OXT  sing N N 369 
VAL CB  CG1  sing N N 370 
VAL CB  CG2  sing N N 371 
VAL CB  HB   sing N N 372 
VAL CG1 HG11 sing N N 373 
VAL CG1 HG12 sing N N 374 
VAL CG1 HG13 sing N N 375 
VAL CG2 HG21 sing N N 376 
VAL CG2 HG22 sing N N 377 
VAL CG2 HG23 sing N N 378 
VAL OXT HXT  sing N N 379 
# 
_atom_sites.entry_id                    2CG6 
_atom_sites.fract_transf_matrix[1][1]   0.01896418 
_atom_sites.fract_transf_matrix[1][2]   0.01016129 
_atom_sites.fract_transf_matrix[1][3]   0.01532860 
_atom_sites.fract_transf_matrix[2][1]   -0.00424955 
_atom_sites.fract_transf_matrix[2][2]   0.02384381 
_atom_sites.fract_transf_matrix[2][3]   -0.01054856 
_atom_sites.fract_transf_matrix[3][1]   -0.00624700 
_atom_sites.fract_transf_matrix[3][2]   0.00178293 
_atom_sites.fract_transf_matrix[3][3]   0.00654675 
_atom_sites.fract_transf_vector[1]      0.141637 
_atom_sites.fract_transf_vector[2]      0.367607 
_atom_sites.fract_transf_vector[3]      0.453957 
# 
loop_
_atom_type.symbol 
C 
N 
O 
S 
# 
loop_
_atom_site.group_PDB 
_atom_site.id 
_atom_site.type_symbol 
_atom_site.label_atom_id 
_atom_site.label_alt_id 
_atom_site.label_comp_id 
_atom_site.label_asym_id 
_atom_site.label_entity_id 
_atom_site.label_seq_id 
_atom_site.pdbx_PDB_ins_code 
_atom_site.Cartn_x 
_atom_site.Cartn_y 
_atom_site.Cartn_z 
_atom_site.occupancy 
_atom_site.B_iso_or_equiv 
_atom_site.pdbx_formal_charge 
_atom_site.auth_seq_id 
_atom_site.auth_comp_id 
_atom_site.auth_asym_id 
_atom_site.auth_atom_id 
_atom_site.pdbx_PDB_model_num 
ATOM   1   N N   . ALA A 1 1  ? 26.478  -14.161 -8.153  1.00 19.00 ? 62   ALA A N   1 
ATOM   2   C CA  . ALA A 1 1  ? 25.617  -14.559 -6.978  1.00 18.73 ? 62   ALA A CA  1 
ATOM   3   C C   . ALA A 1 1  ? 25.761  -13.552 -5.848  1.00 18.13 ? 62   ALA A C   1 
ATOM   4   O O   . ALA A 1 1  ? 26.840  -12.955 -5.659  1.00 17.96 ? 62   ALA A O   1 
ATOM   5   C CB  . ALA A 1 1  ? 25.967  -15.911 -6.491  1.00 19.54 ? 62   ALA A CB  1 
ATOM   6   N N   . GLU A 1 2  ? 24.639  -13.297 -5.144  1.00 18.09 ? 63   GLU A N   1 
ATOM   7   C CA  . GLU A 1 2  ? 24.641  -12.515 -3.938  1.00 18.76 ? 63   GLU A CA  1 
ATOM   8   C C   . GLU A 1 2  ? 23.770  -13.204 -2.869  1.00 18.85 ? 63   GLU A C   1 
ATOM   9   O O   . GLU A 1 2  ? 23.038  -14.160 -3.183  1.00 17.75 ? 63   GLU A O   1 
ATOM   10  C CB  . GLU A 1 2  ? 24.010  -11.155 -4.200  1.00 19.66 ? 63   GLU A CB  1 
ATOM   11  C CG  . GLU A 1 2  ? 24.827  -10.336 -5.137  1.00 21.54 ? 63   GLU A CG  1 
ATOM   12  C CD  . GLU A 1 2  ? 24.046  -9.156  -5.744  1.00 28.85 ? 63   GLU A CD  1 
ATOM   13  O OE1 . GLU A 1 2  ? 23.216  -8.531  -5.033  1.00 28.73 ? 63   GLU A OE1 1 
ATOM   14  O OE2 . GLU A 1 2  ? 24.289  -8.841  -6.944  1.00 37.49 ? 63   GLU A OE2 1 
ATOM   15  N N   . GLU A 1 3  ? 23.814  -12.697 -1.630  1.00 19.41 ? 64   GLU A N   1 
ATOM   16  C CA  . GLU A 1 3  ? 22.922  -13.178 -0.574  1.00 19.62 ? 64   GLU A CA  1 
ATOM   17  C C   . GLU A 1 3  ? 21.457  -12.927 -1.006  1.00 18.14 ? 64   GLU A C   1 
ATOM   18  O O   . GLU A 1 3  ? 21.148  -11.959 -1.747  1.00 18.18 ? 64   GLU A O   1 
ATOM   19  C CB  . GLU A 1 3  ? 23.235  -12.472 0.743   1.00 19.37 ? 64   GLU A CB  1 
ATOM   20  C CG  . GLU A 1 3  ? 22.384  -12.886 1.974   1.00 24.73 ? 64   GLU A CG  1 
ATOM   21  C CD  . GLU A 1 3  ? 22.735  -12.093 3.259   1.00 25.56 ? 64   GLU A CD  1 
ATOM   22  O OE1 . GLU A 1 3  ? 23.863  -11.539 3.325   1.00 33.60 ? 64   GLU A OE1 1 
ATOM   23  O OE2 . GLU A 1 3  ? 21.917  -12.038 4.224   1.00 24.86 ? 64   GLU A OE2 1 
ATOM   24  N N   . THR A 1 4  ? 20.573  -13.830 -0.613  1.00 16.13 ? 65   THR A N   1 
ATOM   25  C CA  . THR A 1 4  ? 19.173  -13.730 -1.109  1.00 16.55 ? 65   THR A CA  1 
ATOM   26  C C   . THR A 1 4  ? 18.123  -13.793 -0.021  1.00 15.42 ? 65   THR A C   1 
ATOM   27  O O   . THR A 1 4  ? 18.428  -14.100 1.134   1.00 15.26 ? 65   THR A O   1 
ATOM   28  C CB  . THR A 1 4  ? 18.843  -14.889 -2.065  1.00 17.24 ? 65   THR A CB  1 
ATOM   29  O OG1 . THR A 1 4  ? 19.090  -16.122 -1.384  1.00 16.98 ? 65   THR A OG1 1 
ATOM   30  C CG2 . THR A 1 4  ? 19.701  -14.801 -3.389  1.00 15.61 ? 65   THR A CG2 1 
ATOM   31  N N   . CYS A 1 5  ? 16.899  -13.419 -0.404  1.00 14.88 ? 66   CYS A N   1 
ATOM   32  C CA  . CYS A 1 5  ? 15.693  -13.683 0.382   1.00 14.43 ? 66   CYS A CA  1 
ATOM   33  C C   . CYS A 1 5  ? 14.721  -14.451 -0.480  1.00 15.07 ? 66   CYS A C   1 
ATOM   34  O O   . CYS A 1 5  ? 14.681  -14.295 -1.706  1.00 16.54 ? 66   CYS A O   1 
ATOM   35  C CB  . CYS A 1 5  ? 14.962  -12.367 0.800   1.00 13.99 ? 66   CYS A CB  1 
ATOM   36  S SG  . CYS A 1 5  ? 15.990  -11.150 1.634   1.00 15.40 ? 66   CYS A SG  1 
ATOM   37  N N   . PHE A 1 6  ? 13.899  -15.252 0.167   1.00 14.94 ? 67   PHE A N   1 
ATOM   38  C CA  . PHE A 1 6  ? 12.822  -15.928 -0.570  1.00 14.98 ? 67   PHE A CA  1 
ATOM   39  C C   . PHE A 1 6  ? 11.480  -15.477 -0.020  1.00 14.63 ? 67   PHE A C   1 
ATOM   40  O O   . PHE A 1 6  ? 11.241  -15.583 1.180   1.00 16.59 ? 67   PHE A O   1 
ATOM   41  C CB  . PHE A 1 6  ? 12.903  -17.463 -0.460  1.00 18.22 ? 67   PHE A CB  1 
ATOM   42  C CG  . PHE A 1 6  ? 11.721  -18.145 -1.092  1.00 20.00 ? 67   PHE A CG  1 
ATOM   43  C CD1 . PHE A 1 6  ? 11.613  -18.199 -2.467  1.00 22.91 ? 67   PHE A CD1 1 
ATOM   44  C CD2 . PHE A 1 6  ? 10.678  -18.676 -0.295  1.00 22.93 ? 67   PHE A CD2 1 
ATOM   45  C CE1 . PHE A 1 6  ? 10.501  -18.833 -3.090  1.00 25.93 ? 67   PHE A CE1 1 
ATOM   46  C CE2 . PHE A 1 6  ? 9.542   -19.322 -0.917  1.00 23.10 ? 67   PHE A CE2 1 
ATOM   47  C CZ  . PHE A 1 6  ? 9.480   -19.385 -2.304  1.00 23.42 ? 67   PHE A CZ  1 
ATOM   48  N N   . ASP A 1 7  ? 10.617  -14.974 -0.908  1.00 14.73 ? 68   ASP A N   1 
ATOM   49  C CA  . ASP A 1 7  ? 9.308   -14.426 -0.493  1.00 16.40 ? 68   ASP A CA  1 
ATOM   50  C C   . ASP A 1 7  ? 8.264   -15.488 -0.819  1.00 18.52 ? 68   ASP A C   1 
ATOM   51  O O   . ASP A 1 7  ? 7.953   -15.775 -2.025  1.00 18.61 ? 68   ASP A O   1 
ATOM   52  C CB  . ASP A 1 7  ? 8.985   -13.066 -1.180  1.00 15.95 ? 68   ASP A CB  1 
ATOM   53  C CG  . ASP A 1 7  ? 7.748   -12.400 -0.590  1.00 20.74 ? 68   ASP A CG  1 
ATOM   54  O OD1 . ASP A 1 7  ? 6.658   -13.005 -0.792  1.00 20.88 ? 68   ASP A OD1 1 
ATOM   55  O OD2 . ASP A 1 7  ? 7.871   -11.330 0.118   1.00 19.14 ? 68   ASP A OD2 1 
ATOM   56  N N   . LYS A 1 8  ? 7.718   -16.073 0.256   1.00 21.06 ? 69   LYS A N   1 
ATOM   57  C CA  . LYS A 1 8  ? 6.734   -17.138 0.097   1.00 24.27 ? 69   LYS A CA  1 
ATOM   58  C C   . LYS A 1 8  ? 5.387   -16.679 -0.527  1.00 24.19 ? 69   LYS A C   1 
ATOM   59  O O   . LYS A 1 8  ? 4.655   -17.519 -1.060  1.00 25.62 ? 69   LYS A O   1 
ATOM   60  C CB  . LYS A 1 8  ? 6.489   -17.826 1.453   1.00 24.36 ? 69   LYS A CB  1 
ATOM   61  C CG  . LYS A 1 8  ? 5.752   -16.936 2.503   1.00 24.20 ? 69   LYS A CG  1 
ATOM   62  C CD  . LYS A 1 8  ? 5.868   -17.514 3.975   1.00 28.28 ? 69   LYS A CD  1 
ATOM   63  C CE  . LYS A 1 8  ? 4.722   -18.351 4.385   1.00 37.96 ? 69   LYS A CE  1 
ATOM   64  N NZ  . LYS A 1 8  ? 4.982   -18.947 5.731   1.00 41.48 ? 69   LYS A NZ  1 
ATOM   65  N N   . TYR A 1 9  ? 5.100   -15.365 -0.499  1.00 24.23 ? 70   TYR A N   1 
ATOM   66  C CA  . TYR A 1 9  ? 3.889   -14.811 -1.095  1.00 24.34 ? 70   TYR A CA  1 
ATOM   67  C C   . TYR A 1 9  ? 3.978   -14.469 -2.581  1.00 23.80 ? 70   TYR A C   1 
ATOM   68  O O   . TYR A 1 9  ? 2.955   -14.554 -3.299  1.00 25.48 ? 70   TYR A O   1 
ATOM   69  C CB  . TYR A 1 9  ? 3.358   -13.607 -0.303  1.00 25.13 ? 70   TYR A CB  1 
ATOM   70  C CG  . TYR A 1 9  ? 3.309   -13.867 1.189   1.00 25.42 ? 70   TYR A CG  1 
ATOM   71  C CD1 . TYR A 1 9  ? 4.383   -13.525 2.040   1.00 26.02 ? 70   TYR A CD1 1 
ATOM   72  C CD2 . TYR A 1 9  ? 2.183   -14.470 1.772   1.00 29.39 ? 70   TYR A CD2 1 
ATOM   73  C CE1 . TYR A 1 9  ? 4.326   -13.744 3.456   1.00 29.43 ? 70   TYR A CE1 1 
ATOM   74  C CE2 . TYR A 1 9  ? 2.106   -14.698 3.168   1.00 30.21 ? 70   TYR A CE2 1 
ATOM   75  C CZ  . TYR A 1 9  ? 3.196   -14.352 3.998   1.00 32.20 ? 70   TYR A CZ  1 
ATOM   76  O OH  . TYR A 1 9  ? 3.166   -14.567 5.368   1.00 34.41 ? 70   TYR A OH  1 
ATOM   77  N N   . THR A 1 10 ? 5.141   -13.992 -3.046  1.00 23.05 ? 71   THR A N   1 
ATOM   78  C CA  . THR A 1 10 ? 5.314   -13.766 -4.482  1.00 20.60 ? 71   THR A CA  1 
ATOM   79  C C   . THR A 1 10 ? 5.869   -15.031 -5.167  1.00 22.62 ? 71   THR A C   1 
ATOM   80  O O   . THR A 1 10 ? 5.861   -15.129 -6.411  1.00 24.07 ? 71   THR A O   1 
ATOM   81  C CB  . THR A 1 10 ? 6.324   -12.572 -4.775  1.00 20.27 ? 71   THR A CB  1 
ATOM   82  O OG1 . THR A 1 10 ? 7.630   -12.957 -4.307  1.00 18.81 ? 71   THR A OG1 1 
ATOM   83  C CG2 . THR A 1 10 ? 5.796   -11.249 -4.106  1.00 18.34 ? 71   THR A CG2 1 
ATOM   84  N N   . GLY A 1 11 ? 6.461   -15.927 -4.359  1.00 22.54 ? 72   GLY A N   1 
ATOM   85  C CA  . GLY A 1 11 ? 7.162   -17.090 -4.878  1.00 22.54 ? 72   GLY A CA  1 
ATOM   86  C C   . GLY A 1 11 ? 8.537   -16.838 -5.489  1.00 21.48 ? 72   GLY A C   1 
ATOM   87  O O   . GLY A 1 11 ? 9.122   -17.760 -6.114  1.00 23.52 ? 72   GLY A O   1 
ATOM   88  N N   . ASN A 1 12 ? 9.062   -15.613 -5.353  1.00 20.06 ? 73   ASN A N   1 
ATOM   89  C CA  . ASN A 1 12 ? 10.311  -15.237 -6.050  1.00 19.18 ? 73   ASN A CA  1 
ATOM   90  C C   . ASN A 1 12 ? 11.448  -15.215 -5.059  1.00 18.51 ? 73   ASN A C   1 
ATOM   91  O O   . ASN A 1 12 ? 11.237  -15.032 -3.818  1.00 17.97 ? 73   ASN A O   1 
ATOM   92  C CB  . ASN A 1 12 ? 10.234  -13.817 -6.691  1.00 20.37 ? 73   ASN A CB  1 
ATOM   93  C CG  . ASN A 1 12 ? 9.262   -13.711 -7.871  1.00 22.96 ? 73   ASN A CG  1 
ATOM   94  O OD1 . ASN A 1 12 ? 8.654   -12.613 -8.088  1.00 27.75 ? 73   ASN A OD1 1 
ATOM   95  N ND2 . ASN A 1 12 ? 9.053   -14.797 -8.584  1.00 27.27 ? 73   ASN A ND2 1 
ATOM   96  N N   . THR A 1 13 ? 12.653  -15.408 -5.593  1.00 17.52 ? 74   THR A N   1 
ATOM   97  C CA  . THR A 1 13 ? 13.920  -15.153 -4.848  1.00 17.93 ? 74   THR A CA  1 
ATOM   98  C C   . THR A 1 13 ? 14.458  -13.747 -5.259  1.00 18.16 ? 74   THR A C   1 
ATOM   99  O O   . THR A 1 13 ? 14.410  -13.399 -6.458  1.00 19.93 ? 74   THR A O   1 
ATOM   100 C CB  . THR A 1 13 ? 14.963  -16.271 -5.254  1.00 19.57 ? 74   THR A CB  1 
ATOM   101 O OG1 . THR A 1 13 ? 14.457  -17.535 -4.804  1.00 21.21 ? 74   THR A OG1 1 
ATOM   102 C CG2 . THR A 1 13 ? 16.332  -16.025 -4.607  1.00 20.72 ? 74   THR A CG2 1 
ATOM   103 N N   . TYR A 1 14 ? 14.909  -12.982 -4.274  1.00 15.07 ? 75   TYR A N   1 
ATOM   104 C CA  . TYR A 1 14 ? 15.450  -11.626 -4.442  1.00 14.52 ? 75   TYR A CA  1 
ATOM   105 C C   . TYR A 1 14 ? 16.881  -11.603 -3.963  1.00 15.27 ? 75   TYR A C   1 
ATOM   106 O O   . TYR A 1 14 ? 17.260  -12.416 -3.087  1.00 16.47 ? 75   TYR A O   1 
ATOM   107 C CB  . TYR A 1 14 ? 14.610  -10.605 -3.606  1.00 14.40 ? 75   TYR A CB  1 
ATOM   108 C CG  . TYR A 1 14 ? 13.194  -10.613 -4.045  1.00 13.06 ? 75   TYR A CG  1 
ATOM   109 C CD1 . TYR A 1 14 ? 12.777  -9.859  -5.154  1.00 15.14 ? 75   TYR A CD1 1 
ATOM   110 C CD2 . TYR A 1 14 ? 12.270  -11.457 -3.416  1.00 13.09 ? 75   TYR A CD2 1 
ATOM   111 C CE1 . TYR A 1 14 ? 11.478  -9.932  -5.603  1.00 15.19 ? 75   TYR A CE1 1 
ATOM   112 C CE2 . TYR A 1 14 ? 10.905  -11.516 -3.889  1.00 16.08 ? 75   TYR A CE2 1 
ATOM   113 C CZ  . TYR A 1 14 ? 10.542  -10.751 -4.974  1.00 15.19 ? 75   TYR A CZ  1 
ATOM   114 O OH  . TYR A 1 14 ? 9.226   -10.737 -5.446  1.00 17.12 ? 75   TYR A OH  1 
ATOM   115 N N   A ARG A 1 15 ? 17.697  -10.685 -4.495  0.50 16.05 ? 76   ARG A N   1 
ATOM   116 N N   B ARG A 1 15 ? 17.660  -10.657 -4.505  0.50 15.87 ? 76   ARG A N   1 
ATOM   117 C CA  A ARG A 1 15 ? 19.021  -10.482 -3.913  0.50 16.83 ? 76   ARG A CA  1 
ATOM   118 C CA  B ARG A 1 15 ? 18.995  -10.350 -4.010  0.50 16.85 ? 76   ARG A CA  1 
ATOM   119 C C   A ARG A 1 15 ? 18.977  -9.325  -2.926  0.50 17.36 ? 76   ARG A C   1 
ATOM   120 C C   B ARG A 1 15 ? 18.898  -9.343  -2.858  0.50 17.12 ? 76   ARG A C   1 
ATOM   121 O O   A ARG A 1 15 ? 18.198  -8.372  -3.083  0.50 18.84 ? 76   ARG A O   1 
ATOM   122 O O   B ARG A 1 15 ? 17.988  -8.500  -2.827  0.50 18.53 ? 76   ARG A O   1 
ATOM   123 C CB  A ARG A 1 15 ? 20.075  -10.231 -5.002  0.50 18.18 ? 76   ARG A CB  1 
ATOM   124 C CB  B ARG A 1 15 ? 19.835  -9.748  -5.170  0.50 16.68 ? 76   ARG A CB  1 
ATOM   125 C CG  A ARG A 1 15 ? 20.367  -11.499 -5.776  0.50 19.90 ? 76   ARG A CG  1 
ATOM   126 C CG  B ARG A 1 15 ? 20.154  -10.799 -6.222  0.50 21.15 ? 76   ARG A CG  1 
ATOM   127 C CD  A ARG A 1 15 ? 20.179  -11.241 -7.247  0.50 30.35 ? 76   ARG A CD  1 
ATOM   128 C CD  B ARG A 1 15 ? 19.771  -10.370 -7.651  0.50 28.05 ? 76   ARG A CD  1 
ATOM   129 N NE  A ARG A 1 15 ? 21.072  -10.220 -7.771  0.50 30.81 ? 76   ARG A NE  1 
ATOM   130 N NE  B ARG A 1 15 ? 20.937  -10.161 -8.504  0.50 34.47 ? 76   ARG A NE  1 
ATOM   131 C CZ  A ARG A 1 15 ? 20.681  -9.051  -8.289  0.50 33.93 ? 76   ARG A CZ  1 
ATOM   132 C CZ  B ARG A 1 15 ? 21.856  -11.085 -8.797  0.50 36.89 ? 76   ARG A CZ  1 
ATOM   133 N NH1 A ARG A 1 15 ? 19.385  -8.718  -8.327  0.50 33.63 ? 76   ARG A NH1 1 
ATOM   134 N NH1 B ARG A 1 15 ? 22.857  -10.752 -9.589  0.50 38.29 ? 76   ARG A NH1 1 
ATOM   135 N NH2 A ARG A 1 15 ? 21.599  -8.203  -8.763  0.50 32.39 ? 76   ARG A NH2 1 
ATOM   136 N NH2 B ARG A 1 15 ? 21.799  -12.320 -8.294  0.50 34.85 ? 76   ARG A NH2 1 
ATOM   137 N N   . VAL A 1 16 ? 19.850  -9.385  -1.928  1.00 17.44 ? 77   VAL A N   1 
ATOM   138 C CA  . VAL A 1 16 ? 19.909  -8.354  -0.885  1.00 18.05 ? 77   VAL A CA  1 
ATOM   139 C C   . VAL A 1 16 ? 19.980  -6.974  -1.585  1.00 19.98 ? 77   VAL A C   1 
ATOM   140 O O   . VAL A 1 16 ? 20.693  -6.786  -2.590  1.00 21.29 ? 77   VAL A O   1 
ATOM   141 C CB  . VAL A 1 16 ? 21.106  -8.655  0.076   1.00 18.04 ? 77   VAL A CB  1 
ATOM   142 C CG1 . VAL A 1 16 ? 21.539  -7.395  0.862   1.00 23.08 ? 77   VAL A CG1 1 
ATOM   143 C CG2 . VAL A 1 16 ? 20.726  -9.786  1.040   1.00 17.55 ? 77   VAL A CG2 1 
ATOM   144 N N   . GLY A 1 17 ? 19.196  -6.038  -1.076  1.00 19.27 ? 78   GLY A N   1 
ATOM   145 C CA  . GLY A 1 17 ? 19.113  -4.699  -1.718  1.00 21.10 ? 78   GLY A CA  1 
ATOM   146 C C   . GLY A 1 17 ? 17.936  -4.528  -2.685  1.00 20.88 ? 78   GLY A C   1 
ATOM   147 O O   . GLY A 1 17 ? 17.472  -3.371  -2.931  1.00 22.72 ? 78   GLY A O   1 
ATOM   148 N N   . ASP A 1 18 ? 17.405  -5.643  -3.207  1.00 20.65 ? 79   ASP A N   1 
ATOM   149 C CA  . ASP A 1 18 ? 16.214  -5.565  -4.084  1.00 19.07 ? 79   ASP A CA  1 
ATOM   150 C C   . ASP A 1 18 ? 15.024  -5.046  -3.285  1.00 17.33 ? 79   ASP A C   1 
ATOM   151 O O   . ASP A 1 18 ? 14.833  -5.409  -2.096  1.00 17.17 ? 79   ASP A O   1 
ATOM   152 C CB  . ASP A 1 18 ? 15.795  -6.920  -4.706  1.00 18.44 ? 79   ASP A CB  1 
ATOM   153 C CG  . ASP A 1 18 ? 16.789  -7.456  -5.777  1.00 23.67 ? 79   ASP A CG  1 
ATOM   154 O OD1 . ASP A 1 18 ? 17.752  -6.724  -6.150  1.00 24.33 ? 79   ASP A OD1 1 
ATOM   155 O OD2 . ASP A 1 18 ? 16.587  -8.633  -6.223  1.00 23.50 ? 79   ASP A OD2 1 
ATOM   156 N N   . THR A 1 19 ? 14.202  -4.218  -3.938  1.00 18.04 ? 80   THR A N   1 
ATOM   157 C CA  . THR A 1 19 ? 12.924  -3.841  -3.399  1.00 18.41 ? 80   THR A CA  1 
ATOM   158 C C   . THR A 1 19 ? 11.824  -4.261  -4.399  1.00 17.81 ? 80   THR A C   1 
ATOM   159 O O   . THR A 1 19 ? 12.099  -4.448  -5.630  1.00 19.47 ? 80   THR A O   1 
ATOM   160 C CB  . THR A 1 19 ? 12.822  -2.305  -3.171  1.00 20.32 ? 80   THR A CB  1 
ATOM   161 O OG1 . THR A 1 19 ? 13.244  -1.614  -4.365  1.00 18.89 ? 80   THR A OG1 1 
ATOM   162 C CG2 . THR A 1 19 ? 13.690  -1.879  -2.019  1.00 19.31 ? 80   THR A CG2 1 
ATOM   163 N N   . TYR A 1 20 ? 10.641  -4.564  -3.865  1.00 16.97 ? 81   TYR A N   1 
ATOM   164 C CA  . TYR A 1 20 ? 9.564   -5.096  -4.633  1.00 17.73 ? 81   TYR A CA  1 
ATOM   165 C C   . TYR A 1 20 ? 8.208   -4.885  -4.009  1.00 19.65 ? 81   TYR A C   1 
ATOM   166 O O   . TYR A 1 20 ? 8.088   -4.422  -2.842  1.00 19.85 ? 81   TYR A O   1 
ATOM   167 C CB  . TYR A 1 20 ? 9.782   -6.602  -4.921  1.00 18.23 ? 81   TYR A CB  1 
ATOM   168 C CG  . TYR A 1 20 ? 9.824   -7.467  -3.643  1.00 15.36 ? 81   TYR A CG  1 
ATOM   169 C CD1 . TYR A 1 20 ? 8.714   -8.206  -3.224  1.00 15.91 ? 81   TYR A CD1 1 
ATOM   170 C CD2 . TYR A 1 20 ? 11.041  -7.585  -2.916  1.00 15.51 ? 81   TYR A CD2 1 
ATOM   171 C CE1 . TYR A 1 20 ? 8.784   -8.962  -2.069  1.00 13.95 ? 81   TYR A CE1 1 
ATOM   172 C CE2 . TYR A 1 20 ? 11.141  -8.360  -1.763  1.00 14.68 ? 81   TYR A CE2 1 
ATOM   173 C CZ  . TYR A 1 20 ? 9.998   -9.081  -1.351  1.00 17.27 ? 81   TYR A CZ  1 
ATOM   174 O OH  . TYR A 1 20 ? 10.049  -9.906  -0.247  1.00 17.01 ? 81   TYR A OH  1 
ATOM   175 N N   . GLU A 1 21 ? 7.172   -5.216  -4.767  1.00 19.70 ? 82   GLU A N   1 
ATOM   176 C CA  . GLU A 1 21 ? 5.795   -5.134  -4.249  1.00 21.72 ? 82   GLU A CA  1 
ATOM   177 C C   . GLU A 1 21 ? 5.330   -6.528  -3.953  1.00 22.24 ? 82   GLU A C   1 
ATOM   178 O O   . GLU A 1 21 ? 5.625   -7.466  -4.719  1.00 23.73 ? 82   GLU A O   1 
ATOM   179 C CB  . GLU A 1 21 ? 4.858   -4.475  -5.273  1.00 23.38 ? 82   GLU A CB  1 
ATOM   180 C CG  . GLU A 1 21 ? 5.184   -3.033  -5.346  1.00 26.38 ? 82   GLU A CG  1 
ATOM   181 C CD  . GLU A 1 21 ? 4.133   -2.248  -6.051  1.00 32.33 ? 82   GLU A CD  1 
ATOM   182 O OE1 . GLU A 1 21 ? 3.158   -2.867  -6.547  1.00 35.50 ? 82   GLU A OE1 1 
ATOM   183 O OE2 . GLU A 1 21 ? 4.269   -1.014  -6.089  1.00 35.21 ? 82   GLU A OE2 1 
ATOM   184 N N   . ARG A 1 22 ? 4.687   -6.710  -2.814  1.00 21.79 ? 83   ARG A N   1 
ATOM   185 C CA  . ARG A 1 22 ? 4.157   -8.009  -2.419  1.00 22.67 ? 83   ARG A CA  1 
ATOM   186 C C   . ARG A 1 22 ? 2.633   -7.885  -2.323  1.00 25.94 ? 83   ARG A C   1 
ATOM   187 O O   . ARG A 1 22 ? 2.126   -7.354  -1.338  1.00 25.36 ? 83   ARG A O   1 
ATOM   188 C CB  . ARG A 1 22 ? 4.712   -8.411  -1.032  1.00 22.59 ? 83   ARG A CB  1 
ATOM   189 C CG  . ARG A 1 22 ? 4.110   -9.727  -0.430  1.00 24.97 ? 83   ARG A CG  1 
ATOM   190 C CD  . ARG A 1 22 ? 5.204   -10.426 0.413   1.00 33.16 ? 83   ARG A CD  1 
ATOM   191 N NE  . ARG A 1 22 ? 5.090   -10.080 1.795   1.00 36.52 ? 83   ARG A NE  1 
ATOM   192 C CZ  . ARG A 1 22 ? 5.900   -10.420 2.807   1.00 35.01 ? 83   ARG A CZ  1 
ATOM   193 N NH1 . ARG A 1 22 ? 7.043   -11.067 2.676   1.00 32.61 ? 83   ARG A NH1 1 
ATOM   194 N NH2 . ARG A 1 22 ? 5.543   -10.033 4.021   1.00 35.21 ? 83   ARG A NH2 1 
ATOM   195 N N   . PRO A 1 23 ? 1.894   -8.418  -3.333  1.00 28.40 ? 84   PRO A N   1 
ATOM   196 C CA  . PRO A 1 23 ? 0.438   -8.557  -3.182  1.00 29.38 ? 84   PRO A CA  1 
ATOM   197 C C   . PRO A 1 23 ? 0.151   -9.588  -2.077  1.00 31.39 ? 84   PRO A C   1 
ATOM   198 O O   . PRO A 1 23 ? 0.593   -10.731 -2.141  1.00 33.03 ? 84   PRO A O   1 
ATOM   199 C CB  . PRO A 1 23 ? -0.038  -9.035  -4.579  1.00 30.05 ? 84   PRO A CB  1 
ATOM   200 C CG  . PRO A 1 23 ? 1.224   -8.819  -5.508  1.00 30.62 ? 84   PRO A CG  1 
ATOM   201 C CD  . PRO A 1 23 ? 2.390   -8.953  -4.625  1.00 30.15 ? 84   PRO A CD  1 
ATOM   202 N N   . LYS A 1 24 ? -0.582  -9.187  -1.053  1.00 32.56 ? 85   LYS A N   1 
ATOM   203 C CA  . LYS A 1 24 ? -0.996  -10.150 -0.030  1.00 33.27 ? 85   LYS A CA  1 
ATOM   204 C C   . LYS A 1 24 ? -2.360  -9.722  0.509   1.00 33.98 ? 85   LYS A C   1 
ATOM   205 O O   . LYS A 1 24 ? -2.492  -8.578  0.912   1.00 33.51 ? 85   LYS A O   1 
ATOM   206 C CB  . LYS A 1 24 ? -0.002  -10.136 1.107   1.00 33.64 ? 85   LYS A CB  1 
ATOM   207 C CG  . LYS A 1 24 ? -0.143  -11.239 2.138   1.00 35.14 ? 85   LYS A CG  1 
ATOM   208 C CD  . LYS A 1 24 ? 0.691   -10.848 3.336   1.00 38.62 ? 85   LYS A CD  1 
ATOM   209 C CE  . LYS A 1 24 ? 0.480   -11.706 4.592   1.00 41.80 ? 85   LYS A CE  1 
ATOM   210 N NZ  . LYS A 1 24 ? 1.197   -11.090 5.783   1.00 40.69 ? 85   LYS A NZ  1 
ATOM   211 N N   . ASP A 1 25 ? -3.332  -10.647 0.549   1.00 35.67 ? 86   ASP A N   1 
ATOM   212 C CA  . ASP A 1 25 ? -4.666  -10.403 1.147   1.00 36.95 ? 86   ASP A CA  1 
ATOM   213 C C   . ASP A 1 25 ? -5.312  -9.140  0.587   1.00 36.47 ? 86   ASP A C   1 
ATOM   214 O O   . ASP A 1 25 ? -5.775  -8.287  1.351   1.00 37.73 ? 86   ASP A O   1 
ATOM   215 C CB  . ASP A 1 25 ? -4.595  -10.253 2.663   1.00 36.73 ? 86   ASP A CB  1 
ATOM   216 C CG  . ASP A 1 25 ? -3.973  -11.464 3.354   1.00 40.85 ? 86   ASP A CG  1 
ATOM   217 O OD1 . ASP A 1 25 ? -4.172  -12.596 2.882   1.00 45.32 ? 86   ASP A OD1 1 
ATOM   218 O OD2 . ASP A 1 25 ? -3.308  -11.280 4.394   1.00 45.26 ? 86   ASP A OD2 1 
ATOM   219 N N   . SER A 1 26 ? -5.292  -9.001  -0.739  1.00 37.10 ? 87   SER A N   1 
ATOM   220 C CA  . SER A 1 26 ? -5.798  -7.775  -1.426  1.00 36.80 ? 87   SER A CA  1 
ATOM   221 C C   . SER A 1 26 ? -5.121  -6.447  -1.052  1.00 35.43 ? 87   SER A C   1 
ATOM   222 O O   . SER A 1 26 ? -5.711  -5.353  -1.269  1.00 36.80 ? 87   SER A O   1 
ATOM   223 C CB  . SER A 1 26 ? -7.328  -7.642  -1.303  1.00 37.99 ? 87   SER A CB  1 
ATOM   224 O OG  . SER A 1 26 ? -7.968  -8.755  -1.918  1.00 44.40 ? 87   SER A OG  1 
ATOM   225 N N   A MET A 1 27 ? -3.909  -6.529  -0.496  0.50 33.02 ? 88   MET A N   1 
ATOM   226 N N   B MET A 1 27 ? -3.903  -6.524  -0.499  0.50 33.58 ? 88   MET A N   1 
ATOM   227 C CA  A MET A 1 27 ? -3.116  -5.328  -0.223  0.50 31.05 ? 88   MET A CA  1 
ATOM   228 C CA  B MET A 1 27 ? -3.105  -5.321  -0.194  0.50 32.44 ? 88   MET A CA  1 
ATOM   229 C C   A MET A 1 27 ? -1.914  -5.334  -1.160  0.50 30.00 ? 88   MET A C   1 
ATOM   230 C C   B MET A 1 27 ? -1.798  -5.382  -0.960  0.50 30.55 ? 88   MET A C   1 
ATOM   231 O O   A MET A 1 27 ? -1.712  -6.294  -1.889  0.50 29.60 ? 88   MET A O   1 
ATOM   232 O O   B MET A 1 27 ? -1.363  -6.460  -1.328  0.50 30.85 ? 88   MET A O   1 
ATOM   233 C CB  A MET A 1 27 ? -2.654  -5.278  1.248   0.50 30.23 ? 88   MET A CB  1 
ATOM   234 C CB  B MET A 1 27 ? -2.746  -5.242  1.295   0.50 31.70 ? 88   MET A CB  1 
ATOM   235 C CG  A MET A 1 27 ? -3.812  -5.254  2.245   0.50 31.94 ? 88   MET A CG  1 
ATOM   236 C CG  B MET A 1 27 ? -3.925  -5.304  2.244   0.50 33.96 ? 88   MET A CG  1 
ATOM   237 S SD  A MET A 1 27 ? -3.349  -5.243  3.980   0.50 30.29 ? 88   MET A SD  1 
ATOM   238 S SD  B MET A 1 27 ? -3.466  -6.292  3.664   0.50 35.35 ? 88   MET A SD  1 
ATOM   239 C CE  A MET A 1 27 ? -4.923  -5.775  4.688   0.50 29.24 ? 88   MET A CE  1 
ATOM   240 C CE  B MET A 1 27 ? -2.608  -5.093  4.680   0.50 33.27 ? 88   MET A CE  1 
ATOM   241 N N   . ILE A 1 28 ? -1.174  -4.236  -1.193  1.00 29.07 ? 89   ILE A N   1 
ATOM   242 C CA  . ILE A 1 28 ? 0.182   -4.224  -1.771  1.00 27.17 ? 89   ILE A CA  1 
ATOM   243 C C   . ILE A 1 28 ? 1.153   -3.722  -0.684  1.00 25.20 ? 89   ILE A C   1 
ATOM   244 O O   . ILE A 1 28 ? 1.050   -2.592  -0.224  1.00 25.76 ? 89   ILE A O   1 
ATOM   245 C CB  . ILE A 1 28 ? 0.279   -3.381  -3.089  1.00 27.13 ? 89   ILE A CB  1 
ATOM   246 C CG1 . ILE A 1 28 ? -0.659  -3.898  -4.225  1.00 28.39 ? 89   ILE A CG1 1 
ATOM   247 C CG2 . ILE A 1 28 ? 1.724   -3.326  -3.613  1.00 30.06 ? 89   ILE A CG2 1 
ATOM   248 C CD1 . ILE A 1 28 ? -0.193  -5.188  -4.880  1.00 28.09 ? 89   ILE A CD1 1 
ATOM   249 N N   . TRP A 1 29 ? 2.060   -4.590  -0.227  1.00 21.03 ? 90   TRP A N   1 
ATOM   250 C CA  . TRP A 1 29 ? 3.122   -4.189  0.738   1.00 20.36 ? 90   TRP A CA  1 
ATOM   251 C C   . TRP A 1 29 ? 4.340   -3.832  -0.061  1.00 18.53 ? 90   TRP A C   1 
ATOM   252 O O   . TRP A 1 29 ? 4.658   -4.467  -1.101  1.00 20.57 ? 90   TRP A O   1 
ATOM   253 C CB  . TRP A 1 29 ? 3.514   -5.342  1.690   1.00 21.48 ? 90   TRP A CB  1 
ATOM   254 C CG  . TRP A 1 29 ? 2.378   -5.819  2.616   1.00 23.13 ? 90   TRP A CG  1 
ATOM   255 C CD1 . TRP A 1 29 ? 1.289   -6.548  2.266   1.00 27.70 ? 90   TRP A CD1 1 
ATOM   256 C CD2 . TRP A 1 29 ? 2.299   -5.607  4.013   1.00 27.91 ? 90   TRP A CD2 1 
ATOM   257 N NE1 . TRP A 1 29 ? 0.506   -6.790  3.370   1.00 30.51 ? 90   TRP A NE1 1 
ATOM   258 C CE2 . TRP A 1 29 ? 1.110   -6.222  4.463   1.00 29.08 ? 90   TRP A CE2 1 
ATOM   259 C CE3 . TRP A 1 29 ? 3.083   -4.885  4.933   1.00 27.88 ? 90   TRP A CE3 1 
ATOM   260 C CZ2 . TRP A 1 29 ? 0.692   -6.161  5.812   1.00 30.89 ? 90   TRP A CZ2 1 
ATOM   261 C CZ3 . TRP A 1 29 ? 2.690   -4.854  6.286   1.00 26.80 ? 90   TRP A CZ3 1 
ATOM   262 C CH2 . TRP A 1 29 ? 1.496   -5.465  6.701   1.00 26.79 ? 90   TRP A CH2 1 
ATOM   263 N N   . ASP A 1 30 ? 5.090   -2.884  0.447   1.00 17.49 ? 91   ASP A N   1 
ATOM   264 C CA  . ASP A 1 30 ? 6.314   -2.492  -0.181  1.00 17.30 ? 91   ASP A CA  1 
ATOM   265 C C   . ASP A 1 30 ? 7.475   -3.110  0.601   1.00 16.58 ? 91   ASP A C   1 
ATOM   266 O O   . ASP A 1 30 ? 7.693   -2.804  1.782   1.00 16.63 ? 91   ASP A O   1 
ATOM   267 C CB  . ASP A 1 30 ? 6.407   -0.978  -0.137  1.00 17.97 ? 91   ASP A CB  1 
ATOM   268 C CG  . ASP A 1 30 ? 5.206   -0.294  -0.938  1.00 23.24 ? 91   ASP A CG  1 
ATOM   269 O OD1 . ASP A 1 30 ? 4.736   -0.822  -1.957  1.00 29.06 ? 91   ASP A OD1 1 
ATOM   270 O OD2 . ASP A 1 30 ? 4.699   0.739   -0.502  1.00 33.37 ? 91   ASP A OD2 1 
ATOM   271 N N   . CYS A 1 31 ? 8.187   -4.010  -0.067  1.00 16.24 ? 92   CYS A N   1 
ATOM   272 C CA  . CYS A 1 31 ? 9.227   -4.802  0.631   1.00 15.86 ? 92   CYS A CA  1 
ATOM   273 C C   . CYS A 1 31 ? 10.667  -4.584  0.155   1.00 16.55 ? 92   CYS A C   1 
ATOM   274 O O   . CYS A 1 31 ? 10.903  -4.137  -0.979  1.00 17.22 ? 92   CYS A O   1 
ATOM   275 C CB  . CYS A 1 31 ? 8.909   -6.294  0.549   1.00 17.01 ? 92   CYS A CB  1 
ATOM   276 S SG  . CYS A 1 31 ? 7.227   -6.714  1.200   1.00 19.19 ? 92   CYS A SG  1 
ATOM   277 N N   . THR A 1 32 ? 11.608  -4.929  1.040   1.00 16.35 ? 93   THR A N   1 
ATOM   278 C CA  . THR A 1 32 ? 13.032  -4.858  0.749   1.00 16.43 ? 93   THR A CA  1 
ATOM   279 C C   . THR A 1 32 ? 13.672  -6.161  1.255   1.00 15.13 ? 93   THR A C   1 
ATOM   280 O O   . THR A 1 32 ? 13.438  -6.562  2.400   1.00 15.27 ? 93   THR A O   1 
ATOM   281 C CB  . THR A 1 32 ? 13.708  -3.666  1.516   1.00 17.67 ? 93   THR A CB  1 
ATOM   282 O OG1 . THR A 1 32 ? 13.084  -2.444  1.163   1.00 19.93 ? 93   THR A OG1 1 
ATOM   283 C CG2 . THR A 1 32 ? 15.193  -3.570  1.279   1.00 18.54 ? 93   THR A CG2 1 
ATOM   284 N N   . CYS A 1 33 ? 14.470  -6.799  0.389   1.00 15.69 ? 94   CYS A N   1 
ATOM   285 C CA  . CYS A 1 33 ? 15.334  -7.904  0.836   1.00 16.24 ? 94   CYS A CA  1 
ATOM   286 C C   . CYS A 1 33 ? 16.514  -7.324  1.621   1.00 16.96 ? 94   CYS A C   1 
ATOM   287 O O   . CYS A 1 33 ? 17.438  -6.761  1.004   1.00 16.89 ? 94   CYS A O   1 
ATOM   288 C CB  . CYS A 1 33 ? 15.772  -8.800  -0.367  1.00 15.69 ? 94   CYS A CB  1 
ATOM   289 S SG  . CYS A 1 33 ? 16.895  -10.127 0.093   1.00 16.17 ? 94   CYS A SG  1 
ATOM   290 N N   . ILE A 1 34 ? 16.462  -7.428  2.974   1.00 17.88 ? 95   ILE A N   1 
ATOM   291 C CA  . ILE A 1 34 ? 17.547  -6.981  3.861   1.00 21.26 ? 95   ILE A CA  1 
ATOM   292 C C   . ILE A 1 34 ? 18.674  -7.999  4.033   1.00 21.00 ? 95   ILE A C   1 
ATOM   293 O O   . ILE A 1 34 ? 19.856  -7.621  4.154   1.00 23.52 ? 95   ILE A O   1 
ATOM   294 C CB  . ILE A 1 34 ? 16.935  -6.665  5.289   1.00 20.87 ? 95   ILE A CB  1 
ATOM   295 C CG1 . ILE A 1 34 ? 15.897  -5.554  5.187   1.00 25.49 ? 95   ILE A CG1 1 
ATOM   296 C CG2 . ILE A 1 34 ? 18.004  -6.329  6.382   1.00 22.66 ? 95   ILE A CG2 1 
ATOM   297 C CD1 . ILE A 1 34 ? 16.496  -4.201  4.783   1.00 25.75 ? 95   ILE A CD1 1 
ATOM   298 N N   . GLY A 1 35 ? 18.292  -9.270  4.168   1.00 20.98 ? 96   GLY A N   1 
ATOM   299 C CA  . GLY A 1 35 ? 19.273  -10.369 4.340   1.00 20.97 ? 96   GLY A CA  1 
ATOM   300 C C   . GLY A 1 35 ? 19.620  -10.513 5.818   1.00 20.54 ? 96   GLY A C   1 
ATOM   301 O O   . GLY A 1 35 ? 19.010  -11.320 6.521   1.00 19.90 ? 96   GLY A O   1 
ATOM   302 N N   . ALA A 1 36 ? 20.563  -9.702  6.301   1.00 22.21 ? 97   ALA A N   1 
ATOM   303 C CA  . ALA A 1 36 ? 20.995  -9.733  7.713   1.00 22.30 ? 97   ALA A CA  1 
ATOM   304 C C   . ALA A 1 36 ? 21.441  -11.102 8.147   1.00 25.34 ? 97   ALA A C   1 
ATOM   305 O O   . ALA A 1 36 ? 21.246  -11.519 9.321   1.00 25.78 ? 97   ALA A O   1 
ATOM   306 C CB  . ALA A 1 36 ? 19.847  -9.179  8.628   1.00 22.12 ? 97   ALA A CB  1 
ATOM   307 N N   . GLY A 1 37 ? 22.001  -11.785 7.146   1.00 25.24 ? 98   GLY A N   1 
ATOM   308 C CA  . GLY A 1 37 ? 22.543  -13.156 7.203   1.00 27.72 ? 98   GLY A CA  1 
ATOM   309 C C   . GLY A 1 37 ? 21.542  -14.295 7.170   1.00 27.94 ? 98   GLY A C   1 
ATOM   310 O O   . GLY A 1 37 ? 21.931  -15.484 7.217   1.00 29.57 ? 98   GLY A O   1 
ATOM   311 N N   A ARG A 1 38 ? 20.259  -13.941 7.091   0.50 27.30 ? 99   ARG A N   1 
ATOM   312 N N   B ARG A 1 38 ? 20.249  -13.970 7.114   0.50 27.27 ? 99   ARG A N   1 
ATOM   313 C CA  A ARG A 1 38 ? 19.184  -14.893 7.330   0.50 26.87 ? 99   ARG A CA  1 
ATOM   314 C CA  B ARG A 1 38 ? 19.207  -14.999 7.227   0.50 27.09 ? 99   ARG A CA  1 
ATOM   315 C C   A ARG A 1 38 ? 17.941  -14.654 6.434   0.50 24.37 ? 99   ARG A C   1 
ATOM   316 C C   B ARG A 1 38 ? 17.962  -14.762 6.360   0.50 24.51 ? 99   ARG A C   1 
ATOM   317 O O   A ARG A 1 38 ? 16.825  -14.963 6.838   0.50 24.42 ? 99   ARG A O   1 
ATOM   318 O O   B ARG A 1 38 ? 16.866  -15.183 6.698   0.50 25.07 ? 99   ARG A O   1 
ATOM   319 C CB  A ARG A 1 38 ? 18.797  -14.853 8.818   0.50 27.53 ? 99   ARG A CB  1 
ATOM   320 C CB  B ARG A 1 38 ? 18.785  -15.157 8.682   0.50 27.36 ? 99   ARG A CB  1 
ATOM   321 C CG  A ARG A 1 38 ? 20.027  -14.992 9.810   0.50 29.63 ? 99   ARG A CG  1 
ATOM   322 C CG  B ARG A 1 38 ? 19.919  -15.694 9.568   0.50 31.49 ? 99   ARG A CG  1 
ATOM   323 C CD  A ARG A 1 38 ? 20.829  -16.325 9.624   0.50 31.42 ? 99   ARG A CD  1 
ATOM   324 C CD  B ARG A 1 38 ? 19.394  -16.572 10.671  0.50 34.42 ? 99   ARG A CD  1 
ATOM   325 N NE  A ARG A 1 38 ? 21.975  -16.380 10.543  0.50 32.42 ? 99   ARG A NE  1 
ATOM   326 N NE  B ARG A 1 38 ? 19.586  -17.984 10.361  0.50 36.71 ? 99   ARG A NE  1 
ATOM   327 C CZ  A ARG A 1 38 ? 23.264  -16.271 10.208  0.50 34.07 ? 99   ARG A CZ  1 
ATOM   328 C CZ  B ARG A 1 38 ? 18.699  -18.928 10.649  0.50 33.16 ? 99   ARG A CZ  1 
ATOM   329 N NH1 A ARG A 1 38 ? 23.670  -16.136 8.945   0.50 29.88 ? 99   ARG A NH1 1 
ATOM   330 N NH1 B ARG A 1 38 ? 17.552  -18.618 11.240  0.50 33.42 ? 99   ARG A NH1 1 
ATOM   331 N NH2 A ARG A 1 38 ? 24.176  -16.323 11.170  0.50 38.54 ? 99   ARG A NH2 1 
ATOM   332 N NH2 B ARG A 1 38 ? 18.957  -20.168 10.330  0.50 31.53 ? 99   ARG A NH2 1 
ATOM   333 N N   . GLY A 1 39 ? 18.136  -14.093 5.249   1.00 23.65 ? 100  GLY A N   1 
ATOM   334 C CA  . GLY A 1 39 ? 17.018  -13.950 4.265   1.00 22.37 ? 100  GLY A CA  1 
ATOM   335 C C   . GLY A 1 39 ? 15.905  -13.061 4.750   1.00 20.52 ? 100  GLY A C   1 
ATOM   336 O O   . GLY A 1 39 ? 14.770  -13.170 4.254   1.00 21.72 ? 100  GLY A O   1 
ATOM   337 N N   A ARG A 1 40 ? 16.237  -12.132 5.647   0.50 20.02 ? 101  ARG A N   1 
ATOM   338 N N   B ARG A 1 40 ? 16.230  -12.146 5.665   0.50 20.22 ? 101  ARG A N   1 
ATOM   339 C CA  A ARG A 1 40 ? 15.226  -11.282 6.267   0.50 18.43 ? 101  ARG A CA  1 
ATOM   340 C CA  B ARG A 1 40 ? 15.226  -11.279 6.278   0.50 18.92 ? 101  ARG A CA  1 
ATOM   341 C C   A ARG A 1 40 ? 14.665  -10.212 5.324   0.50 17.81 ? 101  ARG A C   1 
ATOM   342 C C   B ARG A 1 40 ? 14.665  -10.227 5.314   0.50 18.03 ? 101  ARG A C   1 
ATOM   343 O O   A ARG A 1 40 ? 15.402  -9.479  4.637   0.50 17.17 ? 101  ARG A O   1 
ATOM   344 O O   B ARG A 1 40 ? 15.403  -9.518  4.600   0.50 17.33 ? 101  ARG A O   1 
ATOM   345 C CB  A ARG A 1 40 ? 15.714  -10.672 7.606   0.50 18.55 ? 101  ARG A CB  1 
ATOM   346 C CB  B ARG A 1 40 ? 15.735  -10.636 7.592   0.50 19.40 ? 101  ARG A CB  1 
ATOM   347 C CG  A ARG A 1 40 ? 16.152  -11.749 8.695   0.50 19.45 ? 101  ARG A CG  1 
ATOM   348 C CG  B ARG A 1 40 ? 16.012  -11.683 8.747   0.50 22.29 ? 101  ARG A CG  1 
ATOM   349 C CD  A ARG A 1 40 ? 15.264  -13.003 8.697   0.50 20.06 ? 101  ARG A CD  1 
ATOM   350 C CD  B ARG A 1 40 ? 14.712  -12.149 9.412   0.50 29.45 ? 101  ARG A CD  1 
ATOM   351 N NE  A ARG A 1 40 ? 13.856  -12.680 8.927   0.50 26.18 ? 101  ARG A NE  1 
ATOM   352 N NE  B ARG A 1 40 ? 14.790  -13.412 10.172  0.50 33.77 ? 101  ARG A NE  1 
ATOM   353 C CZ  A ARG A 1 40 ? 13.226  -12.789 10.095  0.50 26.03 ? 101  ARG A CZ  1 
ATOM   354 C CZ  B ARG A 1 40 ? 15.898  -14.092 10.473  0.50 37.19 ? 101  ARG A CZ  1 
ATOM   355 N NH1 A ARG A 1 40 ? 13.870  -13.229 11.171  0.50 29.81 ? 101  ARG A NH1 1 
ATOM   356 N NH1 B ARG A 1 40 ? 15.790  -15.228 11.158  0.50 38.74 ? 101  ARG A NH1 1 
ATOM   357 N NH2 A ARG A 1 40 ? 11.947  -12.453 10.179  0.50 25.68 ? 101  ARG A NH2 1 
ATOM   358 N NH2 B ARG A 1 40 ? 17.107  -13.663 10.104  0.50 39.17 ? 101  ARG A NH2 1 
ATOM   359 N N   . ILE A 1 41 ? 13.341  -10.149 5.325   1.00 17.71 ? 102  ILE A N   1 
ATOM   360 C CA  . ILE A 1 41 ? 12.596  -9.211  4.517   1.00 15.32 ? 102  ILE A CA  1 
ATOM   361 C C   . ILE A 1 41 ? 11.959  -8.174  5.389   1.00 15.45 ? 102  ILE A C   1 
ATOM   362 O O   . ILE A 1 41 ? 11.415  -8.505  6.453   1.00 16.86 ? 102  ILE A O   1 
ATOM   363 C CB  . ILE A 1 41 ? 11.520  -10.016 3.717   1.00 14.15 ? 102  ILE A CB  1 
ATOM   364 C CG1 . ILE A 1 41 ? 12.214  -11.067 2.828   1.00 17.47 ? 102  ILE A CG1 1 
ATOM   365 C CG2 . ILE A 1 41 ? 10.551  -9.088  2.888   1.00 15.90 ? 102  ILE A CG2 1 
ATOM   366 C CD1 . ILE A 1 41 ? 11.249  -12.076 2.261   1.00 19.11 ? 102  ILE A CD1 1 
ATOM   367 N N   . SER A 1 42 ? 11.950  -6.903  4.922   1.00 15.57 ? 103  SER A N   1 
ATOM   368 C CA  . SER A 1 42 ? 11.320  -5.785  5.671   1.00 15.77 ? 103  SER A CA  1 
ATOM   369 C C   . SER A 1 42 ? 10.192  -5.275  4.757   1.00 17.40 ? 103  SER A C   1 
ATOM   370 O O   . SER A 1 42 ? 10.432  -4.883  3.621   1.00 18.79 ? 103  SER A O   1 
ATOM   371 C CB  . SER A 1 42 ? 12.356  -4.694  5.892   1.00 17.48 ? 103  SER A CB  1 
ATOM   372 O OG  . SER A 1 42 ? 11.744  -3.476  6.298   1.00 22.23 ? 103  SER A OG  1 
ATOM   373 N N   . CYS A 1 43 ? 8.991   -5.176  5.285   1.00 16.53 ? 104  CYS A N   1 
ATOM   374 C CA  . CYS A 1 43 ? 7.838   -4.677  4.496   1.00 18.34 ? 104  CYS A CA  1 
ATOM   375 C C   . CYS A 1 43 ? 7.106   -3.597  5.234   1.00 19.55 ? 104  CYS A C   1 
ATOM   376 O O   . CYS A 1 43 ? 6.937   -3.678  6.459   1.00 19.57 ? 104  CYS A O   1 
ATOM   377 C CB  . CYS A 1 43 ? 6.830   -5.777  4.174   1.00 18.77 ? 104  CYS A CB  1 
ATOM   378 S SG  . CYS A 1 43 ? 7.501   -7.193  3.202   1.00 20.16 ? 104  CYS A SG  1 
ATOM   379 N N   A THR A 1 44 ? 6.648   -2.602  4.482   0.50 19.86 ? 105  THR A N   1 
ATOM   380 N N   B THR A 1 44 ? 6.692   -2.578  4.479   0.50 19.73 ? 105  THR A N   1 
ATOM   381 C CA  A THR A 1 44 ? 5.851   -1.514  5.050   0.50 21.03 ? 105  THR A CA  1 
ATOM   382 C CA  B THR A 1 44 ? 5.891   -1.472  5.014   0.50 20.82 ? 105  THR A CA  1 
ATOM   383 C C   A THR A 1 44 ? 4.511   -1.480  4.336   0.50 21.48 ? 105  THR A C   1 
ATOM   384 C C   B THR A 1 44 ? 4.512   -1.517  4.348   0.50 21.36 ? 105  THR A C   1 
ATOM   385 O O   A THR A 1 44 ? 4.398   -1.834  3.150   0.50 21.46 ? 105  THR A O   1 
ATOM   386 O O   B THR A 1 44 ? 4.374   -1.968  3.197   0.50 21.31 ? 105  THR A O   1 
ATOM   387 C CB  A THR A 1 44 ? 6.614   -0.160  4.915   0.50 20.48 ? 105  THR A CB  1 
ATOM   388 C CB  B THR A 1 44 ? 6.586   -0.087  4.743   0.50 20.01 ? 105  THR A CB  1 
ATOM   389 O OG1 A THR A 1 44 ? 5.812   0.938   5.375   0.50 20.25 ? 105  THR A OG1 1 
ATOM   390 O OG1 B THR A 1 44 ? 6.411   0.303   3.373   0.50 22.59 ? 105  THR A OG1 1 
ATOM   391 C CG2 A THR A 1 44 ? 7.060   0.093   3.485   0.50 20.83 ? 105  THR A CG2 1 
ATOM   392 C CG2 B THR A 1 44 ? 8.118   -0.110  5.082   0.50 16.51 ? 105  THR A CG2 1 
ATOM   393 N N   . ILE A 1 45 ? 3.471   -1.058  5.045   1.00 23.66 ? 106  ILE A N   1 
ATOM   394 C CA  . ILE A 1 45 ? 2.232   -0.847  4.351   1.00 25.55 ? 106  ILE A CA  1 
ATOM   395 C C   . ILE A 1 45 ? 1.779   0.612   4.418   1.00 26.86 ? 106  ILE A C   1 
ATOM   396 O O   . ILE A 1 45 ? 2.020   1.308   5.368   1.00 24.81 ? 106  ILE A O   1 
ATOM   397 C CB  . ILE A 1 45 ? 1.184   -1.831  4.806   1.00 29.34 ? 106  ILE A CB  1 
ATOM   398 C CG1 . ILE A 1 45 ? -0.128  -1.743  3.980   1.00 28.43 ? 106  ILE A CG1 1 
ATOM   399 C CG2 . ILE A 1 45 ? 0.888   -1.571  6.217   1.00 30.33 ? 106  ILE A CG2 1 
ATOM   400 C CD1 . ILE A 1 45 ? -0.084  -2.067  2.473   1.00 25.12 ? 106  ILE A CD1 1 
ATOM   401 N N   . ALA A 1 46 ? 1.171   1.065   3.335   1.00 28.21 ? 107  ALA A N   1 
ATOM   402 C CA  . ALA A 1 46 ? 0.715   2.416   3.195   1.00 28.32 ? 107  ALA A CA  1 
ATOM   403 C C   . ALA A 1 46 ? -0.469  2.696   4.146   1.00 26.71 ? 107  ALA A C   1 
ATOM   404 O O   . ALA A 1 46 ? -1.435  1.899   4.257   1.00 27.90 ? 107  ALA A O   1 
ATOM   405 C CB  . ALA A 1 46 ? 0.311   2.654   1.717   1.00 28.87 ? 107  ALA A CB  1 
ATOM   406 N N   . ASN A 1 47 ? -0.327  3.735   4.942   1.00 24.00 ? 108  ASN A N   1 
ATOM   407 C CA  . ASN A 1 47 ? -1.488  4.215   5.703   1.00 22.65 ? 108  ASN A CA  1 
ATOM   408 C C   . ASN A 1 47 ? -1.926  5.569   5.126   1.00 25.59 ? 108  ASN A C   1 
ATOM   409 O O   . ASN A 1 47 ? -1.924  6.603   5.826   1.00 26.15 ? 108  ASN A O   1 
ATOM   410 C CB  . ASN A 1 47 ? -1.153  4.367   7.224   1.00 22.59 ? 108  ASN A CB  1 
ATOM   411 C CG  . ASN A 1 47 ? -0.793  3.041   7.937   1.00 23.37 ? 108  ASN A CG  1 
ATOM   412 O OD1 . ASN A 1 47 ? 0.310   2.899   8.545   1.00 25.77 ? 108  ASN A OD1 1 
ATOM   413 N ND2 . ASN A 1 47 ? -1.725  2.100   7.927   1.00 21.14 ? 108  ASN A ND2 1 
ATOM   414 N N   . ARG A 1 48 ? -2.292  5.593   3.852   1.00 25.71 ? 109  ARG A N   1 
ATOM   415 C CA  . ARG A 1 48 ? -2.748  6.847   3.205   1.00 26.82 ? 109  ARG A CA  1 
ATOM   416 C C   . ARG A 1 48 ? -3.687  6.455   2.088   1.00 24.08 ? 109  ARG A C   1 
ATOM   417 O O   . ARG A 1 48 ? -3.699  5.276   1.665   1.00 22.67 ? 109  ARG A O   1 
ATOM   418 C CB  . ARG A 1 48 ? -1.549  7.669   2.642   1.00 27.39 ? 109  ARG A CB  1 
ATOM   419 C CG  . ARG A 1 48 ? -0.685  8.367   3.750   1.00 32.75 ? 109  ARG A CG  1 
ATOM   420 C CD  . ARG A 1 48 ? 0.101   9.590   3.285   1.00 34.01 ? 109  ARG A CD  1 
ATOM   421 N NE  . ARG A 1 48 ? 0.585   9.461   1.894   1.00 46.70 ? 109  ARG A NE  1 
ATOM   422 C CZ  . ARG A 1 48 ? 1.418   10.310  1.275   1.00 48.72 ? 109  ARG A CZ  1 
ATOM   423 N NH1 . ARG A 1 48 ? 1.781   10.093  -0.001  1.00 47.67 ? 109  ARG A NH1 1 
ATOM   424 N NH2 . ARG A 1 48 ? 1.871   11.387  1.915   1.00 51.89 ? 109  ARG A NH2 1 
ATOM   425 N N   . CYS A 1 49 ? -4.512  7.410   1.649   1.00 21.56 ? 110  CYS A N   1 
ATOM   426 C CA  . CYS A 1 49 ? -5.419  7.280   0.517   1.00 20.11 ? 110  CYS A CA  1 
ATOM   427 C C   . CYS A 1 49 ? -4.968  8.202   -0.601  1.00 21.32 ? 110  CYS A C   1 
ATOM   428 O O   . CYS A 1 49 ? -4.414  9.290   -0.355  1.00 22.57 ? 110  CYS A O   1 
ATOM   429 C CB  . CYS A 1 49 ? -6.898  7.566   0.868   1.00 18.69 ? 110  CYS A CB  1 
ATOM   430 S SG  . CYS A 1 49 ? -7.531  6.631   2.257   1.00 16.94 ? 110  CYS A SG  1 
ATOM   431 N N   . HIS A 1 50 ? -5.214  7.771   -1.819  1.00 21.79 ? 111  HIS A N   1 
ATOM   432 C CA  . HIS A 1 50 ? -4.897  8.545   -3.020  1.00 23.07 ? 111  HIS A CA  1 
ATOM   433 C C   . HIS A 1 50 ? -6.173  8.591   -3.837  1.00 24.38 ? 111  HIS A C   1 
ATOM   434 O O   . HIS A 1 50 ? -6.654  7.565   -4.327  1.00 24.72 ? 111  HIS A O   1 
ATOM   435 C CB  . HIS A 1 50 ? -3.744  7.845   -3.745  1.00 23.72 ? 111  HIS A CB  1 
ATOM   436 C CG  . HIS A 1 50 ? -2.469  7.860   -2.968  1.00 29.04 ? 111  HIS A CG  1 
ATOM   437 N ND1 . HIS A 1 50 ? -1.629  8.956   -2.934  1.00 35.68 ? 111  HIS A ND1 1 
ATOM   438 C CD2 . HIS A 1 50 ? -1.903  6.929   -2.156  1.00 32.28 ? 111  HIS A CD2 1 
ATOM   439 C CE1 . HIS A 1 50 ? -0.603  8.697   -2.140  1.00 33.91 ? 111  HIS A CE1 1 
ATOM   440 N NE2 . HIS A 1 50 ? -0.745  7.478   -1.655  1.00 33.36 ? 111  HIS A NE2 1 
ATOM   441 N N   . GLU A 1 51 ? -6.746  9.790   -3.956  1.00 24.08 ? 112  GLU A N   1 
ATOM   442 C CA  . GLU A 1 51 ? -7.975  9.926   -4.726  1.00 25.05 ? 112  GLU A CA  1 
ATOM   443 C C   . GLU A 1 51 ? -7.932  11.252  -5.488  1.00 28.09 ? 112  GLU A C   1 
ATOM   444 O O   . GLU A 1 51 ? -7.487  12.255  -4.927  1.00 27.04 ? 112  GLU A O   1 
ATOM   445 C CB  . GLU A 1 51 ? -9.197  9.898   -3.788  1.00 24.67 ? 112  GLU A CB  1 
ATOM   446 C CG  . GLU A 1 51 ? -10.588 9.723   -4.493  1.00 27.23 ? 112  GLU A CG  1 
ATOM   447 C CD  . GLU A 1 51 ? -11.061 10.931  -5.240  1.00 28.97 ? 112  GLU A CD  1 
ATOM   448 O OE1 . GLU A 1 51 ? -10.968 12.049  -4.656  1.00 29.19 ? 112  GLU A OE1 1 
ATOM   449 O OE2 . GLU A 1 51 ? -11.560 10.773  -6.421  1.00 32.14 ? 112  GLU A OE2 1 
ATOM   450 N N   . GLY A 1 52 ? -8.369  11.222  -6.756  1.00 28.93 ? 113  GLY A N   1 
ATOM   451 C CA  . GLY A 1 52 ? -8.485  12.432  -7.619  1.00 33.56 ? 113  GLY A CA  1 
ATOM   452 C C   . GLY A 1 52 ? -7.203  13.237  -7.828  1.00 35.72 ? 113  GLY A C   1 
ATOM   453 O O   . GLY A 1 52 ? -7.259  14.448  -8.074  1.00 36.46 ? 113  GLY A O   1 
ATOM   454 N N   . GLY A 1 53 ? -6.052  12.574  -7.703  1.00 37.60 ? 114  GLY A N   1 
ATOM   455 C CA  . GLY A 1 53 ? -4.734  13.221  -7.739  1.00 38.70 ? 114  GLY A CA  1 
ATOM   456 C C   . GLY A 1 53 ? -4.245  13.835  -6.434  1.00 39.07 ? 114  GLY A C   1 
ATOM   457 O O   . GLY A 1 53 ? -3.163  14.438  -6.403  1.00 40.68 ? 114  GLY A O   1 
ATOM   458 N N   . GLN A 1 54 ? -5.014  13.682  -5.348  1.00 38.25 ? 115  GLN A N   1 
ATOM   459 C CA  . GLN A 1 54 ? -4.595  14.142  -4.011  1.00 36.97 ? 115  GLN A CA  1 
ATOM   460 C C   . GLN A 1 54 ? -4.178  12.954  -3.130  1.00 34.70 ? 115  GLN A C   1 
ATOM   461 O O   . GLN A 1 54 ? -4.653  11.831  -3.334  1.00 34.20 ? 115  GLN A O   1 
ATOM   462 C CB  . GLN A 1 54 ? -5.727  14.911  -3.320  1.00 37.64 ? 115  GLN A CB  1 
ATOM   463 C CG  . GLN A 1 54 ? -6.216  16.182  -4.047  1.00 41.83 ? 115  GLN A CG  1 
ATOM   464 C CD  . GLN A 1 54 ? -5.298  17.358  -3.826  1.00 46.28 ? 115  GLN A CD  1 
ATOM   465 O OE1 . GLN A 1 54 ? -5.241  17.934  -2.723  1.00 49.83 ? 115  GLN A OE1 1 
ATOM   466 N NE2 . GLN A 1 54 ? -4.551  17.713  -4.854  1.00 44.89 ? 115  GLN A NE2 1 
ATOM   467 N N   . SER A 1 55 ? -3.318  13.226  -2.154  1.00 33.06 ? 116  SER A N   1 
ATOM   468 C CA  . SER A 1 55 ? -2.942  12.261  -1.106  1.00 31.01 ? 116  SER A CA  1 
ATOM   469 C C   . SER A 1 55 ? -3.532  12.699  0.261   1.00 28.61 ? 116  SER A C   1 
ATOM   470 O O   . SER A 1 55 ? -3.495  13.868  0.626   1.00 28.11 ? 116  SER A O   1 
ATOM   471 C CB  . SER A 1 55 ? -1.426  12.130  -1.027  1.00 32.76 ? 116  SER A CB  1 
ATOM   472 O OG  . SER A 1 55 ? -0.990  11.564  0.193   1.00 35.91 ? 116  SER A OG  1 
ATOM   473 N N   . TYR A 1 56 ? -4.089  11.746  0.992   1.00 24.02 ? 117  TYR A N   1 
ATOM   474 C CA  . TYR A 1 56 ? -4.800  12.001  2.275   1.00 21.93 ? 117  TYR A CA  1 
ATOM   475 C C   . TYR A 1 56 ? -4.292  11.064  3.371   1.00 21.58 ? 117  TYR A C   1 
ATOM   476 O O   . TYR A 1 56 ? -4.030  9.906   3.123   1.00 21.53 ? 117  TYR A O   1 
ATOM   477 C CB  . TYR A 1 56 ? -6.288  11.766  2.045   1.00 21.35 ? 117  TYR A CB  1 
ATOM   478 C CG  . TYR A 1 56 ? -6.913  12.721  1.017   1.00 21.79 ? 117  TYR A CG  1 
ATOM   479 C CD1 . TYR A 1 56 ? -7.154  14.037  1.337   1.00 21.56 ? 117  TYR A CD1 1 
ATOM   480 C CD2 . TYR A 1 56 ? -7.242  12.298  -0.277  1.00 22.73 ? 117  TYR A CD2 1 
ATOM   481 C CE1 . TYR A 1 56 ? -7.740  14.895  0.445   1.00 24.31 ? 117  TYR A CE1 1 
ATOM   482 C CE2 . TYR A 1 56 ? -7.800  13.154  -1.202  1.00 21.59 ? 117  TYR A CE2 1 
ATOM   483 C CZ  . TYR A 1 56 ? -8.043  14.491  -0.822  1.00 23.15 ? 117  TYR A CZ  1 
ATOM   484 O OH  . TYR A 1 56 ? -8.654  15.403  -1.715  1.00 24.69 ? 117  TYR A OH  1 
ATOM   485 N N   . LYS A 1 57 ? -4.121  11.588  4.571   1.00 22.82 ? 118  LYS A N   1 
ATOM   486 C CA  . LYS A 1 57 ? -3.848  10.784  5.748   1.00 23.53 ? 118  LYS A CA  1 
ATOM   487 C C   . LYS A 1 57 ? -5.115  10.115  6.202   1.00 22.01 ? 118  LYS A C   1 
ATOM   488 O O   . LYS A 1 57 ? -6.228  10.557  5.864   1.00 20.86 ? 118  LYS A O   1 
ATOM   489 C CB  . LYS A 1 57 ? -3.331  11.694  6.907   1.00 24.59 ? 118  LYS A CB  1 
ATOM   490 C CG  . LYS A 1 57 ? -1.952  12.332  6.616   1.00 28.21 ? 118  LYS A CG  1 
ATOM   491 C CD  . LYS A 1 57 ? -1.322  12.931  7.861   1.00 30.06 ? 118  LYS A CD  1 
ATOM   492 C CE  . LYS A 1 57 ? -2.055  14.152  8.310   1.00 35.35 ? 118  LYS A CE  1 
ATOM   493 N NZ  . LYS A 1 57 ? -1.457  15.291  7.593   1.00 38.39 ? 118  LYS A NZ  1 
ATOM   494 N N   . ILE A 1 58 ? -4.962  9.077   6.999   1.00 20.90 ? 119  ILE A N   1 
ATOM   495 C CA  . ILE A 1 58 ? -6.106  8.406   7.543   1.00 21.84 ? 119  ILE A CA  1 
ATOM   496 C C   . ILE A 1 58 ? -6.820  9.463   8.444   1.00 21.57 ? 119  ILE A C   1 
ATOM   497 O O   . ILE A 1 58 ? -6.183  10.157  9.298   1.00 23.29 ? 119  ILE A O   1 
ATOM   498 C CB  . ILE A 1 58 ? -5.711  7.151   8.328   1.00 22.84 ? 119  ILE A CB  1 
ATOM   499 C CG1 . ILE A 1 58 ? -5.361  6.009   7.346   1.00 25.23 ? 119  ILE A CG1 1 
ATOM   500 C CG2 . ILE A 1 58 ? -6.811  6.750   9.253   1.00 23.87 ? 119  ILE A CG2 1 
ATOM   501 C CD1 . ILE A 1 58 ? -4.810  4.758   8.019   1.00 25.04 ? 119  ILE A CD1 1 
ATOM   502 N N   . GLY A 1 59 ? -8.127  9.519   8.292   1.00 19.52 ? 120  GLY A N   1 
ATOM   503 C CA  . GLY A 1 59 ? -8.939  10.475  9.011   1.00 19.93 ? 120  GLY A CA  1 
ATOM   504 C C   . GLY A 1 59 ? -9.176  11.802  8.317   1.00 19.36 ? 120  GLY A C   1 
ATOM   505 O O   . GLY A 1 59 ? -10.083 12.550  8.728   1.00 22.27 ? 120  GLY A O   1 
ATOM   506 N N   . ASP A 1 60 ? -8.390  12.124  7.285   1.00 19.41 ? 121  ASP A N   1 
ATOM   507 C CA  . ASP A 1 60 ? -8.663  13.281  6.442   1.00 18.92 ? 121  ASP A CA  1 
ATOM   508 C C   . ASP A 1 60 ? -9.976  13.116  5.723   1.00 18.89 ? 121  ASP A C   1 
ATOM   509 O O   . ASP A 1 60 ? -10.419 11.983  5.471   1.00 19.03 ? 121  ASP A O   1 
ATOM   510 C CB  . ASP A 1 60 ? -7.561  13.528  5.435   1.00 18.91 ? 121  ASP A CB  1 
ATOM   511 C CG  . ASP A 1 60 ? -6.285  14.029  6.083   1.00 21.82 ? 121  ASP A CG  1 
ATOM   512 O OD1 . ASP A 1 60 ? -6.170  14.149  7.351   1.00 22.17 ? 121  ASP A OD1 1 
ATOM   513 O OD2 . ASP A 1 60 ? -5.420  14.310  5.271   1.00 25.00 ? 121  ASP A OD2 1 
ATOM   514 N N   . THR A 1 61 ? -10.610 14.260  5.462   1.00 17.98 ? 122  THR A N   1 
ATOM   515 C CA  . THR A 1 61 ? -11.862 14.299  4.703   1.00 18.36 ? 122  THR A CA  1 
ATOM   516 C C   . THR A 1 61 ? -11.715 15.218  3.508   1.00 21.44 ? 122  THR A C   1 
ATOM   517 O O   . THR A 1 61 ? -10.822 16.063  3.462   1.00 20.00 ? 122  THR A O   1 
ATOM   518 C CB  . THR A 1 61 ? -13.034 14.811  5.563   1.00 20.34 ? 122  THR A CB  1 
ATOM   519 O OG1 . THR A 1 61 ? -12.718 16.149  6.031   1.00 20.39 ? 122  THR A OG1 1 
ATOM   520 C CG2 . THR A 1 61 ? -13.324 13.847  6.739   1.00 20.63 ? 122  THR A CG2 1 
ATOM   521 N N   . TRP A 1 62 ? -12.607 15.077  2.525   1.00 20.48 ? 123  TRP A N   1 
ATOM   522 C CA  . TRP A 1 62 ? -12.619 16.015  1.419   1.00 22.93 ? 123  TRP A CA  1 
ATOM   523 C C   . TRP A 1 62 ? -14.003 16.023  0.744   1.00 23.51 ? 123  TRP A C   1 
ATOM   524 O O   . TRP A 1 62 ? -14.787 15.129  0.918   1.00 22.14 ? 123  TRP A O   1 
ATOM   525 C CB  . TRP A 1 62 ? -11.528 15.700  0.391   1.00 23.01 ? 123  TRP A CB  1 
ATOM   526 C CG  . TRP A 1 62 ? -11.655 14.327  -0.232  1.00 22.03 ? 123  TRP A CG  1 
ATOM   527 C CD1 . TRP A 1 62 ? -12.177 14.014  -1.451  1.00 24.76 ? 123  TRP A CD1 1 
ATOM   528 C CD2 . TRP A 1 62 ? -11.116 13.089  0.296   1.00 22.41 ? 123  TRP A CD2 1 
ATOM   529 N NE1 . TRP A 1 62 ? -12.079 12.654  -1.686  1.00 26.46 ? 123  TRP A NE1 1 
ATOM   530 C CE2 . TRP A 1 62 ? -11.402 12.068  -0.655  1.00 22.89 ? 123  TRP A CE2 1 
ATOM   531 C CE3 . TRP A 1 62 ? -10.430 12.741  1.481   1.00 23.13 ? 123  TRP A CE3 1 
ATOM   532 C CZ2 . TRP A 1 62 ? -11.040 10.734  -0.440  1.00 22.81 ? 123  TRP A CZ2 1 
ATOM   533 C CZ3 . TRP A 1 62 ? -10.092 11.419  1.682   1.00 25.22 ? 123  TRP A CZ3 1 
ATOM   534 C CH2 . TRP A 1 62 ? -10.396 10.426  0.735   1.00 19.34 ? 123  TRP A CH2 1 
ATOM   535 N N   A ARG A 1 63 ? -14.362 17.101  0.054   0.50 25.56 ? 124  ARG A N   1 
ATOM   536 N N   B ARG A 1 63 ? -14.219 17.053  -0.064  0.50 25.18 ? 124  ARG A N   1 
ATOM   537 C CA  A ARG A 1 63 ? -15.690 17.156  -0.588  0.50 27.54 ? 124  ARG A CA  1 
ATOM   538 C CA  B ARG A 1 63 ? -15.515 17.320  -0.652  0.50 26.78 ? 124  ARG A CA  1 
ATOM   539 C C   A ARG A 1 63 ? -15.483 17.337  -2.057  0.50 27.84 ? 124  ARG A C   1 
ATOM   540 C C   B ARG A 1 63 ? -15.354 17.250  -2.140  0.50 27.48 ? 124  ARG A C   1 
ATOM   541 O O   A ARG A 1 63 ? -14.591 18.047  -2.464  0.50 27.24 ? 124  ARG A O   1 
ATOM   542 O O   B ARG A 1 63 ? -14.331 17.679  -2.657  0.50 27.05 ? 124  ARG A O   1 
ATOM   543 C CB  A ARG A 1 63 ? -16.558 18.325  -0.062  0.50 28.23 ? 124  ARG A CB  1 
ATOM   544 C CB  B ARG A 1 63 ? -15.954 18.743  -0.245  0.50 27.46 ? 124  ARG A CB  1 
ATOM   545 C CG  A ARG A 1 63 ? -17.030 18.201  1.367   0.50 28.44 ? 124  ARG A CG  1 
ATOM   546 C CG  B ARG A 1 63 ? -17.417 19.023  -0.490  0.50 28.08 ? 124  ARG A CG  1 
ATOM   547 C CD  A ARG A 1 63 ? -17.586 19.524  1.922   0.50 30.99 ? 124  ARG A CD  1 
ATOM   548 C CD  B ARG A 1 63 ? -17.908 20.199  0.353   0.50 29.58 ? 124  ARG A CD  1 
ATOM   549 N NE  A ARG A 1 63 ? -18.450 19.311  3.084   0.50 38.25 ? 124  ARG A NE  1 
ATOM   550 N NE  B ARG A 1 63 ? -19.267 20.573  -0.034  0.50 30.91 ? 124  ARG A NE  1 
ATOM   551 C CZ  A ARG A 1 63 ? -18.954 20.276  3.849   0.50 39.52 ? 124  ARG A CZ  1 
ATOM   552 C CZ  B ARG A 1 63 ? -20.246 20.901  0.806   0.50 30.75 ? 124  ARG A CZ  1 
ATOM   553 N NH1 A ARG A 1 63 ? -18.663 21.547  3.608   0.50 43.28 ? 124  ARG A NH1 1 
ATOM   554 N NH1 B ARG A 1 63 ? -20.047 20.923  2.126   0.50 28.94 ? 124  ARG A NH1 1 
ATOM   555 N NH2 A ARG A 1 63 ? -19.747 19.965  4.868   0.50 40.50 ? 124  ARG A NH2 1 
ATOM   556 N NH2 B ARG A 1 63 ? -21.438 21.212  0.312   0.50 29.12 ? 124  ARG A NH2 1 
ATOM   557 N N   . ARG A 1 64 ? -16.353 16.727  -2.857  1.00 27.85 ? 125  ARG A N   1 
ATOM   558 C CA  . ARG A 1 64 ? -16.227 16.721  -4.310  1.00 29.08 ? 125  ARG A CA  1 
ATOM   559 C C   . ARG A 1 64 ? -17.556 16.397  -4.983  1.00 27.69 ? 125  ARG A C   1 
ATOM   560 O O   . ARG A 1 64 ? -18.387 15.711  -4.427  1.00 27.09 ? 125  ARG A O   1 
ATOM   561 C CB  . ARG A 1 64 ? -15.101 15.761  -4.734  1.00 28.81 ? 125  ARG A CB  1 
ATOM   562 C CG  . ARG A 1 64 ? -15.450 14.299  -4.600  1.00 29.51 ? 125  ARG A CG  1 
ATOM   563 C CD  . ARG A 1 64 ? -14.391 13.431  -5.241  1.00 32.87 ? 125  ARG A CD  1 
ATOM   564 N NE  . ARG A 1 64 ? -14.695 12.016  -5.058  1.00 34.65 ? 125  ARG A NE  1 
ATOM   565 C CZ  . ARG A 1 64 ? -15.393 11.275  -5.915  1.00 35.82 ? 125  ARG A CZ  1 
ATOM   566 N NH1 . ARG A 1 64 ? -15.881 11.828  -7.006  1.00 34.68 ? 125  ARG A NH1 1 
ATOM   567 N NH2 . ARG A 1 64 ? -15.625 9.986   -5.675  1.00 34.70 ? 125  ARG A NH2 1 
ATOM   568 N N   . PRO A 1 65 ? -17.787 16.933  -6.211  1.00 29.50 ? 126  PRO A N   1 
ATOM   569 C CA  . PRO A 1 65 ? -19.032 16.483  -6.850  1.00 27.96 ? 126  PRO A CA  1 
ATOM   570 C C   . PRO A 1 65 ? -18.894 15.073  -7.379  1.00 25.63 ? 126  PRO A C   1 
ATOM   571 O O   . PRO A 1 65 ? -17.826 14.690  -7.852  1.00 25.97 ? 126  PRO A O   1 
ATOM   572 C CB  . PRO A 1 65 ? -19.203 17.433  -8.061  1.00 28.50 ? 126  PRO A CB  1 
ATOM   573 C CG  . PRO A 1 65 ? -17.788 17.854  -8.387  1.00 29.95 ? 126  PRO A CG  1 
ATOM   574 C CD  . PRO A 1 65 ? -17.008 17.882  -7.040  1.00 30.21 ? 126  PRO A CD  1 
ATOM   575 N N   . HIS A 1 66 ? -20.003 14.356  -7.357  1.00 23.58 ? 127  HIS A N   1 
ATOM   576 C CA  . HIS A 1 66 ? -19.968 13.048  -7.920  1.00 21.59 ? 127  HIS A CA  1 
ATOM   577 C C   . HIS A 1 66 ? -19.780 13.211  -9.413  1.00 23.00 ? 127  HIS A C   1 
ATOM   578 O O   . HIS A 1 66 ? -20.475 14.055  -9.997  1.00 21.38 ? 127  HIS A O   1 
ATOM   579 C CB  . HIS A 1 66 ? -21.256 12.314  -7.580  1.00 20.67 ? 127  HIS A CB  1 
ATOM   580 C CG  . HIS A 1 66 ? -21.246 10.894  -7.998  1.00 19.57 ? 127  HIS A CG  1 
ATOM   581 N ND1 . HIS A 1 66 ? -21.433 10.509  -9.307  1.00 17.57 ? 127  HIS A ND1 1 
ATOM   582 C CD2 . HIS A 1 66 ? -21.091 9.766   -7.288  1.00 18.74 ? 127  HIS A CD2 1 
ATOM   583 C CE1 . HIS A 1 66 ? -21.393 9.187   -9.378  1.00 20.02 ? 127  HIS A CE1 1 
ATOM   584 N NE2 . HIS A 1 66 ? -21.190 8.716   -8.157  1.00 20.18 ? 127  HIS A NE2 1 
ATOM   585 N N   . GLU A 1 67 ? -18.891 12.388  -9.998  1.00 22.17 ? 128  GLU A N   1 
ATOM   586 C CA  . GLU A 1 67 ? -18.440 12.510  -11.386 1.00 26.05 ? 128  GLU A CA  1 
ATOM   587 C C   . GLU A 1 67 ? -19.486 12.264  -12.468 1.00 24.78 ? 128  GLU A C   1 
ATOM   588 O O   . GLU A 1 67 ? -19.217 12.619  -13.652 1.00 26.20 ? 128  GLU A O   1 
ATOM   589 C CB  . GLU A 1 67 ? -17.371 11.457  -11.667 1.00 27.52 ? 128  GLU A CB  1 
ATOM   590 C CG  . GLU A 1 67 ? -16.735 10.865  -10.426 1.00 35.13 ? 128  GLU A CG  1 
ATOM   591 C CD  . GLU A 1 67 ? -17.533 9.756   -9.661  1.00 37.95 ? 128  GLU A CD  1 
ATOM   592 O OE1 . GLU A 1 67 ? -17.870 8.641   -10.217 1.00 40.03 ? 128  GLU A OE1 1 
ATOM   593 O OE2 . GLU A 1 67 ? -17.747 10.018  -8.465  1.00 36.72 ? 128  GLU A OE2 1 
ATOM   594 N N   . THR A 1 68 ? -20.567 11.531  -12.151 1.00 18.96 ? 129  THR A N   1 
ATOM   595 C CA  . THR A 1 68 ? -21.675 11.463  -13.118 1.00 19.30 ? 129  THR A CA  1 
ATOM   596 C C   . THR A 1 68 ? -22.934 12.012  -12.482 1.00 18.16 ? 129  THR A C   1 
ATOM   597 O O   . THR A 1 68 ? -23.790 12.543  -13.158 1.00 20.82 ? 129  THR A O   1 
ATOM   598 C CB  . THR A 1 68 ? -21.939 10.033  -13.591 1.00 17.76 ? 129  THR A CB  1 
ATOM   599 O OG1 . THR A 1 68 ? -22.110 9.175   -12.442 1.00 18.77 ? 129  THR A OG1 1 
ATOM   600 C CG2 . THR A 1 68 ? -20.748 9.462   -14.396 1.00 19.35 ? 129  THR A CG2 1 
ATOM   601 N N   . GLY A 1 69 ? -23.038 11.938  -11.154 1.00 18.07 ? 130  GLY A N   1 
ATOM   602 C CA  . GLY A 1 69 ? -24.268 12.392  -10.476 1.00 19.44 ? 130  GLY A CA  1 
ATOM   603 C C   . GLY A 1 69 ? -24.409 13.878  -10.289 1.00 21.91 ? 130  GLY A C   1 
ATOM   604 O O   . GLY A 1 69 ? -25.569 14.426  -10.317 1.00 23.91 ? 130  GLY A O   1 
ATOM   605 N N   . GLY A 1 70 ? -23.282 14.579  -10.124 1.00 21.70 ? 131  GLY A N   1 
ATOM   606 C CA  . GLY A 1 70 ? -23.351 16.027  -9.881  1.00 24.47 ? 131  GLY A CA  1 
ATOM   607 C C   . GLY A 1 70 ? -23.765 16.539  -8.493  1.00 23.45 ? 131  GLY A C   1 
ATOM   608 O O   . GLY A 1 70 ? -23.645 17.759  -8.236  1.00 27.19 ? 131  GLY A O   1 
ATOM   609 N N   . TYR A 1 71 ? -24.300 15.662  -7.653  1.00 22.62 ? 132  TYR A N   1 
ATOM   610 C CA  . TYR A 1 71 ? -24.523 15.946  -6.203  1.00 24.08 ? 132  TYR A CA  1 
ATOM   611 C C   . TYR A 1 71 ? -23.208 15.935  -5.411  1.00 26.20 ? 132  TYR A C   1 
ATOM   612 O O   . TYR A 1 71 ? -22.274 15.164  -5.744  1.00 27.19 ? 132  TYR A O   1 
ATOM   613 C CB  . TYR A 1 71 ? -25.513 14.955  -5.574  1.00 24.28 ? 132  TYR A CB  1 
ATOM   614 C CG  . TYR A 1 71 ? -25.271 13.475  -5.885  1.00 21.77 ? 132  TYR A CG  1 
ATOM   615 C CD1 . TYR A 1 71 ? -24.466 12.662  -5.059  1.00 22.57 ? 132  TYR A CD1 1 
ATOM   616 C CD2 . TYR A 1 71 ? -25.833 12.885  -7.022  1.00 20.93 ? 132  TYR A CD2 1 
ATOM   617 C CE1 . TYR A 1 71 ? -24.277 11.330  -5.366  1.00 22.79 ? 132  TYR A CE1 1 
ATOM   618 C CE2 . TYR A 1 71 ? -25.673 11.566  -7.320  1.00 22.40 ? 132  TYR A CE2 1 
ATOM   619 C CZ  . TYR A 1 71 ? -24.858 10.788  -6.543  1.00 19.18 ? 132  TYR A CZ  1 
ATOM   620 O OH  . TYR A 1 71 ? -24.703 9.473   -6.890  1.00 21.03 ? 132  TYR A OH  1 
ATOM   621 N N   . MET A 1 72 ? -23.154 16.750  -4.332  1.00 26.99 ? 133  MET A N   1 
ATOM   622 C CA  . MET A 1 72 ? -21.910 16.819  -3.557  1.00 28.67 ? 133  MET A CA  1 
ATOM   623 C C   . MET A 1 72 ? -21.718 15.520  -2.769  1.00 27.36 ? 133  MET A C   1 
ATOM   624 O O   . MET A 1 72 ? -22.687 14.971  -2.238  1.00 29.23 ? 133  MET A O   1 
ATOM   625 C CB  . MET A 1 72 ? -21.863 18.028  -2.593  1.00 30.03 ? 133  MET A CB  1 
ATOM   626 C CG  . MET A 1 72 ? -21.723 19.420  -3.304  1.00 35.31 ? 133  MET A CG  1 
ATOM   627 S SD  . MET A 1 72 ? -20.199 19.547  -4.273  1.00 41.34 ? 133  MET A SD  1 
ATOM   628 C CE  . MET A 1 72 ? -19.208 20.606  -3.260  1.00 39.90 ? 133  MET A CE  1 
ATOM   629 N N   . LEU A 1 73 ? -20.457 15.079  -2.680  1.00 26.41 ? 134  LEU A N   1 
ATOM   630 C CA  . LEU A 1 73 ? -20.017 13.978  -1.769  1.00 23.84 ? 134  LEU A CA  1 
ATOM   631 C C   . LEU A 1 73 ? -19.064 14.497  -0.692  1.00 23.80 ? 134  LEU A C   1 
ATOM   632 O O   . LEU A 1 73 ? -18.184 15.345  -0.992  1.00 23.54 ? 134  LEU A O   1 
ATOM   633 C CB  . LEU A 1 73 ? -19.257 12.899  -2.535  1.00 24.41 ? 134  LEU A CB  1 
ATOM   634 C CG  . LEU A 1 73 ? -19.937 12.300  -3.767  1.00 23.70 ? 134  LEU A CG  1 
ATOM   635 C CD1 . LEU A 1 73 ? -18.927 11.455  -4.523  1.00 26.17 ? 134  LEU A CD1 1 
ATOM   636 C CD2 . LEU A 1 73 ? -21.130 11.466  -3.357  1.00 23.28 ? 134  LEU A CD2 1 
ATOM   637 N N   . GLU A 1 74 ? -19.196 13.940  0.512   1.00 22.65 ? 135  GLU A N   1 
ATOM   638 C CA  . GLU A 1 74 ? -18.165 14.093  1.570   1.00 22.28 ? 135  GLU A CA  1 
ATOM   639 C C   . GLU A 1 74 ? -17.458 12.728  1.726   1.00 19.92 ? 135  GLU A C   1 
ATOM   640 O O   . GLU A 1 74 ? -18.135 11.706  1.864   1.00 20.90 ? 135  GLU A O   1 
ATOM   641 C CB  . GLU A 1 74 ? -18.804 14.470  2.884   1.00 23.58 ? 135  GLU A CB  1 
ATOM   642 C CG  . GLU A 1 74 ? -17.849 14.414  4.086   1.00 31.44 ? 135  GLU A CG  1 
ATOM   643 C CD  . GLU A 1 74 ? -16.998 15.659  4.289   1.00 40.19 ? 135  GLU A CD  1 
ATOM   644 O OE1 . GLU A 1 74 ? -16.572 16.321  3.308   1.00 43.71 ? 135  GLU A OE1 1 
ATOM   645 O OE2 . GLU A 1 74 ? -16.716 15.966  5.478   1.00 47.18 ? 135  GLU A OE2 1 
ATOM   646 N N   . CYS A 1 75 ? -16.119 12.727  1.675   1.00 19.57 ? 136  CYS A N   1 
ATOM   647 C CA  . CYS A 1 75 ? -15.355 11.500  1.674   1.00 17.19 ? 136  CYS A CA  1 
ATOM   648 C C   . CYS A 1 75 ? -14.411 11.532  2.895   1.00 15.51 ? 136  CYS A C   1 
ATOM   649 O O   . CYS A 1 75 ? -14.020 12.608  3.353   1.00 17.81 ? 136  CYS A O   1 
ATOM   650 C CB  . CYS A 1 75 ? -14.508 11.404  0.424   1.00 18.44 ? 136  CYS A CB  1 
ATOM   651 S SG  . CYS A 1 75 ? -15.498 11.482  -1.138  1.00 21.10 ? 136  CYS A SG  1 
ATOM   652 N N   . VAL A 1 76 ? -14.076 10.359  3.374   1.00 15.23 ? 137  VAL A N   1 
ATOM   653 C CA  . VAL A 1 76 ? -13.089 10.172  4.482   1.00 15.94 ? 137  VAL A CA  1 
ATOM   654 C C   . VAL A 1 76 ? -12.126 9.015   4.157   1.00 15.09 ? 137  VAL A C   1 
ATOM   655 O O   . VAL A 1 76 ? -12.535 7.996   3.594   1.00 15.10 ? 137  VAL A O   1 
ATOM   656 C CB  . VAL A 1 76 ? -13.772 9.986   5.831   1.00 17.63 ? 137  VAL A CB  1 
ATOM   657 C CG1 . VAL A 1 76 ? -14.673 8.804   5.854   1.00 19.75 ? 137  VAL A CG1 1 
ATOM   658 C CG2 . VAL A 1 76 ? -12.800 9.935   7.019   1.00 15.72 ? 137  VAL A CG2 1 
ATOM   659 N N   . CYS A 1 77 ? -10.848 9.236   4.447   1.00 16.02 ? 138  CYS A N   1 
ATOM   660 C CA  . CYS A 1 77 ? -9.823  8.232   4.245   1.00 14.95 ? 138  CYS A CA  1 
ATOM   661 C C   . CYS A 1 77 ? -9.831  7.260   5.461   1.00 15.30 ? 138  CYS A C   1 
ATOM   662 O O   . CYS A 1 77 ? -9.575  7.655   6.619   1.00 16.03 ? 138  CYS A O   1 
ATOM   663 C CB  . CYS A 1 77 ? -8.462  8.916   4.065   1.00 15.57 ? 138  CYS A CB  1 
ATOM   664 S SG  . CYS A 1 77 ? -7.064  7.746   3.942   1.00 17.22 ? 138  CYS A SG  1 
ATOM   665 N N   . LEU A 1 78 ? -10.068 5.985   5.174   1.00 14.59 ? 139  LEU A N   1 
ATOM   666 C CA  . LEU A 1 78 ? -10.136 4.912   6.202   1.00 14.70 ? 139  LEU A CA  1 
ATOM   667 C C   . LEU A 1 78 ? -8.813  4.144   6.350   1.00 15.91 ? 139  LEU A C   1 
ATOM   668 O O   . LEU A 1 78 ? -8.445  3.674   7.460   1.00 17.62 ? 139  LEU A O   1 
ATOM   669 C CB  . LEU A 1 78 ? -11.273 3.914   5.884   1.00 15.13 ? 139  LEU A CB  1 
ATOM   670 C CG  . LEU A 1 78 ? -12.675 4.530   5.684   1.00 16.47 ? 139  LEU A CG  1 
ATOM   671 C CD1 . LEU A 1 78 ? -13.678 3.488   5.208   1.00 16.38 ? 139  LEU A CD1 1 
ATOM   672 C CD2 . LEU A 1 78 ? -13.150 5.218   6.994   1.00 18.41 ? 139  LEU A CD2 1 
ATOM   673 N N   . GLY A 1 79 ? -8.192  3.839   5.209   1.00 14.44 ? 140  GLY A N   1 
ATOM   674 C CA  . GLY A 1 79 ? -6.929  3.149   5.228   1.00 16.44 ? 140  GLY A CA  1 
ATOM   675 C C   . GLY A 1 79 ? -7.082  1.624   5.159   1.00 17.46 ? 140  GLY A C   1 
ATOM   676 O O   . GLY A 1 79 ? -7.237  1.023   4.071   1.00 17.56 ? 140  GLY A O   1 
ATOM   677 N N   . ASN A 1 80 ? -7.048  0.972   6.328   1.00 16.85 ? 141  ASN A N   1 
ATOM   678 C CA  . ASN A 1 80 ? -7.247  -0.505  6.394   1.00 18.99 ? 141  ASN A CA  1 
ATOM   679 C C   . ASN A 1 80 ? -6.218  -1.268  5.565   1.00 18.45 ? 141  ASN A C   1 
ATOM   680 O O   . ASN A 1 80 ? -6.465  -2.412  5.117   1.00 22.16 ? 141  ASN A O   1 
ATOM   681 C CB  . ASN A 1 80 ? -8.684  -0.859  5.989   1.00 19.10 ? 141  ASN A CB  1 
ATOM   682 C CG  . ASN A 1 80 ? -9.729  -0.200  6.962   1.00 17.74 ? 141  ASN A CG  1 
ATOM   683 O OD1 . ASN A 1 80 ? -9.433  -0.045  8.160   1.00 21.02 ? 141  ASN A OD1 1 
ATOM   684 N ND2 . ASN A 1 80 ? -10.905 0.131   6.471   1.00 20.79 ? 141  ASN A ND2 1 
ATOM   685 N N   . GLY A 1 81 ? -5.057  -0.642  5.385   1.00 19.35 ? 142  GLY A N   1 
ATOM   686 C CA  . GLY A 1 81 ? -3.928  -1.304  4.684   1.00 18.93 ? 142  GLY A CA  1 
ATOM   687 C C   . GLY A 1 81 ? -4.186  -1.389  3.173   1.00 19.91 ? 142  GLY A C   1 
ATOM   688 O O   . GLY A 1 81 ? -3.446  -2.074  2.427   1.00 23.63 ? 142  GLY A O   1 
ATOM   689 N N   . LYS A 1 82 ? -5.186  -0.661  2.709   1.00 19.99 ? 143  LYS A N   1 
ATOM   690 C CA  . LYS A 1 82 ? -5.601  -0.708  1.321   1.00 21.19 ? 143  LYS A CA  1 
ATOM   691 C C   . LYS A 1 82 ? -5.812  0.624   0.701   1.00 19.83 ? 143  LYS A C   1 
ATOM   692 O O   . LYS A 1 82 ? -6.300  0.687   -0.443  1.00 21.39 ? 143  LYS A O   1 
ATOM   693 C CB  . LYS A 1 82 ? -6.935  -1.436  1.229   1.00 22.33 ? 143  LYS A CB  1 
ATOM   694 C CG  . LYS A 1 82 ? -6.841  -2.920  1.541   1.00 28.11 ? 143  LYS A CG  1 
ATOM   695 C CD  . LYS A 1 82 ? -8.220  -3.572  1.542   1.00 30.77 ? 143  LYS A CD  1 
ATOM   696 C CE  . LYS A 1 82 ? -8.940  -3.433  2.870   1.00 36.70 ? 143  LYS A CE  1 
ATOM   697 N NZ  . LYS A 1 82 ? -8.325  -4.273  3.969   1.00 37.17 ? 143  LYS A NZ  1 
ATOM   698 N N   . GLY A 1 83 ? -5.501  1.693   1.412   1.00 19.29 ? 144  GLY A N   1 
ATOM   699 C CA  . GLY A 1 83 ? -5.779  3.025   0.886   1.00 20.20 ? 144  GLY A CA  1 
ATOM   700 C C   . GLY A 1 83 ? -7.277  3.208   0.690   1.00 18.56 ? 144  GLY A C   1 
ATOM   701 O O   . GLY A 1 83 ? -7.712  3.979   -0.187  1.00 19.08 ? 144  GLY A O   1 
ATOM   702 N N   . GLU A 1 84 ? -8.080  2.517   1.532   1.00 17.17 ? 145  GLU A N   1 
ATOM   703 C CA  . GLU A 1 84 ? -9.522  2.576   1.393   1.00 17.06 ? 145  GLU A CA  1 
ATOM   704 C C   . GLU A 1 84 ? -10.137 3.939   1.855   1.00 15.74 ? 145  GLU A C   1 
ATOM   705 O O   . GLU A 1 84 ? -9.767  4.476   2.924   1.00 15.31 ? 145  GLU A O   1 
ATOM   706 C CB  . GLU A 1 84 ? -10.141 1.438   2.229   1.00 18.01 ? 145  GLU A CB  1 
ATOM   707 C CG  . GLU A 1 84 ? -11.578 1.284   2.034   1.00 20.32 ? 145  GLU A CG  1 
ATOM   708 C CD  . GLU A 1 84 ? -12.190 0.108   2.787   1.00 25.88 ? 145  GLU A CD  1 
ATOM   709 O OE1 . GLU A 1 84 ? -11.589 -0.450  3.753   1.00 25.04 ? 145  GLU A OE1 1 
ATOM   710 O OE2 . GLU A 1 84 ? -13.324 -0.247  2.420   1.00 33.88 ? 145  GLU A OE2 1 
ATOM   711 N N   . TRP A 1 85 ? -11.141 4.403   1.086   1.00 14.90 ? 146  TRP A N   1 
ATOM   712 C CA  . TRP A 1 85 ? -11.929 5.564   1.509   1.00 14.70 ? 146  TRP A CA  1 
ATOM   713 C C   . TRP A 1 85 ? -13.389 5.288   1.341   1.00 15.26 ? 146  TRP A C   1 
ATOM   714 O O   . TRP A 1 85 ? -13.812 4.225   0.773   1.00 18.05 ? 146  TRP A O   1 
ATOM   715 C CB  . TRP A 1 85 ? -11.504 6.834   0.792   1.00 14.30 ? 146  TRP A CB  1 
ATOM   716 C CG  . TRP A 1 85 ? -11.838 6.918   -0.657  1.00 16.53 ? 146  TRP A CG  1 
ATOM   717 C CD1 . TRP A 1 85 ? -13.005 7.407   -1.201  1.00 16.24 ? 146  TRP A CD1 1 
ATOM   718 C CD2 . TRP A 1 85 ? -11.009 6.504   -1.755  1.00 17.20 ? 146  TRP A CD2 1 
ATOM   719 N NE1 . TRP A 1 85 ? -12.932 7.348   -2.592  1.00 18.46 ? 146  TRP A NE1 1 
ATOM   720 C CE2 . TRP A 1 85 ? -11.733 6.779   -2.948  1.00 16.94 ? 146  TRP A CE2 1 
ATOM   721 C CE3 . TRP A 1 85 ? -9.725  5.945   -1.851  1.00 18.50 ? 146  TRP A CE3 1 
ATOM   722 C CZ2 . TRP A 1 85 ? -11.196 6.528   -4.241  1.00 18.82 ? 146  TRP A CZ2 1 
ATOM   723 C CZ3 . TRP A 1 85 ? -9.200  5.703   -3.130  1.00 18.62 ? 146  TRP A CZ3 1 
ATOM   724 C CH2 . TRP A 1 85 ? -9.945  6.001   -4.303  1.00 18.72 ? 146  TRP A CH2 1 
ATOM   725 N N   . THR A 1 86 ? -14.192 6.204   1.871   1.00 16.94 ? 147  THR A N   1 
ATOM   726 C CA  . THR A 1 86 ? -15.668 6.128   1.734   1.00 16.49 ? 147  THR A CA  1 
ATOM   727 C C   . THR A 1 86 ? -16.235 7.499   1.418   1.00 16.04 ? 147  THR A C   1 
ATOM   728 O O   . THR A 1 86 ? -15.665 8.512   1.856   1.00 16.94 ? 147  THR A O   1 
ATOM   729 C CB  . THR A 1 86 ? -16.311 5.551   3.018   1.00 17.06 ? 147  THR A CB  1 
ATOM   730 O OG1 . THR A 1 86 ? -17.738 5.424   2.826   1.00 20.97 ? 147  THR A OG1 1 
ATOM   731 C CG2 . THR A 1 86 ? -16.098 6.424   4.184   1.00 19.63 ? 147  THR A CG2 1 
ATOM   732 N N   . CYS A 1 87 ? -17.253 7.567   0.559   1.00 17.32 ? 148  CYS A N   1 
ATOM   733 C CA  . CYS A 1 87 ? -17.920 8.852   0.243   1.00 19.53 ? 148  CYS A CA  1 
ATOM   734 C C   . CYS A 1 87 ? -19.427 8.703   0.428   1.00 20.89 ? 148  CYS A C   1 
ATOM   735 O O   . CYS A 1 87 ? -19.977 7.616   0.211   1.00 23.84 ? 148  CYS A O   1 
ATOM   736 C CB  . CYS A 1 87 ? -17.669 9.263   -1.215  1.00 17.89 ? 148  CYS A CB  1 
ATOM   737 S SG  . CYS A 1 87 ? -15.928 9.534   -1.640  1.00 21.37 ? 148  CYS A SG  1 
ATOM   738 N N   . LYS A 1 88 ? -20.102 9.786   0.809   1.00 23.91 ? 149  LYS A N   1 
ATOM   739 C CA  . LYS A 1 88 ? -21.562 9.816   0.821   1.00 26.10 ? 149  LYS A CA  1 
ATOM   740 C C   . LYS A 1 88 ? -22.026 11.201  0.390   1.00 28.06 ? 149  LYS A C   1 
ATOM   741 O O   . LYS A 1 88 ? -21.268 12.156  0.518   1.00 27.58 ? 149  LYS A O   1 
ATOM   742 C CB  . LYS A 1 88 ? -22.111 9.529   2.211   1.00 27.20 ? 149  LYS A CB  1 
ATOM   743 C CG  . LYS A 1 88 ? -21.544 10.470  3.280   1.00 30.16 ? 149  LYS A CG  1 
ATOM   744 C CD  . LYS A 1 88 ? -22.413 10.534  4.564   1.00 38.64 ? 149  LYS A CD  1 
ATOM   745 C CE  . LYS A 1 88 ? -23.028 9.184   5.001   1.00 40.40 ? 149  LYS A CE  1 
ATOM   746 N NZ  . LYS A 1 88 ? -23.997 8.469   4.074   1.00 41.95 ? 149  LYS A NZ  1 
ATOM   747 N N   . PRO A 1 89 ? -23.256 11.285  -0.167  1.00 30.68 ? 150  PRO A N   1 
ATOM   748 C CA  . PRO A 1 89 ? -23.896 12.536  -0.558  1.00 32.95 ? 150  PRO A CA  1 
ATOM   749 C C   . PRO A 1 89 ? -23.986 13.620  0.551   1.00 35.59 ? 150  PRO A C   1 
ATOM   750 O O   . PRO A 1 89 ? -24.269 13.316  1.711   1.00 36.95 ? 150  PRO A O   1 
ATOM   751 C CB  . PRO A 1 89 ? -25.312 12.092  -0.988  1.00 33.02 ? 150  PRO A CB  1 
ATOM   752 C CG  . PRO A 1 89 ? -25.146 10.686  -1.436  1.00 32.80 ? 150  PRO A CG  1 
ATOM   753 C CD  . PRO A 1 89 ? -24.053 10.105  -0.538  1.00 31.37 ? 150  PRO A CD  1 
ATOM   754 N N   . ILE A 1 90 ? -23.730 14.869  0.154   1.00 39.23 ? 151  ILE A N   1 
ATOM   755 C CA  . ILE A 1 90 ? -23.994 16.080  0.956   1.00 42.01 ? 151  ILE A CA  1 
ATOM   756 C C   . ILE A 1 90 ? -24.542 17.154  0.002   1.00 43.31 ? 151  ILE A C   1 
ATOM   757 O O   . ILE A 1 90 ? -24.231 18.346  0.147   1.00 44.32 ? 151  ILE A O   1 
ATOM   758 C CB  . ILE A 1 90 ? -22.729 16.678  1.586   1.00 42.13 ? 151  ILE A CB  1 
ATOM   759 C CG1 . ILE A 1 90 ? -21.533 16.525  0.645   1.00 41.62 ? 151  ILE A CG1 1 
ATOM   760 C CG2 . ILE A 1 90 ? -22.500 16.104  2.981   1.00 43.91 ? 151  ILE A CG2 1 
ATOM   761 C CD1 . ILE A 1 90 ? -20.318 17.375  0.941   1.00 42.63 ? 151  ILE A CD1 1 
ATOM   762 O OXT . ILE A 1 90 ? -25.261 16.864  -0.972  1.00 45.64 ? 151  ILE A OXT 1 
HETATM 763 S S   . SO4 B 2 .  ? -18.021 3.650   -0.599  0.70 31.55 ? 1152 SO4 A S   1 
HETATM 764 O O1  . SO4 B 2 .  ? -17.112 2.760   -1.332  0.70 29.84 ? 1152 SO4 A O1  1 
HETATM 765 O O2  . SO4 B 2 .  ? -19.374 3.515   -1.171  0.70 33.41 ? 1152 SO4 A O2  1 
HETATM 766 O O3  . SO4 B 2 .  ? -18.086 3.296   0.818   0.70 29.98 ? 1152 SO4 A O3  1 
HETATM 767 O O4  . SO4 B 2 .  ? -17.655 5.061   -0.839  0.70 29.12 ? 1152 SO4 A O4  1 
HETATM 768 O O   . HOH C 3 .  ? 25.602  -11.670 -9.182  1.00 35.32 ? 2001 HOH A O   1 
HETATM 769 O O   . HOH C 3 .  ? 22.192  -14.869 -5.834  1.00 25.01 ? 2002 HOH A O   1 
HETATM 770 O O   . HOH C 3 .  ? 25.640  -10.573 2.221   1.00 44.83 ? 2003 HOH A O   1 
HETATM 771 O O   . HOH C 3 .  ? 13.864  -15.373 2.887   1.00 25.50 ? 2004 HOH A O   1 
HETATM 772 O O   . HOH C 3 .  ? 9.156   -15.828 2.824   1.00 28.38 ? 2005 HOH A O   1 
HETATM 773 O O   . HOH C 3 .  ? 1.855   -18.571 4.827   1.00 45.72 ? 2006 HOH A O   1 
HETATM 774 O O   . HOH C 3 .  ? 7.854   -16.956 7.151   1.00 67.38 ? 2007 HOH A O   1 
HETATM 775 O O   . HOH C 3 .  ? 5.089   -14.303 7.295   1.00 55.95 ? 2008 HOH A O   1 
HETATM 776 O O   . HOH C 3 .  ? 6.670   -16.707 -8.903  1.00 45.57 ? 2009 HOH A O   1 
HETATM 777 O O   . HOH C 3 .  ? 7.776   -20.066 -7.157  1.00 54.60 ? 2010 HOH A O   1 
HETATM 778 O O   . HOH C 3 .  ? 17.172  -13.364 -7.428  1.00 39.71 ? 2011 HOH A O   1 
HETATM 779 O O   . HOH C 3 .  ? 12.781  -15.778 -8.504  1.00 30.45 ? 2012 HOH A O   1 
HETATM 780 O O   . HOH C 3 .  ? 15.622  -18.898 -2.862  1.00 23.15 ? 2013 HOH A O   1 
HETATM 781 O O   . HOH C 3 .  ? 22.755  -11.169 -12.213 1.00 50.11 ? 2014 HOH A O   1 
HETATM 782 O O   . HOH C 3 .  ? 23.661  -7.055  -2.248  1.00 39.29 ? 2015 HOH A O   1 
HETATM 783 O O   . HOH C 3 .  ? 19.936  -6.087  -5.393  1.00 40.63 ? 2016 HOH A O   1 
HETATM 784 O O   . HOH C 3 .  ? 5.712   -8.880  -7.059  1.00 23.88 ? 2017 HOH A O   1 
HETATM 785 O O   . HOH C 3 .  ? 3.716   -7.911  5.307   1.00 50.06 ? 2018 HOH A O   1 
HETATM 786 O O   . HOH C 3 .  ? 7.981   -10.098 5.346   1.00 34.53 ? 2019 HOH A O   1 
HETATM 787 O O   . HOH C 3 .  ? -6.688  -10.726 -4.227  1.00 35.59 ? 2020 HOH A O   1 
HETATM 788 O O   . HOH C 3 .  ? -2.860  -2.297  -0.485  1.00 33.09 ? 2021 HOH A O   1 
HETATM 789 O O   . HOH C 3 .  ? 7.134   2.548   0.348   1.00 63.02 ? 2022 HOH A O   1 
HETATM 790 O O   . HOH C 3 .  ? 5.081   3.568   -1.949  1.00 44.49 ? 2023 HOH A O   1 
HETATM 791 O O   . HOH C 3 .  ? 10.039  -1.145  -0.774  1.00 34.09 ? 2024 HOH A O   1 
HETATM 792 O O   . HOH C 3 .  ? 13.811  0.044   1.349   1.00 33.02 ? 2025 HOH A O   1 
HETATM 793 O O   . HOH C 3 .  ? 10.703  -1.945  2.685   1.00 36.87 ? 2026 HOH A O   1 
HETATM 794 O O   . HOH C 3 .  ? 22.874  -8.478  4.863   1.00 43.28 ? 2027 HOH A O   1 
HETATM 795 O O   . HOH C 3 .  ? 11.707  -12.135 7.031   1.00 31.37 ? 2028 HOH A O   1 
HETATM 796 O O   . HOH C 3 .  ? 9.576   1.844   2.838   1.00 66.96 ? 2029 HOH A O   1 
HETATM 797 O O   . HOH C 3 .  ? 3.824   3.138   4.881   1.00 37.78 ? 2030 HOH A O   1 
HETATM 798 O O   . HOH C 3 .  ? -3.974  2.324   3.853   1.00 25.13 ? 2031 HOH A O   1 
HETATM 799 O O   . HOH C 3 .  ? -4.058  1.570   7.006   1.00 21.49 ? 2032 HOH A O   1 
HETATM 800 O O   . HOH C 3 .  ? -2.251  8.397   7.447   1.00 30.10 ? 2033 HOH A O   1 
HETATM 801 O O   . HOH C 3 .  ? 2.026   5.111   7.852   1.00 56.75 ? 2034 HOH A O   1 
HETATM 802 O O   . HOH C 3 .  ? 1.888   5.412   5.284   1.00 35.73 ? 2035 HOH A O   1 
HETATM 803 O O   . HOH C 3 .  ? 1.654   10.513  -3.356  1.00 47.47 ? 2036 HOH A O   1 
HETATM 804 O O   . HOH C 3 .  ? -6.740  7.207   -7.082  1.00 30.26 ? 2037 HOH A O   1 
HETATM 805 O O   . HOH C 3 .  ? -8.671  9.130   -8.086  1.00 35.36 ? 2038 HOH A O   1 
HETATM 806 O O   . HOH C 3 .  ? -9.165  16.331  -9.323  1.00 64.35 ? 2039 HOH A O   1 
HETATM 807 O O   . HOH C 3 .  ? -5.092  10.118  -7.269  1.00 41.43 ? 2040 HOH A O   1 
HETATM 808 O O   . HOH C 3 .  ? -3.828  16.420  -0.951  1.00 52.16 ? 2041 HOH A O   1 
HETATM 809 O O   . HOH C 3 .  ? -8.142  18.857  -3.822  1.00 55.84 ? 2042 HOH A O   1 
HETATM 810 O O   . HOH C 3 .  ? -1.794  15.742  -2.392  1.00 53.39 ? 2043 HOH A O   1 
HETATM 811 O O   . HOH C 3 .  ? -4.207  16.462  1.540   1.00 34.96 ? 2044 HOH A O   1 
HETATM 812 O O   . HOH C 3 .  ? -1.414  13.442  2.165   1.00 46.44 ? 2045 HOH A O   1 
HETATM 813 O O   . HOH C 3 .  ? -9.003  17.996  -1.558  1.00 30.12 ? 2046 HOH A O   1 
HETATM 814 O O   . HOH C 3 .  ? -6.360  12.861  9.964   1.00 26.70 ? 2047 HOH A O   1 
HETATM 815 O O   . HOH C 3 .  ? -4.150  9.827   10.924  1.00 24.39 ? 2048 HOH A O   1 
HETATM 816 O O   . HOH C 3 .  ? -6.026  16.451  3.945   1.00 35.95 ? 2049 HOH A O   1 
HETATM 817 O O   . HOH C 3 .  ? -3.358  15.826  5.758   1.00 26.76 ? 2050 HOH A O   1 
HETATM 818 O O   . HOH C 3 .  ? -13.969 17.126  8.226   1.00 29.28 ? 2051 HOH A O   1 
HETATM 819 O O   . HOH C 3 .  ? -8.453  17.456  3.392   1.00 21.96 ? 2052 HOH A O   1 
HETATM 820 O O   . HOH C 3 .  ? -18.784 23.701  5.021   1.00 35.12 ? 2053 HOH A O   1 
HETATM 821 O O   . HOH C 3 .  ? -12.873 19.325  -0.056  1.00 39.60 ? 2054 HOH A O   1 
HETATM 822 O O   . HOH C 3 .  ? -23.833 21.311  -0.116  1.00 42.85 ? 2055 HOH A O   1 
HETATM 823 O O   . HOH C 3 .  ? -15.309 7.302   -4.431  1.00 38.37 ? 2056 HOH A O   1 
HETATM 824 O O   . HOH C 3 .  ? -20.187 6.201   -6.618  1.00 34.59 ? 2057 HOH A O   1 
HETATM 825 O O   . HOH C 3 .  ? -21.359 6.602   -12.648 1.00 33.19 ? 2058 HOH A O   1 
HETATM 826 O O   . HOH C 3 .  ? -27.636 13.942  -11.383 1.00 30.01 ? 2059 HOH A O   1 
HETATM 827 O O   . HOH C 3 .  ? -22.814 20.241  -6.794  1.00 35.34 ? 2060 HOH A O   1 
HETATM 828 O O   . HOH C 3 .  ? -25.087 8.443   -9.362  1.00 17.38 ? 2061 HOH A O   1 
HETATM 829 O O   . HOH C 3 .  ? -23.515 8.066   -5.008  1.00 30.35 ? 2062 HOH A O   1 
HETATM 830 O O   . HOH C 3 .  ? -16.964 13.545  7.246   1.00 54.87 ? 2063 HOH A O   1 
HETATM 831 O O   . HOH C 3 .  ? -18.205 9.992   4.065   1.00 24.37 ? 2064 HOH A O   1 
HETATM 832 O O   . HOH C 3 .  ? -14.660 18.097  4.012   1.00 43.85 ? 2065 HOH A O   1 
HETATM 833 O O   . HOH C 3 .  ? -6.198  1.770   -2.989  1.00 26.24 ? 2066 HOH A O   1 
HETATM 834 O O   . HOH C 3 .  ? -5.951  4.959   -1.936  1.00 23.35 ? 2067 HOH A O   1 
HETATM 835 O O   . HOH C 3 .  ? -19.472 7.439   3.479   1.00 27.26 ? 2068 HOH A O   1 
HETATM 836 O O   . HOH C 3 .  ? -20.878 6.705   -2.155  1.00 44.30 ? 2069 HOH A O   1 
HETATM 837 O O   . HOH C 3 .  ? -17.286 6.354   -3.218  1.00 38.36 ? 2070 HOH A O   1 
# 
loop_
_atom_site_anisotrop.id 
_atom_site_anisotrop.type_symbol 
_atom_site_anisotrop.pdbx_label_atom_id 
_atom_site_anisotrop.pdbx_label_alt_id 
_atom_site_anisotrop.pdbx_label_comp_id 
_atom_site_anisotrop.pdbx_label_asym_id 
_atom_site_anisotrop.pdbx_label_seq_id 
_atom_site_anisotrop.pdbx_PDB_ins_code 
_atom_site_anisotrop.U[1][1] 
_atom_site_anisotrop.U[2][2] 
_atom_site_anisotrop.U[3][3] 
_atom_site_anisotrop.U[1][2] 
_atom_site_anisotrop.U[1][3] 
_atom_site_anisotrop.U[2][3] 
_atom_site_anisotrop.pdbx_auth_seq_id 
_atom_site_anisotrop.pdbx_auth_comp_id 
_atom_site_anisotrop.pdbx_auth_asym_id 
_atom_site_anisotrop.pdbx_auth_atom_id 
1   N N   . ALA A 1  ? 0.1753 0.2839 0.2626 0.0171  0.0536  -0.0073 62  ALA A N   
2   C CA  . ALA A 1  ? 0.1922 0.2625 0.2568 0.0219  0.0297  0.0110  62  ALA A CA  
3   C C   . ALA A 1  ? 0.1804 0.2353 0.2730 0.0028  0.0267  0.0110  62  ALA A C   
4   O O   . ALA A 1  ? 0.1595 0.2463 0.2766 -0.0107 0.0372  0.0044  62  ALA A O   
5   C CB  . ALA A 1  ? 0.2110 0.2633 0.2681 -0.0013 0.0111  0.0139  62  ALA A CB  
6   N N   . GLU A 2  ? 0.1690 0.2522 0.2658 0.0058  0.0477  0.0197  63  GLU A N   
7   C CA  . GLU A 2  ? 0.1936 0.2270 0.2921 0.0041  0.0365  0.0224  63  GLU A CA  
8   C C   . GLU A 2  ? 0.1913 0.2555 0.2694 -0.0041 0.0398  0.0076  63  GLU A C   
9   O O   . GLU A 2  ? 0.1863 0.2230 0.2651 0.0042  0.0427  -0.0100 63  GLU A O   
10  C CB  . GLU A 2  ? 0.2185 0.2081 0.3200 0.0062  0.0519  0.0436  63  GLU A CB  
11  C CG  . GLU A 2  ? 0.2394 0.2127 0.3659 0.0012  0.0754  0.0788  63  GLU A CG  
12  C CD  . GLU A 2  ? 0.3427 0.3299 0.4234 0.0230  0.0454  0.0530  63  GLU A CD  
13  O OE1 . GLU A 2  ? 0.2751 0.3172 0.4991 -0.0126 0.0821  0.0283  63  GLU A OE1 
14  O OE2 . GLU A 2  ? 0.4468 0.4518 0.5258 0.0180  0.0968  0.0376  63  GLU A OE2 
15  N N   . GLU A 3  ? 0.2029 0.2598 0.2747 -0.0019 0.0393  0.0109  64  GLU A N   
16  C CA  . GLU A 3  ? 0.1924 0.2705 0.2824 -0.0143 0.0205  0.0155  64  GLU A CA  
17  C C   . GLU A 3  ? 0.1780 0.2381 0.2730 0.0026  0.0168  0.0141  64  GLU A C   
18  O O   . GLU A 3  ? 0.1530 0.2353 0.3026 -0.0309 0.0225  0.0381  64  GLU A O   
19  C CB  . GLU A 3  ? 0.2271 0.2746 0.2339 -0.0217 0.0335  0.0252  64  GLU A CB  
20  C CG  . GLU A 3  ? 0.2258 0.3812 0.3323 -0.0097 0.0160  0.0107  64  GLU A CG  
21  C CD  . GLU A 3  ? 0.2477 0.3722 0.3511 -0.0216 -0.0013 -0.0044 64  GLU A CD  
22  O OE1 . GLU A 3  ? 0.3118 0.4598 0.5050 -0.1278 -0.0406 -0.0210 64  GLU A OE1 
23  O OE2 . GLU A 3  ? 0.2224 0.4165 0.3054 0.0093  -0.0019 -0.0627 64  GLU A OE2 
24  N N   . THR A 4  ? 0.1613 0.1947 0.2565 0.0031  0.0154  0.0190  65  THR A N   
25  C CA  . THR A 4  ? 0.1708 0.2020 0.2560 0.0014  0.0177  0.0062  65  THR A CA  
26  C C   . THR A 4  ? 0.1778 0.1647 0.2432 0.0051  0.0204  0.0064  65  THR A C   
27  O O   . THR A 4  ? 0.1501 0.1776 0.2520 0.0000  0.0312  0.0216  65  THR A O   
28  C CB  . THR A 4  ? 0.1788 0.2083 0.2680 0.0030  0.0101  0.0147  65  THR A CB  
29  O OG1 . THR A 4  ? 0.1849 0.1542 0.3058 0.0106  0.0365  -0.0228 65  THR A OG1 
30  C CG2 . THR A 4  ? 0.1998 0.1860 0.2074 -0.0050 0.0267  -0.0234 65  THR A CG2 
31  N N   . CYS A 5  ? 0.1551 0.1858 0.2244 0.0137  0.0301  0.0131  66  CYS A N   
32  C CA  . CYS A 5  ? 0.1490 0.1683 0.2308 -0.0009 0.0232  0.0204  66  CYS A CA  
33  C C   . CYS A 5  ? 0.1711 0.1887 0.2125 0.0118  0.0200  0.0110  66  CYS A C   
34  O O   . CYS A 5  ? 0.1795 0.2319 0.2169 0.0000  -0.0003 0.0094  66  CYS A O   
35  C CB  . CYS A 5  ? 0.1568 0.1411 0.2336 0.0195  0.0260  0.0235  66  CYS A CB  
36  S SG  . CYS A 5  ? 0.1813 0.1923 0.2112 0.0173  0.0152  0.0096  66  CYS A SG  
37  N N   . PHE A 6  ? 0.1617 0.1610 0.2450 -0.0002 0.0171  0.0123  67  PHE A N   
38  C CA  . PHE A 6  ? 0.1774 0.1408 0.2508 -0.0011 0.0146  0.0025  67  PHE A CA  
39  C C   . PHE A 6  ? 0.1765 0.1495 0.2300 -0.0124 0.0203  0.0093  67  PHE A C   
40  O O   . PHE A 6  ? 0.1797 0.1924 0.2579 -0.0021 -0.0040 0.0256  67  PHE A O   
41  C CB  . PHE A 6  ? 0.2159 0.1790 0.2972 -0.0186 -0.0032 0.0104  67  PHE A CB  
42  C CG  . PHE A 6  ? 0.2129 0.2170 0.3300 0.0151  -0.0109 0.0033  67  PHE A CG  
43  C CD1 . PHE A 6  ? 0.3151 0.1758 0.3795 0.0084  -0.0275 -0.0486 67  PHE A CD1 
44  C CD2 . PHE A 6  ? 0.2620 0.1869 0.4223 0.0007  -0.0375 -0.0034 67  PHE A CD2 
45  C CE1 . PHE A 6  ? 0.3264 0.2219 0.4368 -0.0051 -0.0112 -0.0665 67  PHE A CE1 
46  C CE2 . PHE A 6  ? 0.2611 0.2115 0.4050 -0.0687 -0.0643 -0.0489 67  PHE A CE2 
47  C CZ  . PHE A 6  ? 0.2943 0.2085 0.3869 -0.0321 -0.0055 -0.0372 67  PHE A CZ  
48  N N   . ASP A 7  ? 0.1605 0.1599 0.2395 -0.0012 0.0166  0.0112  68  ASP A N   
49  C CA  . ASP A 7  ? 0.1737 0.1947 0.2544 0.0038  0.0230  0.0283  68  ASP A CA  
50  C C   . ASP A 7  ? 0.2074 0.2341 0.2622 0.0016  0.0157  0.0239  68  ASP A C   
51  O O   . ASP A 7  ? 0.1963 0.2127 0.2979 -0.0309 0.0151  0.0141  68  ASP A O   
52  C CB  . ASP A 7  ? 0.1795 0.1880 0.2382 0.0273  0.0145  0.0079  68  ASP A CB  
53  C CG  . ASP A 7  ? 0.2186 0.2668 0.3026 -0.0061 0.0120  -0.0020 68  ASP A CG  
54  O OD1 . ASP A 7  ? 0.1761 0.2764 0.3410 0.0483  0.0129  -0.0355 68  ASP A OD1 
55  O OD2 . ASP A 7  ? 0.2034 0.2331 0.2906 -0.0307 0.0360  -0.0233 68  ASP A OD2 
56  N N   . LYS A 8  ? 0.2208 0.2390 0.3402 -0.0034 0.0092  0.0382  69  LYS A N   
57  C CA  . LYS A 8  ? 0.2688 0.3008 0.3524 -0.0190 0.0068  0.0297  69  LYS A CA  
58  C C   . LYS A 8  ? 0.2632 0.2905 0.3653 -0.0180 0.0040  0.0159  69  LYS A C   
59  O O   . LYS A 8  ? 0.2697 0.3059 0.3975 -0.0261 -0.0002 0.0141  69  LYS A O   
60  C CB  . LYS A 8  ? 0.2922 0.2840 0.3493 -0.0260 0.0339  0.0394  69  LYS A CB  
61  C CG  . LYS A 8  ? 0.2847 0.3367 0.2980 -0.0229 0.0449  0.0457  69  LYS A CG  
62  C CD  . LYS A 8  ? 0.3493 0.3719 0.3532 -0.0335 0.0332  0.0468  69  LYS A CD  
63  C CE  . LYS A 8  ? 0.5116 0.5176 0.4130 -0.0241 0.0001  0.0162  69  LYS A CE  
64  N NZ  . LYS A 8  ? 0.5667 0.5674 0.4418 -0.0549 0.0565  0.0509  69  LYS A NZ  
65  N N   . TYR A 9  ? 0.2735 0.2918 0.3552 -0.0205 0.0090  -0.0015 70  TYR A N   
66  C CA  . TYR A 9  ? 0.2846 0.3032 0.3369 -0.0228 0.0058  -0.0019 70  TYR A CA  
67  C C   . TYR A 9  ? 0.2670 0.3037 0.3335 -0.0225 -0.0015 -0.0041 70  TYR A C   
68  O O   . TYR A 9  ? 0.2708 0.3308 0.3666 -0.0363 -0.0289 -0.0036 70  TYR A O   
69  C CB  . TYR A 9  ? 0.2925 0.3023 0.3600 -0.0261 0.0137  0.0091  70  TYR A CB  
70  C CG  . TYR A 9  ? 0.2864 0.3393 0.3400 -0.0207 0.0435  0.0062  70  TYR A CG  
71  C CD1 . TYR A 9  ? 0.3344 0.3597 0.2944 -0.0387 0.0393  0.0304  70  TYR A CD1 
72  C CD2 . TYR A 9  ? 0.3450 0.3440 0.4277 -0.0695 0.0461  0.0357  70  TYR A CD2 
73  C CE1 . TYR A 9  ? 0.3177 0.4028 0.3978 -0.0388 0.0654  0.0416  70  TYR A CE1 
74  C CE2 . TYR A 9  ? 0.3566 0.3862 0.4049 -0.0395 0.0216  0.0062  70  TYR A CE2 
75  C CZ  . TYR A 9  ? 0.4280 0.4028 0.3926 -0.0308 0.0378  0.0191  70  TYR A CZ  
76  O OH  . TYR A 9  ? 0.4627 0.4457 0.3987 -0.0298 0.0705  0.0550  70  TYR A OH  
77  N N   . THR A 10 ? 0.2595 0.2800 0.3360 -0.0163 -0.0045 -0.0066 71  THR A N   
78  C CA  . THR A 10 ? 0.2220 0.2489 0.3116 -0.0222 -0.0116 -0.0264 71  THR A CA  
79  C C   . THR A 10 ? 0.2738 0.2665 0.3191 -0.0205 -0.0121 -0.0200 71  THR A C   
80  O O   . THR A 10 ? 0.2906 0.2764 0.3472 -0.0160 -0.0321 -0.0542 71  THR A O   
81  C CB  . THR A 10 ? 0.2173 0.2477 0.3051 -0.0189 -0.0249 -0.0310 71  THR A CB  
82  O OG1 . THR A 10 ? 0.1709 0.2300 0.3137 0.0039  -0.0255 -0.0679 71  THR A OG1 
83  C CG2 . THR A 10 ? 0.2260 0.1659 0.3046 0.0050  -0.0061 -0.0532 71  THR A CG2 
84  N N   . GLY A 11 ? 0.2834 0.2352 0.3376 0.0019  -0.0091 -0.0259 72  GLY A N   
85  C CA  . GLY A 11 ? 0.2947 0.2449 0.3169 0.0065  0.0067  -0.0374 72  GLY A CA  
86  C C   . GLY A 11 ? 0.2845 0.2209 0.3104 0.0081  0.0050  -0.0364 72  GLY A C   
87  O O   . GLY A 11 ? 0.3177 0.2423 0.3338 0.0191  -0.0015 -0.0493 72  GLY A O   
88  N N   . ASN A 12 ? 0.2660 0.2309 0.2651 -0.0121 -0.0090 -0.0207 73  ASN A N   
89  C CA  . ASN A 12 ? 0.2434 0.2218 0.2634 0.0182  0.0022  -0.0270 73  ASN A CA  
90  C C   . ASN A 12 ? 0.2362 0.2152 0.2517 0.0156  0.0007  -0.0255 73  ASN A C   
91  O O   . ASN A 12 ? 0.2207 0.2275 0.2343 0.0224  0.0044  -0.0224 73  ASN A O   
92  C CB  . ASN A 12 ? 0.2693 0.2387 0.2657 0.0341  -0.0245 -0.0111 73  ASN A CB  
93  C CG  . ASN A 12 ? 0.3440 0.2540 0.2741 0.0273  -0.0415 -0.0398 73  ASN A CG  
94  O OD1 . ASN A 12 ? 0.4255 0.2805 0.3484 0.0415  -0.0532 -0.0458 73  ASN A OD1 
95  N ND2 . ASN A 12 ? 0.3994 0.2715 0.3651 0.0687  -0.0731 -0.0498 73  ASN A ND2 
96  N N   . THR A 13 ? 0.2006 0.1926 0.2724 0.0323  -0.0023 -0.0118 74  THR A N   
97  C CA  . THR A 13 ? 0.2239 0.1841 0.2732 0.0295  0.0173  -0.0161 74  THR A CA  
98  C C   . THR A 13 ? 0.2328 0.2016 0.2555 0.0325  0.0120  0.0014  74  THR A C   
99  O O   . THR A 13 ? 0.2918 0.2168 0.2487 0.0335  0.0209  0.0126  74  THR A O   
100 C CB  . THR A 13 ? 0.2212 0.2210 0.3011 0.0394  0.0253  -0.0008 74  THR A CB  
101 O OG1 . THR A 13 ? 0.2659 0.1778 0.3620 0.0422  0.0150  0.0028  74  THR A OG1 
102 C CG2 . THR A 13 ? 0.2330 0.2505 0.3038 0.0218  0.0025  0.0127  74  THR A CG2 
103 N N   . TYR A 14 ? 0.1864 0.1760 0.2101 0.0269  0.0282  0.0018  75  TYR A N   
104 C CA  . TYR A 14 ? 0.1731 0.1614 0.2169 0.0132  0.0247  -0.0132 75  TYR A CA  
105 C C   . TYR A 14 ? 0.1816 0.1812 0.2173 0.0053  0.0217  0.0118  75  TYR A C   
106 O O   . TYR A 14 ? 0.1829 0.2075 0.2352 0.0009  0.0254  0.0340  75  TYR A O   
107 C CB  . TYR A 14 ? 0.1512 0.1778 0.2178 0.0329  0.0180  -0.0093 75  TYR A CB  
108 C CG  . TYR A 14 ? 0.1662 0.1508 0.1792 -0.0124 0.0101  -0.0070 75  TYR A CG  
109 C CD1 . TYR A 14 ? 0.1936 0.1897 0.1917 0.0269  0.0063  -0.0144 75  TYR A CD1 
110 C CD2 . TYR A 14 ? 0.1731 0.1449 0.1793 -0.0377 0.0434  -0.0325 75  TYR A CD2 
111 C CE1 . TYR A 14 ? 0.1881 0.2068 0.1823 0.0249  0.0032  -0.0468 75  TYR A CE1 
112 C CE2 . TYR A 14 ? 0.2011 0.1759 0.2338 0.0344  -0.0051 0.0004  75  TYR A CE2 
113 C CZ  . TYR A 14 ? 0.2152 0.1871 0.1745 0.0362  0.0001  -0.0233 75  TYR A CZ  
114 O OH  . TYR A 14 ? 0.1958 0.2000 0.2546 0.0291  0.0097  -0.0561 75  TYR A OH  
115 N N   A ARG A 15 ? 0.1973 0.2001 0.2122 -0.0005 0.0353  0.0077  76  ARG A N   
116 N N   B ARG A 15 ? 0.1970 0.1959 0.2102 -0.0031 0.0353  0.0116  76  ARG A N   
117 C CA  A ARG A 15 ? 0.2177 0.2149 0.2067 -0.0091 0.0424  0.0078  76  ARG A CA  
118 C CA  B ARG A 15 ? 0.2230 0.2092 0.2081 -0.0086 0.0392  0.0134  76  ARG A CA  
119 C C   A ARG A 15 ? 0.2232 0.2190 0.2171 0.0020  0.0401  0.0142  76  ARG A C   
120 C C   B ARG A 15 ? 0.2237 0.2157 0.2110 0.0001  0.0408  0.0192  76  ARG A C   
121 O O   A ARG A 15 ? 0.2392 0.2249 0.2516 0.0000  0.0532  0.0074  76  ARG A O   
122 O O   B ARG A 15 ? 0.2430 0.2276 0.2332 -0.0035 0.0575  0.0110  76  ARG A O   
123 C CB  A ARG A 15 ? 0.2352 0.2417 0.2138 -0.0077 0.0423  -0.0070 76  ARG A CB  
124 C CB  B ARG A 15 ? 0.2259 0.2112 0.1964 -0.0154 0.0459  0.0166  76  ARG A CB  
125 C CG  A ARG A 15 ? 0.2605 0.2891 0.2065 -0.0153 0.0454  -0.0236 76  ARG A CG  
126 C CG  B ARG A 15 ? 0.3052 0.2469 0.2515 0.0050  0.0065  -0.0226 76  ARG A CG  
127 C CD  A ARG A 15 ? 0.4061 0.3940 0.3527 0.0156  0.0254  -0.0101 76  ARG A CD  
128 C CD  B ARG A 15 ? 0.3906 0.3008 0.3744 -0.0087 0.0138  -0.0422 76  ARG A CD  
129 N NE  A ARG A 15 ? 0.3649 0.4211 0.3846 -0.0250 0.0291  -0.0304 76  ARG A NE  
130 N NE  B ARG A 15 ? 0.4369 0.3933 0.4793 -0.0147 -0.0135 -0.0471 76  ARG A NE  
131 C CZ  A ARG A 15 ? 0.4210 0.4639 0.4043 -0.0047 0.0127  -0.0064 76  ARG A CZ  
132 C CZ  B ARG A 15 ? 0.4581 0.4326 0.5108 -0.0172 -0.0135 -0.0450 76  ARG A CZ  
133 N NH1 A ARG A 15 ? 0.4171 0.5054 0.3552 -0.0299 0.0284  -0.0032 76  ARG A NH1 
134 N NH1 B ARG A 15 ? 0.4702 0.4680 0.5166 -0.0199 0.0153  -0.0482 76  ARG A NH1 
135 N NH2 A ARG A 15 ? 0.3999 0.4642 0.3663 -0.0125 0.0308  0.0126  76  ARG A NH2 
136 N NH2 B ARG A 15 ? 0.4274 0.3936 0.5030 -0.0238 -0.0576 -0.0179 76  ARG A NH2 
137 N N   . VAL A 16 ? 0.2275 0.2353 0.1995 0.0076  0.0394  -0.0019 77  VAL A N   
138 C CA  . VAL A 16 ? 0.2453 0.2089 0.2313 0.0109  0.0141  0.0158  77  VAL A CA  
139 C C   . VAL A 16 ? 0.2691 0.2431 0.2466 -0.0035 0.0238  0.0291  77  VAL A C   
140 O O   . VAL A 16 ? 0.2981 0.2436 0.2672 -0.0117 0.0451  0.0387  77  VAL A O   
141 C CB  . VAL A 16 ? 0.2371 0.2518 0.1963 0.0219  0.0143  0.0072  77  VAL A CB  
142 C CG1 . VAL A 16 ? 0.3296 0.2739 0.2735 -0.0005 0.0208  0.0245  77  VAL A CG1 
143 C CG2 . VAL A 16 ? 0.2166 0.1986 0.2515 -0.0082 0.0388  0.0126  77  VAL A CG2 
144 N N   . GLY A 17 ? 0.3094 0.1628 0.2597 0.0130  0.0118  0.0474  78  GLY A N   
145 C CA  . GLY A 17 ? 0.3371 0.1855 0.2793 0.0048  0.0081  0.0419  78  GLY A CA  
146 C C   . GLY A 17 ? 0.3409 0.1871 0.2654 0.0081  0.0023  0.0266  78  GLY A C   
147 O O   . GLY A 17 ? 0.3997 0.1814 0.2820 -0.0075 -0.0015 0.0365  78  GLY A O   
148 N N   . ASP A 18 ? 0.3186 0.2188 0.2471 -0.0053 0.0094  0.0291  79  ASP A N   
149 C CA  . ASP A 18 ? 0.2995 0.2098 0.2153 -0.0071 0.0149  0.0190  79  ASP A CA  
150 C C   . ASP A 18 ? 0.2907 0.1820 0.1857 0.0110  0.0150  0.0045  79  ASP A C   
151 O O   . ASP A 18 ? 0.2879 0.2120 0.1524 0.0323  0.0206  0.0099  79  ASP A O   
152 C CB  . ASP A 18 ? 0.3051 0.2290 0.1662 -0.0111 0.0246  0.0194  79  ASP A CB  
153 C CG  . ASP A 18 ? 0.3765 0.2579 0.2646 -0.0119 0.0222  -0.0074 79  ASP A CG  
154 O OD1 . ASP A 18 ? 0.3599 0.2828 0.2817 -0.0151 0.0786  0.0372  79  ASP A OD1 
155 O OD2 . ASP A 18 ? 0.4406 0.2443 0.2079 0.0455  0.0485  0.0084  79  ASP A OD2 
156 N N   . THR A 19 ? 0.3036 0.1922 0.1896 0.0129  -0.0083 0.0059  80  THR A N   
157 C CA  . THR A 19 ? 0.3005 0.2096 0.1891 0.0108  -0.0039 0.0122  80  THR A CA  
158 C C   . THR A 19 ? 0.2961 0.2102 0.1703 0.0012  0.0069  0.0043  80  THR A C   
159 O O   . THR A 19 ? 0.3340 0.2445 0.1610 0.0070  0.0146  0.0037  80  THR A O   
160 C CB  . THR A 19 ? 0.3228 0.2311 0.2178 0.0075  -0.0054 0.0129  80  THR A CB  
161 O OG1 . THR A 19 ? 0.3015 0.2316 0.1846 0.0076  0.0108  0.0376  80  THR A OG1 
162 C CG2 . THR A 19 ? 0.3523 0.2014 0.1799 0.0107  -0.0293 -0.0018 80  THR A CG2 
163 N N   . TYR A 20 ? 0.2839 0.1888 0.1718 0.0333  0.0064  0.0094  81  TYR A N   
164 C CA  . TYR A 20 ? 0.2745 0.1995 0.1995 0.0292  0.0064  0.0059  81  TYR A CA  
165 C C   . TYR A 20 ? 0.2856 0.2459 0.2150 0.0298  0.0088  0.0058  81  TYR A C   
166 O O   . TYR A 20 ? 0.2667 0.2941 0.1932 0.0280  0.0048  -0.0156 81  TYR A O   
167 C CB  . TYR A 20 ? 0.2892 0.1970 0.2062 0.0120  0.0198  0.0145  81  TYR A CB  
168 C CG  . TYR A 20 ? 0.2446 0.1802 0.1585 0.0055  0.0348  0.0373  81  TYR A CG  
169 C CD1 . TYR A 20 ? 0.2134 0.1840 0.2071 0.0329  0.0184  -0.0152 81  TYR A CD1 
170 C CD2 . TYR A 20 ? 0.2562 0.1551 0.1777 0.0106  0.0248  0.0079  81  TYR A CD2 
171 C CE1 . TYR A 20 ? 0.1699 0.1835 0.1764 0.0189  0.0064  0.0147  81  TYR A CE1 
172 C CE2 . TYR A 20 ? 0.2253 0.1587 0.1736 0.0095  0.0339  -0.0219 81  TYR A CE2 
173 C CZ  . TYR A 20 ? 0.2542 0.1798 0.2221 0.0053  0.0300  -0.0096 81  TYR A CZ  
174 O OH  . TYR A 20 ? 0.2629 0.2015 0.1818 0.0278  0.0216  0.0095  81  TYR A OH  
175 N N   . GLU A 21 ? 0.2765 0.2412 0.2308 0.0376  0.0057  -0.0201 82  GLU A N   
176 C CA  . GLU A 21 ? 0.2696 0.2841 0.2716 0.0533  -0.0039 -0.0043 82  GLU A CA  
177 C C   . GLU A 21 ? 0.2742 0.2893 0.2816 0.0454  0.0007  -0.0216 82  GLU A C   
178 O O   . GLU A 21 ? 0.2935 0.3100 0.2978 0.0552  0.0069  -0.0372 82  GLU A O   
179 C CB  . GLU A 21 ? 0.3073 0.3017 0.2791 0.0448  -0.0015 -0.0187 82  GLU A CB  
180 C CG  . GLU A 21 ? 0.3461 0.3184 0.3377 0.0667  -0.0106 0.0331  82  GLU A CG  
181 C CD  . GLU A 21 ? 0.4067 0.4007 0.4209 0.0378  -0.0783 0.0215  82  GLU A CD  
182 O OE1 . GLU A 21 ? 0.4283 0.4564 0.4640 0.0654  -0.0816 0.0129  82  GLU A OE1 
183 O OE2 . GLU A 21 ? 0.4740 0.4172 0.4463 0.0592  -0.0627 0.0504  82  GLU A OE2 
184 N N   . ARG A 22 ? 0.2531 0.2863 0.2883 0.0546  0.0051  -0.0304 83  ARG A N   
185 C CA  . ARG A 22 ? 0.2447 0.2971 0.3192 0.0313  0.0074  -0.0362 83  ARG A CA  
186 C C   . ARG A 22 ? 0.3008 0.3411 0.3434 0.0203  0.0057  -0.0444 83  ARG A C   
187 O O   . ARG A 22 ? 0.2919 0.3430 0.3286 0.0092  0.0141  -0.0723 83  ARG A O   
188 C CB  . ARG A 22 ? 0.2533 0.2780 0.3270 0.0325  0.0213  -0.0263 83  ARG A CB  
189 C CG  . ARG A 22 ? 0.2405 0.2884 0.4198 0.0405  0.0495  -0.0149 83  ARG A CG  
190 C CD  . ARG A 22 ? 0.4395 0.3819 0.4385 -0.0511 0.0636  0.0248  83  ARG A CD  
191 N NE  . ARG A 22 ? 0.5485 0.3882 0.4508 -0.0838 0.0693  -0.0101 83  ARG A NE  
192 C CZ  . ARG A 22 ? 0.4887 0.3700 0.4716 -0.0282 0.0678  -0.0404 83  ARG A CZ  
193 N NH1 . ARG A 22 ? 0.4296 0.3656 0.4439 -0.1225 0.1397  -0.0159 83  ARG A NH1 
194 N NH2 . ARG A 22 ? 0.5213 0.4719 0.3445 -0.0046 0.1467  -0.0375 83  ARG A NH2 
195 N N   . PRO A 23 ? 0.3555 0.3676 0.3559 0.0131  0.0075  -0.0331 84  PRO A N   
196 C CA  . PRO A 23 ? 0.3679 0.3771 0.3710 0.0056  0.0125  -0.0188 84  PRO A CA  
197 C C   . PRO A 23 ? 0.3807 0.3968 0.4150 0.0031  0.0237  -0.0088 84  PRO A C   
198 O O   . PRO A 23 ? 0.3919 0.4181 0.4449 0.0112  0.0349  -0.0114 84  PRO A O   
199 C CB  . PRO A 23 ? 0.3704 0.3800 0.3910 -0.0030 0.0138  -0.0209 84  PRO A CB  
200 C CG  . PRO A 23 ? 0.3934 0.4147 0.3552 -0.0009 0.0042  -0.0232 84  PRO A CG  
201 C CD  . PRO A 23 ? 0.3649 0.3954 0.3850 0.0165  0.0218  -0.0260 84  PRO A CD  
202 N N   . LYS A 24 ? 0.3961 0.4141 0.4269 0.0013  0.0281  0.0036  85  LYS A N   
203 C CA  . LYS A 24 ? 0.4003 0.4286 0.4352 0.0134  0.0382  0.0273  85  LYS A CA  
204 C C   . LYS A 24 ? 0.4042 0.4404 0.4463 0.0208  0.0267  0.0280  85  LYS A C   
205 O O   . LYS A 24 ? 0.4019 0.4406 0.4305 0.0389  0.0371  0.0346  85  LYS A O   
206 C CB  . LYS A 24 ? 0.3844 0.4378 0.4558 0.0130  0.0445  0.0265  85  LYS A CB  
207 C CG  . LYS A 24 ? 0.4377 0.4518 0.4457 0.0025  0.0350  0.0497  85  LYS A CG  
208 C CD  . LYS A 24 ? 0.4619 0.5083 0.4972 -0.0181 -0.0019 0.0266  85  LYS A CD  
209 C CE  . LYS A 24 ? 0.5046 0.5355 0.5478 -0.0192 -0.0212 0.0092  85  LYS A CE  
210 N NZ  . LYS A 24 ? 0.4662 0.5393 0.5404 0.0108  -0.0258 -0.0169 85  LYS A NZ  
211 N N   . ASP A 25 ? 0.4291 0.4609 0.4652 0.0255  0.0207  0.0339  86  ASP A N   
212 C CA  . ASP A 25 ? 0.4456 0.4786 0.4796 0.0141  0.0085  0.0288  86  ASP A CA  
213 C C   . ASP A 25 ? 0.4455 0.4693 0.4707 0.0113  0.0074  0.0266  86  ASP A C   
214 O O   . ASP A 25 ? 0.4442 0.4947 0.4946 -0.0046 0.0099  0.0332  86  ASP A O   
215 C CB  . ASP A 25 ? 0.4495 0.4781 0.4678 0.0219  0.0204  0.0460  86  ASP A CB  
216 C CG  . ASP A 25 ? 0.5137 0.5208 0.5175 0.0236  -0.0031 0.0273  86  ASP A CG  
217 O OD1 . ASP A 25 ? 0.5803 0.5818 0.5595 0.0374  -0.0103 0.0470  86  ASP A OD1 
218 O OD2 . ASP A 25 ? 0.5525 0.5988 0.5682 0.0444  -0.0423 0.0699  86  ASP A OD2 
219 N N   . SER A 26 ? 0.4485 0.4793 0.4815 -0.0033 -0.0093 0.0141  87  SER A N   
220 C CA  . SER A 26 ? 0.4494 0.4691 0.4795 -0.0036 -0.0127 0.0093  87  SER A CA  
221 C C   . SER A 26 ? 0.4300 0.4535 0.4625 0.0010  -0.0075 0.0012  87  SER A C   
222 O O   . SER A 26 ? 0.4365 0.4854 0.4760 0.0116  -0.0267 0.0115  87  SER A O   
223 C CB  . SER A 26 ? 0.4684 0.4749 0.5000 -0.0124 -0.0141 -0.0026 87  SER A CB  
224 O OG  . SER A 26 ? 0.5495 0.5576 0.5796 -0.0130 -0.0179 0.0190  87  SER A OG  
225 N N   A MET A 27 ? 0.3889 0.4359 0.4297 0.0003  0.0032  0.0045  88  MET A N   
226 N N   B MET A 27 ? 0.4000 0.4418 0.4339 0.0022  -0.0049 -0.0027 88  MET A N   
227 C CA  A MET A 27 ? 0.3666 0.4052 0.4077 -0.0054 0.0240  -0.0022 88  MET A CA  
228 C CA  B MET A 27 ? 0.3940 0.4193 0.4190 -0.0008 0.0039  -0.0205 88  MET A CA  
229 C C   A MET A 27 ? 0.3523 0.3958 0.3918 0.0032  0.0190  -0.0041 88  MET A C   
230 C C   B MET A 27 ? 0.3623 0.4026 0.3959 0.0056  0.0070  -0.0150 88  MET A C   
231 O O   A MET A 27 ? 0.3516 0.3844 0.3886 -0.0008 0.0310  -0.0023 88  MET A O   
232 O O   B MET A 27 ? 0.3633 0.4014 0.4072 0.0066  0.0064  -0.0217 88  MET A O   
233 C CB  A MET A 27 ? 0.3466 0.4048 0.3970 -0.0097 0.0268  -0.0025 88  MET A CB  
234 C CB  B MET A 27 ? 0.3777 0.4218 0.4048 -0.0027 0.0069  -0.0184 88  MET A CB  
235 C CG  A MET A 27 ? 0.3844 0.4142 0.4147 -0.0192 0.0311  -0.0051 88  MET A CG  
236 C CG  B MET A 27 ? 0.4264 0.4355 0.4282 -0.0061 0.0066  -0.0310 88  MET A CG  
237 S SD  A MET A 27 ? 0.3591 0.3751 0.4168 -0.0288 0.0604  0.0182  88  MET A SD  
238 S SD  B MET A 27 ? 0.4583 0.4273 0.4576 -0.0161 -0.0044 -0.0471 88  MET A SD  
239 C CE  A MET A 27 ? 0.3149 0.3687 0.4270 -0.0583 0.0437  -0.0027 88  MET A CE  
240 C CE  B MET A 27 ? 0.4085 0.4452 0.4102 0.0070  0.0263  -0.0533 88  MET A CE  
241 N N   . ILE A 28 ? 0.3389 0.3874 0.3782 0.0086  0.0116  -0.0145 89  ILE A N   
242 C CA  . ILE A 28 ? 0.3092 0.3710 0.3518 0.0334  0.0035  -0.0228 89  ILE A CA  
243 C C   . ILE A 28 ? 0.3060 0.3326 0.3187 0.0382  -0.0160 -0.0295 89  ILE A C   
244 O O   . ILE A 28 ? 0.2914 0.3470 0.3401 0.0801  -0.0385 -0.0321 89  ILE A O   
245 C CB  . ILE A 28 ? 0.3090 0.3797 0.3421 0.0142  -0.0013 -0.0219 89  ILE A CB  
246 C CG1 . ILE A 28 ? 0.2928 0.4192 0.3666 0.0459  -0.0061 -0.0408 89  ILE A CG1 
247 C CG2 . ILE A 28 ? 0.3198 0.4266 0.3957 0.0397  0.0198  0.0055  89  ILE A CG2 
248 C CD1 . ILE A 28 ? 0.3264 0.4087 0.3319 0.0591  -0.0023 -0.0489 89  ILE A CD1 
249 N N   . TRP A 29 ? 0.2527 0.2843 0.2619 0.0570  -0.0161 -0.0447 90  TRP A N   
250 C CA  . TRP A 29 ? 0.2537 0.2618 0.2580 0.0367  -0.0164 -0.0151 90  TRP A CA  
251 C C   . TRP A 29 ? 0.2432 0.2328 0.2281 0.0360  -0.0170 -0.0211 90  TRP A C   
252 O O   . TRP A 29 ? 0.2661 0.2768 0.2386 0.0425  0.0002  -0.0201 90  TRP A O   
253 C CB  . TRP A 29 ? 0.2664 0.2974 0.2521 0.0143  0.0224  0.0036  90  TRP A CB  
254 C CG  . TRP A 29 ? 0.2786 0.3031 0.2971 -0.0168 -0.0012 0.0039  90  TRP A CG  
255 C CD1 . TRP A 29 ? 0.2952 0.4428 0.3142 -0.0376 0.0234  0.0405  90  TRP A CD1 
256 C CD2 . TRP A 29 ? 0.2845 0.4375 0.3384 -0.0009 -0.0007 0.0128  90  TRP A CD2 
257 N NE1 . TRP A 29 ? 0.3085 0.4938 0.3568 -0.0249 0.0239  0.0157  90  TRP A NE1 
258 C CE2 . TRP A 29 ? 0.3241 0.4530 0.3277 -0.0521 0.0141  -0.0077 90  TRP A CE2 
259 C CE3 . TRP A 29 ? 0.3505 0.3731 0.3355 -0.0173 -0.0118 -0.0105 90  TRP A CE3 
260 C CZ2 . TRP A 29 ? 0.3776 0.4628 0.3332 -0.0391 0.0000  0.0013  90  TRP A CZ2 
261 C CZ3 . TRP A 29 ? 0.2842 0.4127 0.3211 -0.0161 0.0271  0.0281  90  TRP A CZ3 
262 C CH2 . TRP A 29 ? 0.3269 0.4068 0.2843 -0.0446 0.0109  0.0237  90  TRP A CH2 
263 N N   . ASP A 30 ? 0.2387 0.1866 0.2392 0.0470  -0.0159 -0.0298 91  ASP A N   
264 C CA  . ASP A 30 ? 0.2502 0.1983 0.2084 0.0535  -0.0150 -0.0141 91  ASP A CA  
265 C C   . ASP A 30 ? 0.2325 0.2019 0.1954 0.0538  -0.0121 -0.0103 91  ASP A C   
266 O O   . ASP A 30 ? 0.2402 0.1951 0.1962 0.0348  -0.0024 -0.0060 91  ASP A O   
267 C CB  . ASP A 30 ? 0.2611 0.2062 0.2154 0.0705  -0.0354 0.0040  91  ASP A CB  
268 C CG  . ASP A 30 ? 0.3606 0.2574 0.2648 0.0851  -0.0803 -0.0412 91  ASP A CG  
269 O OD1 . ASP A 30 ? 0.4623 0.3470 0.2948 0.0941  -0.0694 -0.0081 91  ASP A OD1 
270 O OD2 . ASP A 30 ? 0.4659 0.3508 0.4512 0.0942  -0.1186 -0.0684 91  ASP A OD2 
271 N N   . CYS A 31 ? 0.2517 0.1773 0.1878 0.0570  -0.0079 -0.0171 92  CYS A N   
272 C CA  . CYS A 31 ? 0.2080 0.2000 0.1945 0.0413  -0.0034 -0.0047 92  CYS A CA  
273 C C   . CYS A 31 ? 0.2281 0.2123 0.1883 0.0430  0.0118  0.0024  92  CYS A C   
274 O O   . CYS A 31 ? 0.2804 0.2007 0.1731 0.0345  0.0043  -0.0048 92  CYS A O   
275 C CB  . CYS A 31 ? 0.2523 0.2164 0.1775 0.0443  0.0272  0.0037  92  CYS A CB  
276 S SG  . CYS A 31 ? 0.2640 0.2345 0.2305 0.0588  -0.0060 0.0014  92  CYS A SG  
277 N N   . THR A 32 ? 0.2165 0.2097 0.1947 0.0573  0.0129  -0.0076 93  THR A N   
278 C CA  . THR A 32 ? 0.2216 0.1988 0.2037 0.0466  0.0024  0.0287  93  THR A CA  
279 C C   . THR A 32 ? 0.2009 0.1890 0.1849 0.0467  0.0223  0.0306  93  THR A C   
280 O O   . THR A 32 ? 0.2306 0.1914 0.1583 0.0529  0.0231  0.0136  93  THR A O   
281 C CB  . THR A 32 ? 0.2346 0.2058 0.2308 0.0456  -0.0011 0.0226  93  THR A CB  
282 O OG1 . THR A 32 ? 0.3324 0.1740 0.2506 0.0687  -0.0031 -0.0060 93  THR A OG1 
283 C CG2 . THR A 32 ? 0.2608 0.2067 0.2368 0.0031  0.0143  0.0559  93  THR A CG2 
284 N N   . CYS A 33 ? 0.2158 0.1650 0.2152 0.0503  0.0136  0.0072  94  CYS A N   
285 C CA  . CYS A 33 ? 0.2087 0.2000 0.2084 0.0341  0.0266  0.0051  94  CYS A CA  
286 C C   . CYS A 33 ? 0.2378 0.1962 0.2102 0.0250  0.0101  0.0001  94  CYS A C   
287 O O   . CYS A 33 ? 0.2362 0.2128 0.1927 0.0106  0.0004  0.0045  94  CYS A O   
288 C CB  . CYS A 33 ? 0.1994 0.1939 0.2025 0.0248  0.0440  0.0014  94  CYS A CB  
289 S SG  . CYS A 33 ? 0.1946 0.1811 0.2384 0.0316  0.0210  0.0009  94  CYS A SG  
290 N N   . ILE A 34 ? 0.2503 0.2084 0.2204 0.0139  -0.0155 0.0027  95  ILE A N   
291 C CA  . ILE A 34 ? 0.3040 0.2646 0.2389 0.0310  -0.0139 -0.0250 95  ILE A CA  
292 C C   . ILE A 34 ? 0.2985 0.2708 0.2281 0.0230  -0.0164 -0.0317 95  ILE A C   
293 O O   . ILE A 34 ? 0.3279 0.3006 0.2650 0.0279  -0.0154 -0.0451 95  ILE A O   
294 C CB  . ILE A 34 ? 0.3014 0.2727 0.2188 0.0245  -0.0023 -0.0083 95  ILE A CB  
295 C CG1 . ILE A 34 ? 0.3935 0.2841 0.2910 0.0298  -0.0050 -0.0222 95  ILE A CG1 
296 C CG2 . ILE A 34 ? 0.3459 0.2463 0.2688 0.0373  -0.0213 -0.0193 95  ILE A CG2 
297 C CD1 . ILE A 34 ? 0.4117 0.2787 0.2876 0.0570  0.0070  -0.0366 95  ILE A CD1 
298 N N   . GLY A 35 ? 0.3079 0.2670 0.2220 0.0276  -0.0360 -0.0271 96  GLY A N   
299 C CA  . GLY A 35 ? 0.3044 0.2482 0.2442 0.0389  -0.0285 -0.0217 96  GLY A CA  
300 C C   . GLY A 35 ? 0.3006 0.2427 0.2371 0.0321  -0.0178 -0.0186 96  GLY A C   
301 O O   . GLY A 35 ? 0.2831 0.2503 0.2225 0.0313  -0.0350 -0.0057 96  GLY A O   
302 N N   . ALA A 36 ? 0.3183 0.2829 0.2424 0.0345  -0.0395 -0.0133 97  ALA A N   
303 C CA  . ALA A 36 ? 0.3217 0.2609 0.2645 0.0406  -0.0372 -0.0143 97  ALA A CA  
304 C C   . ALA A 36 ? 0.3506 0.3000 0.3122 0.0305  -0.0373 -0.0289 97  ALA A C   
305 O O   . ALA A 36 ? 0.3508 0.2919 0.3367 0.0362  -0.0395 -0.0269 97  ALA A O   
306 C CB  . ALA A 36 ? 0.3366 0.2568 0.2468 0.0648  -0.0392 -0.0296 97  ALA A CB  
307 N N   . GLY A 37 ? 0.3236 0.2924 0.3428 0.0541  -0.0364 -0.0402 98  GLY A N   
308 C CA  . GLY A 37 ? 0.3406 0.3112 0.4013 0.0396  -0.0444 -0.0278 98  GLY A CA  
309 C C   . GLY A 37 ? 0.3455 0.3134 0.4026 0.0380  -0.0469 -0.0255 98  GLY A C   
310 O O   . GLY A 37 ? 0.3695 0.3272 0.4268 0.0519  -0.0688 -0.0240 98  GLY A O   
311 N N   A ARG A 38 ? 0.3278 0.3134 0.3958 0.0305  -0.0602 -0.0190 99  ARG A N   
312 N N   B ARG A 38 ? 0.3266 0.3142 0.3951 0.0309  -0.0596 -0.0202 99  ARG A N   
313 C CA  A ARG A 38 ? 0.3350 0.2992 0.3864 0.0328  -0.0585 -0.0062 99  ARG A CA  
314 C CA  B ARG A 38 ? 0.3360 0.3050 0.3882 0.0335  -0.0572 -0.0086 99  ARG A CA  
315 C C   A ARG A 38 ? 0.3031 0.2671 0.3557 0.0349  -0.0614 -0.0168 99  ARG A C   
316 C C   B ARG A 38 ? 0.3044 0.2722 0.3548 0.0364  -0.0579 -0.0207 99  ARG A C   
317 O O   A ARG A 38 ? 0.3220 0.2446 0.3610 0.0411  -0.0792 0.0022  99  ARG A O   
318 O O   B ARG A 38 ? 0.3184 0.2628 0.3710 0.0560  -0.0657 -0.0080 99  ARG A O   
319 C CB  A ARG A 38 ? 0.3380 0.3165 0.3915 0.0223  -0.0632 -0.0028 99  ARG A CB  
320 C CB  B ARG A 38 ? 0.3370 0.3180 0.3842 0.0194  -0.0632 -0.0088 99  ARG A CB  
321 C CG  A ARG A 38 ? 0.3726 0.3513 0.4019 0.0245  -0.0533 0.0156  99  ARG A CG  
322 C CG  B ARG A 38 ? 0.4057 0.3777 0.4130 0.0202  -0.0602 0.0170  99  ARG A CG  
323 C CD  A ARG A 38 ? 0.3524 0.4174 0.4238 0.0415  -0.0521 -0.0094 99  ARG A CD  
324 C CD  B ARG A 38 ? 0.4599 0.4023 0.4454 -0.0158 -0.0481 0.0354  99  ARG A CD  
325 N NE  A ARG A 38 ? 0.3943 0.4157 0.4217 0.0332  -0.0664 0.0221  99  ARG A NE  
326 N NE  B ARG A 38 ? 0.4811 0.4762 0.4372 -0.0209 -0.0419 0.0323  99  ARG A NE  
327 C CZ  A ARG A 38 ? 0.3943 0.4473 0.4525 0.0340  -0.0991 0.0251  99  ARG A CZ  
328 C CZ  B ARG A 38 ? 0.4421 0.4125 0.4053 -0.0478 -0.0117 0.0771  99  ARG A CZ  
329 N NH1 A ARG A 38 ? 0.3634 0.3799 0.3919 0.0138  -0.1158 0.0202  99  ARG A NH1 
330 N NH1 B ARG A 38 ? 0.4231 0.4242 0.4225 -0.0430 -0.0080 0.0747  99  ARG A NH1 
331 N NH2 A ARG A 38 ? 0.4641 0.5212 0.4789 0.0103  -0.0977 0.0077  99  ARG A NH2 
332 N NH2 B ARG A 38 ? 0.4024 0.4381 0.3574 -0.0575 -0.0148 0.0674  99  ARG A NH2 
333 N N   . GLY A 39 ? 0.3047 0.2476 0.3462 0.0503  -0.0587 -0.0358 100 GLY A N   
334 C CA  . GLY A 39 ? 0.2783 0.2617 0.3097 0.0362  -0.0451 -0.0245 100 GLY A CA  
335 C C   . GLY A 39 ? 0.2689 0.2429 0.2675 0.0197  -0.0279 -0.0068 100 GLY A C   
336 O O   . GLY A 39 ? 0.2859 0.2420 0.2973 0.0341  -0.0305 -0.0006 100 GLY A O   
337 N N   A ARG A 40 ? 0.2742 0.2508 0.2355 0.0279  -0.0239 0.0106  101 ARG A N   
338 N N   B ARG A 40 ? 0.2755 0.2534 0.2393 0.0263  -0.0246 0.0095  101 ARG A N   
339 C CA  A ARG A 40 ? 0.2514 0.2332 0.2156 0.0401  -0.0212 0.0243  101 ARG A CA  
340 C CA  B ARG A 40 ? 0.2550 0.2399 0.2237 0.0356  -0.0220 0.0214  101 ARG A CA  
341 C C   A ARG A 40 ? 0.2354 0.2261 0.2152 0.0343  -0.0093 0.0184  101 ARG A C   
342 C C   B ARG A 40 ? 0.2369 0.2293 0.2187 0.0327  -0.0106 0.0173  101 ARG A C   
343 O O   A ARG A 40 ? 0.2165 0.2327 0.2029 0.0468  0.0180  0.0056  101 ARG A O   
344 O O   B ARG A 40 ? 0.2174 0.2352 0.2057 0.0463  0.0154  0.0050  101 ARG A O   
345 C CB  A ARG A 40 ? 0.2707 0.2448 0.1890 0.0375  -0.0278 0.0415  101 ARG A CB  
346 C CB  B ARG A 40 ? 0.2782 0.2555 0.2033 0.0305  -0.0312 0.0363  101 ARG A CB  
347 C CG  A ARG A 40 ? 0.2764 0.2251 0.2374 0.0702  -0.0385 0.0649  101 ARG A CG  
348 C CG  B ARG A 40 ? 0.3017 0.2692 0.2760 0.0414  -0.0358 0.0486  101 ARG A CG  
349 C CD  A ARG A 40 ? 0.3099 0.2181 0.2340 0.0742  0.0222  0.0575  101 ARG A CD  
350 C CD  B ARG A 40 ? 0.4210 0.3640 0.3338 0.0015  -0.0265 0.0292  101 ARG A CD  
351 N NE  A ARG A 40 ? 0.3694 0.3147 0.3104 0.0110  -0.0102 0.0578  101 ARG A NE  
352 N NE  B ARG A 40 ? 0.4643 0.4221 0.3966 -0.0018 -0.0087 0.0070  101 ARG A NE  
353 C CZ  A ARG A 40 ? 0.3755 0.2868 0.3267 -0.0060 0.0044  0.0356  101 ARG A CZ  
354 C CZ  B ARG A 40 ? 0.5160 0.4608 0.4362 -0.0276 -0.0022 0.0141  101 ARG A CZ  
355 N NH1 A ARG A 40 ? 0.3982 0.3504 0.3839 -0.0101 0.0261  0.0624  101 ARG A NH1 
356 N NH1 B ARG A 40 ? 0.5488 0.4505 0.4722 -0.0445 0.0146  -0.0051 101 ARG A NH1 
357 N NH2 A ARG A 40 ? 0.3489 0.2996 0.3271 -0.1042 0.0071  0.0211  101 ARG A NH2 
358 N NH2 B ARG A 40 ? 0.5340 0.4894 0.4645 -0.0598 0.0015  0.0213  101 ARG A NH2 
359 N N   . ILE A 41 ? 0.2278 0.2348 0.2101 0.0480  -0.0010 0.0058  102 ILE A N   
360 C CA  . ILE A 41 ? 0.2143 0.1906 0.1772 0.0455  -0.0160 0.0019  102 ILE A CA  
361 C C   . ILE A 41 ? 0.2002 0.2091 0.1775 0.0442  0.0030  0.0197  102 ILE A C   
362 O O   . ILE A 41 ? 0.2457 0.2069 0.1880 0.0422  0.0346  0.0173  102 ILE A O   
363 C CB  . ILE A 41 ? 0.1935 0.1850 0.1589 0.0402  -0.0058 -0.0181 102 ILE A CB  
364 C CG1 . ILE A 41 ? 0.2326 0.2066 0.2246 0.0597  0.0126  -0.0306 102 ILE A CG1 
365 C CG2 . ILE A 41 ? 0.2148 0.2223 0.1669 0.1023  -0.0232 -0.0145 102 ILE A CG2 
366 C CD1 . ILE A 41 ? 0.2182 0.2452 0.2625 0.0253  0.0208  -0.0501 102 ILE A CD1 
367 N N   . SER A 42 ? 0.2229 0.1840 0.1846 0.0568  0.0138  -0.0060 103 SER A N   
368 C CA  . SER A 42 ? 0.2116 0.2118 0.1758 0.0525  0.0058  -0.0033 103 SER A CA  
369 C C   . SER A 42 ? 0.2485 0.2343 0.1781 0.0659  0.0091  0.0000  103 SER A C   
370 O O   . SER A 42 ? 0.2488 0.2951 0.1701 0.0763  0.0302  0.0121  103 SER A O   
371 C CB  . SER A 42 ? 0.2517 0.2036 0.2087 0.0610  0.0146  -0.0342 103 SER A CB  
372 O OG  . SER A 42 ? 0.2986 0.3015 0.2444 0.0256  0.0377  -0.0306 103 SER A OG  
373 N N   . CYS A 43 ? 0.2127 0.2396 0.1756 0.0513  0.0000  0.0084  104 CYS A N   
374 C CA  . CYS A 43 ? 0.2395 0.2450 0.2121 0.0733  0.0069  -0.0195 104 CYS A CA  
375 C C   . CYS A 43 ? 0.2559 0.2729 0.2139 0.0648  0.0113  -0.0156 104 CYS A C   
376 O O   . CYS A 43 ? 0.2899 0.2749 0.1785 0.0590  -0.0021 -0.0098 104 CYS A O   
377 C CB  . CYS A 43 ? 0.2462 0.2532 0.2136 0.0538  -0.0112 -0.0278 104 CYS A CB  
378 S SG  . CYS A 43 ? 0.2631 0.2562 0.2465 0.0718  0.0091  -0.0016 104 CYS A SG  
379 N N   A THR A 44 ? 0.2540 0.2700 0.2303 0.0773  0.0145  -0.0190 105 THR A N   
380 N N   B THR A 44 ? 0.2572 0.2671 0.2253 0.0751  0.0127  -0.0162 105 THR A N   
381 C CA  A THR A 44 ? 0.2583 0.2882 0.2524 0.0644  0.0019  -0.0277 105 THR A CA  
382 C CA  B THR A 44 ? 0.2698 0.2806 0.2404 0.0601  -0.0068 -0.0217 105 THR A CA  
383 C C   A THR A 44 ? 0.2722 0.2903 0.2535 0.0655  0.0060  -0.0392 105 THR A C   
384 C C   B THR A 44 ? 0.2768 0.2872 0.2474 0.0624  0.0028  -0.0358 105 THR A C   
385 O O   A THR A 44 ? 0.2767 0.2907 0.2478 0.0624  -0.0120 -0.0227 105 THR A O   
386 O O   B THR A 44 ? 0.2820 0.2885 0.2388 0.0581  -0.0142 -0.0183 105 THR A O   
387 C CB  A THR A 44 ? 0.2553 0.2814 0.2411 0.0568  -0.0041 -0.0353 105 THR A CB  
388 C CB  B THR A 44 ? 0.2625 0.2729 0.2247 0.0527  -0.0147 -0.0268 105 THR A CB  
389 O OG1 A THR A 44 ? 0.2123 0.2858 0.2711 0.0609  0.0135  -0.0390 105 THR A OG1 
390 O OG1 B THR A 44 ? 0.2881 0.2833 0.2866 0.0582  0.0032  -0.0273 105 THR A OG1 
391 C CG2 A THR A 44 ? 0.2103 0.3092 0.2719 0.0444  -0.0234 -0.0351 105 THR A CG2 
392 C CG2 B THR A 44 ? 0.2089 0.2469 0.1713 0.0363  -0.0773 -0.0078 105 THR A CG2 
393 N N   . ILE A 45 ? 0.2990 0.3159 0.2840 0.0590  -0.0006 -0.0385 106 ILE A N   
394 C CA  . ILE A 45 ? 0.3169 0.3441 0.3095 0.0447  -0.0028 -0.0406 106 ILE A CA  
395 C C   . ILE A 45 ? 0.3255 0.3671 0.3278 0.0570  -0.0111 -0.0354 106 ILE A C   
396 O O   . ILE A 45 ? 0.3045 0.3369 0.3013 0.0689  -0.0106 -0.0505 106 ILE A O   
397 C CB  . ILE A 45 ? 0.3837 0.3791 0.3519 0.0343  0.0020  -0.0335 106 ILE A CB  
398 C CG1 . ILE A 45 ? 0.3627 0.4049 0.3125 0.0494  -0.0168 -0.0355 106 ILE A CG1 
399 C CG2 . ILE A 45 ? 0.4189 0.4029 0.3306 -0.0023 0.0316  -0.0065 106 ILE A CG2 
400 C CD1 . ILE A 45 ? 0.3178 0.3734 0.2631 0.1051  0.0416  -0.0861 106 ILE A CD1 
401 N N   . ALA A 46 ? 0.3354 0.3934 0.3432 0.0551  -0.0042 -0.0400 107 ALA A N   
402 C CA  . ALA A 46 ? 0.3402 0.3967 0.3388 0.0590  0.0109  -0.0385 107 ALA A CA  
403 C C   . ALA A 46 ? 0.3089 0.3758 0.3300 0.0530  0.0249  -0.0439 107 ALA A C   
404 O O   . ALA A 46 ? 0.3237 0.3930 0.3434 0.0749  0.0329  -0.0942 107 ALA A O   
405 C CB  . ALA A 46 ? 0.3381 0.4156 0.3433 0.0621  0.0117  -0.0404 107 ALA A CB  
406 N N   . ASN A 47 ? 0.2808 0.3464 0.2847 0.0664  -0.0026 -0.0189 108 ASN A N   
407 C CA  . ASN A 47 ? 0.2964 0.3097 0.2545 0.0570  0.0098  -0.0101 108 ASN A CA  
408 C C   . ASN A 47 ? 0.3399 0.3390 0.2933 0.0384  0.0057  -0.0136 108 ASN A C   
409 O O   . ASN A 47 ? 0.3702 0.3405 0.2826 0.0446  0.0051  -0.0326 108 ASN A O   
410 C CB  . ASN A 47 ? 0.3049 0.3074 0.2461 0.0490  -0.0124 -0.0041 108 ASN A CB  
411 C CG  . ASN A 47 ? 0.2994 0.3001 0.2883 0.0392  -0.0057 0.0114  108 ASN A CG  
412 O OD1 . ASN A 47 ? 0.3200 0.3452 0.3137 -0.0345 -0.0037 0.0512  108 ASN A OD1 
413 N ND2 . ASN A 47 ? 0.1846 0.3230 0.2957 0.0611  0.0043  0.0568  108 ASN A ND2 
414 N N   . ARG A 48 ? 0.3531 0.3310 0.2926 0.0310  0.0098  -0.0151 109 ARG A N   
415 C CA  . ARG A 48 ? 0.3499 0.3426 0.3261 0.0051  0.0204  0.0041  109 ARG A CA  
416 C C   . ARG A 48 ? 0.3164 0.2974 0.3008 0.0097  0.0263  -0.0057 109 ARG A C   
417 O O   . ARG A 48 ? 0.3044 0.2548 0.3021 0.0185  0.0237  0.0120  109 ARG A O   
418 C CB  . ARG A 48 ? 0.3413 0.3480 0.3510 -0.0103 -0.0029 -0.0094 109 ARG A CB  
419 C CG  . ARG A 48 ? 0.4153 0.4540 0.3749 -0.0195 0.0343  0.0102  109 ARG A CG  
420 C CD  . ARG A 48 ? 0.4493 0.4351 0.4076 -0.0105 0.0181  0.0051  109 ARG A CD  
421 N NE  . ARG A 48 ? 0.5949 0.6275 0.5518 -0.0424 0.0390  0.0161  109 ARG A NE  
422 C CZ  . ARG A 48 ? 0.6096 0.6340 0.6073 -0.0381 0.0136  0.0162  109 ARG A CZ  
423 N NH1 . ARG A 48 ? 0.5291 0.6493 0.6327 -0.0060 0.0621  0.0167  109 ARG A NH1 
424 N NH2 . ARG A 48 ? 0.6374 0.6558 0.6782 -0.0305 0.0057  0.0160  109 ARG A NH2 
425 N N   . CYS A 49 ? 0.2924 0.2415 0.2852 0.0029  0.0409  0.0006  110 CYS A N   
426 C CA  . CYS A 49 ? 0.2758 0.2454 0.2427 -0.0057 0.0498  -0.0066 110 CYS A CA  
427 C C   . CYS A 49 ? 0.3011 0.2530 0.2556 -0.0155 0.0416  0.0042  110 CYS A C   
428 O O   . CYS A 49 ? 0.3379 0.2656 0.2541 -0.0478 0.0379  -0.0199 110 CYS A O   
429 C CB  . CYS A 49 ? 0.2452 0.2348 0.2300 0.0176  0.0541  -0.0070 110 CYS A CB  
430 S SG  . CYS A 49 ? 0.2398 0.2093 0.1945 0.0290  0.0260  -0.0079 110 CYS A SG  
431 N N   . HIS A 50 ? 0.3077 0.2717 0.2481 -0.0222 0.0597  0.0124  111 HIS A N   
432 C CA  . HIS A 50 ? 0.3117 0.3129 0.2517 -0.0061 0.0468  0.0164  111 HIS A CA  
433 C C   . HIS A 50 ? 0.3512 0.3227 0.2523 -0.0014 0.0394  0.0156  111 HIS A C   
434 O O   . HIS A 50 ? 0.3716 0.3207 0.2469 -0.0081 0.0343  0.0245  111 HIS A O   
435 C CB  . HIS A 50 ? 0.3196 0.3316 0.2497 -0.0058 0.0576  0.0166  111 HIS A CB  
436 C CG  . HIS A 50 ? 0.3556 0.4054 0.3423 -0.0009 0.0654  0.0074  111 HIS A CG  
437 N ND1 . HIS A 50 ? 0.4320 0.4755 0.4481 0.0028  0.0477  0.0011  111 HIS A ND1 
438 C CD2 . HIS A 50 ? 0.3678 0.4529 0.4056 0.0284  0.0477  0.0161  111 HIS A CD2 
439 C CE1 . HIS A 50 ? 0.3749 0.4608 0.4526 0.0190  0.0458  0.0014  111 HIS A CE1 
440 N NE2 . HIS A 50 ? 0.3852 0.4550 0.4273 0.0317  0.0647  0.0080  111 HIS A NE2 
441 N N   . GLU A 51 ? 0.3398 0.3208 0.2544 0.0146  0.0485  0.0073  112 GLU A N   
442 C CA  . GLU A 51 ? 0.3554 0.3151 0.2812 0.0033  0.0209  -0.0020 112 GLU A CA  
443 C C   . GLU A 51 ? 0.3961 0.3527 0.3182 -0.0055 0.0226  0.0057  112 GLU A C   
444 O O   . GLU A 51 ? 0.4112 0.3146 0.3013 0.0012  0.0319  -0.0034 112 GLU A O   
445 C CB  . GLU A 51 ? 0.3468 0.3204 0.2700 -0.0089 0.0150  -0.0277 112 GLU A CB  
446 C CG  . GLU A 51 ? 0.3726 0.3492 0.3125 0.0072  0.0123  -0.0189 112 GLU A CG  
447 C CD  . GLU A 51 ? 0.4054 0.3909 0.3041 0.0312  -0.0192 -0.0537 112 GLU A CD  
448 O OE1 . GLU A 51 ? 0.4406 0.3246 0.3438 0.0922  -0.0151 -0.0488 112 GLU A OE1 
449 O OE2 . GLU A 51 ? 0.4615 0.4339 0.3257 -0.0006 0.0025  -0.0331 112 GLU A OE2 
450 N N   . GLY A 52 ? 0.4168 0.3705 0.3116 -0.0041 0.0039  0.0107  113 GLY A N   
451 C CA  . GLY A 52 ? 0.4583 0.4261 0.3904 -0.0108 -0.0035 0.0184  113 GLY A CA  
452 C C   . GLY A 52 ? 0.4847 0.4506 0.4216 -0.0096 -0.0073 0.0307  113 GLY A C   
453 O O   . GLY A 52 ? 0.5026 0.4538 0.4288 -0.0151 -0.0190 0.0273  113 GLY A O   
454 N N   . GLY A 53 ? 0.4897 0.4825 0.4564 -0.0185 0.0065  0.0344  114 GLY A N   
455 C CA  . GLY A 53 ? 0.4926 0.5029 0.4749 -0.0230 0.0122  0.0400  114 GLY A CA  
456 C C   . GLY A 53 ? 0.4892 0.5048 0.4901 -0.0272 0.0191  0.0315  114 GLY A C   
457 O O   . GLY A 53 ? 0.5078 0.5257 0.5122 -0.0352 0.0275  0.0475  114 GLY A O   
458 N N   . GLN A 54 ? 0.4829 0.4907 0.4795 -0.0230 0.0232  0.0372  115 GLN A N   
459 C CA  . GLN A 54 ? 0.4776 0.4690 0.4579 -0.0129 0.0295  0.0361  115 GLN A CA  
460 C C   . GLN A 54 ? 0.4492 0.4460 0.4231 -0.0085 0.0326  0.0316  115 GLN A C   
461 O O   . GLN A 54 ? 0.4561 0.4375 0.4058 -0.0072 0.0391  0.0472  115 GLN A O   
462 C CB  . GLN A 54 ? 0.4821 0.4733 0.4745 -0.0122 0.0254  0.0388  115 GLN A CB  
463 C CG  . GLN A 54 ? 0.5494 0.5259 0.5140 -0.0253 0.0191  0.0209  115 GLN A CG  
464 C CD  . GLN A 54 ? 0.6627 0.5665 0.5291 -0.0233 0.0215  -0.0074 115 GLN A CD  
465 O OE1 . GLN A 54 ? 0.7340 0.6032 0.5559 0.0037  0.0228  -0.0022 115 GLN A OE1 
466 N NE2 . GLN A 54 ? 0.6616 0.5572 0.4865 -0.0430 0.0214  0.0240  115 GLN A NE2 
467 N N   . SER A 55 ? 0.4294 0.4203 0.4064 -0.0138 0.0339  0.0242  116 SER A N   
468 C CA  . SER A 55 ? 0.4055 0.3853 0.3871 -0.0080 0.0349  0.0063  116 SER A CA  
469 C C   . SER A 55 ? 0.3853 0.3370 0.3646 -0.0014 0.0286  -0.0135 116 SER A C   
470 O O   . SER A 55 ? 0.3804 0.2983 0.3890 -0.0264 0.0328  -0.0197 116 SER A O   
471 C CB  . SER A 55 ? 0.4343 0.4009 0.4095 0.0071  0.0306  0.0033  116 SER A CB  
472 O OG  . SER A 55 ? 0.4762 0.4720 0.4161 -0.0029 0.0807  -0.0076 116 SER A OG  
473 N N   . TYR A 56 ? 0.3260 0.2759 0.3107 0.0030  0.0294  -0.0212 117 TYR A N   
474 C CA  . TYR A 56 ? 0.2935 0.2497 0.2898 0.0068  0.0202  -0.0221 117 TYR A CA  
475 C C   . TYR A 56 ? 0.2754 0.2670 0.2775 -0.0099 0.0225  -0.0331 117 TYR A C   
476 O O   . TYR A 56 ? 0.2970 0.2456 0.2753 -0.0067 0.0353  -0.0290 117 TYR A O   
477 C CB  . TYR A 56 ? 0.2901 0.2474 0.2734 0.0196  0.0289  -0.0229 117 TYR A CB  
478 C CG  . TYR A 56 ? 0.2961 0.2373 0.2942 0.0176  -0.0044 -0.0337 117 TYR A CG  
479 C CD1 . TYR A 56 ? 0.2843 0.1998 0.3350 -0.0051 0.0062  -0.0269 117 TYR A CD1 
480 C CD2 . TYR A 56 ? 0.3303 0.2185 0.3145 0.0200  0.0029  -0.0335 117 TYR A CD2 
481 C CE1 . TYR A 56 ? 0.3376 0.2594 0.3264 -0.0078 -0.0086 -0.0195 117 TYR A CE1 
482 C CE2 . TYR A 56 ? 0.3215 0.1926 0.3059 0.0299  -0.0177 -0.0490 117 TYR A CE2 
483 C CZ  . TYR A 56 ? 0.3458 0.2426 0.2910 0.0439  -0.0149 -0.0339 117 TYR A CZ  
484 O OH  . TYR A 56 ? 0.3541 0.2771 0.3067 0.0231  0.0105  0.0103  117 TYR A OH  
485 N N   . LYS A 57 ? 0.2812 0.2985 0.2873 0.0099  0.0112  -0.0519 118 LYS A N   
486 C CA  . LYS A 57 ? 0.3070 0.3121 0.2748 0.0077  -0.0021 -0.0582 118 LYS A CA  
487 C C   . LYS A 57 ? 0.3016 0.2888 0.2457 0.0231  -0.0096 -0.0667 118 LYS A C   
488 O O   . LYS A 57 ? 0.2656 0.2806 0.2464 0.0313  -0.0057 -0.0535 118 LYS A O   
489 C CB  . LYS A 57 ? 0.3088 0.3398 0.2854 -0.0072 0.0037  -0.0715 118 LYS A CB  
490 C CG  . LYS A 57 ? 0.3525 0.3873 0.3319 -0.0293 -0.0060 -0.0472 118 LYS A CG  
491 C CD  . LYS A 57 ? 0.4002 0.3875 0.3545 0.0204  0.0106  -0.0378 118 LYS A CD  
492 C CE  . LYS A 57 ? 0.5455 0.3974 0.4001 0.0056  0.0187  -0.0312 118 LYS A CE  
493 N NZ  . LYS A 57 ? 0.5936 0.4214 0.4434 -0.0006 0.0280  0.0143  118 LYS A NZ  
494 N N   . ILE A 58 ? 0.2843 0.2609 0.2488 0.0619  -0.0107 -0.0739 119 ILE A N   
495 C CA  . ILE A 58 ? 0.2931 0.2751 0.2616 0.0563  -0.0313 -0.0469 119 ILE A CA  
496 C C   . ILE A 58 ? 0.2809 0.2764 0.2621 0.0602  -0.0355 -0.0698 119 ILE A C   
497 O O   . ILE A 58 ? 0.2937 0.2996 0.2914 0.0686  -0.0428 -0.0915 119 ILE A O   
498 C CB  . ILE A 58 ? 0.3097 0.2784 0.2796 0.0542  -0.0376 -0.0540 119 ILE A CB  
499 C CG1 . ILE A 58 ? 0.3400 0.2730 0.3454 0.0600  -0.0343 -0.0413 119 ILE A CG1 
500 C CG2 . ILE A 58 ? 0.2955 0.3199 0.2914 0.0644  -0.0219 -0.0219 119 ILE A CG2 
501 C CD1 . ILE A 58 ? 0.3072 0.3274 0.3168 0.0539  -0.0580 -0.0085 119 ILE A CD1 
502 N N   . GLY A 59 ? 0.2509 0.2693 0.2214 0.0682  -0.0393 -0.0653 120 GLY A N   
503 C CA  . GLY A 59 ? 0.2381 0.2796 0.2393 0.0502  -0.0259 -0.0637 120 GLY A CA  
504 C C   . GLY A 59 ? 0.2266 0.2776 0.2312 0.0419  -0.0188 -0.0574 120 GLY A C   
505 O O   . GLY A 59 ? 0.2722 0.2961 0.2777 0.0378  -0.0155 -0.0754 120 GLY A O   
506 N N   . ASP A 60 ? 0.2387 0.2553 0.2432 0.0298  -0.0194 -0.0571 121 ASP A N   
507 C CA  . ASP A 60 ? 0.2155 0.2552 0.2481 0.0253  -0.0235 -0.0551 121 ASP A CA  
508 C C   . ASP A 60 ? 0.2276 0.2272 0.2627 0.0174  -0.0315 -0.0580 121 ASP A C   
509 O O   . ASP A 60 ? 0.2500 0.1990 0.2737 0.0398  -0.0227 -0.0526 121 ASP A O   
510 C CB  . ASP A 60 ? 0.2087 0.2468 0.2627 0.0188  -0.0229 -0.0743 121 ASP A CB  
511 C CG  . ASP A 60 ? 0.2326 0.3492 0.2471 0.0188  -0.0233 -0.0484 121 ASP A CG  
512 O OD1 . ASP A 60 ? 0.2653 0.3169 0.2602 0.0084  -0.0447 -0.1186 121 ASP A OD1 
513 O OD2 . ASP A 60 ? 0.3104 0.2969 0.3425 -0.0084 0.0201  -0.0638 121 ASP A OD2 
514 N N   . THR A 61 ? 0.2147 0.2100 0.2583 0.0362  -0.0448 -0.0560 122 THR A N   
515 C CA  . THR A 61 ? 0.2376 0.2050 0.2548 0.0310  -0.0388 -0.0555 122 THR A CA  
516 C C   . THR A 61 ? 0.2719 0.2479 0.2944 0.0114  -0.0344 -0.0389 122 THR A C   
517 O O   . THR A 61 ? 0.2784 0.1971 0.2844 -0.0023 -0.0405 -0.0319 122 THR A O   
518 C CB  . THR A 61 ? 0.2551 0.2348 0.2829 0.0296  -0.0246 -0.0547 122 THR A CB  
519 O OG1 . THR A 61 ? 0.3340 0.1820 0.2584 0.0275  -0.0345 -0.0899 122 THR A OG1 
520 C CG2 . THR A 61 ? 0.2551 0.2552 0.2732 0.0168  -0.0239 -0.0489 122 THR A CG2 
521 N N   . TRP A 62 ? 0.2962 0.2200 0.2616 0.0137  -0.0535 -0.0347 123 TRP A N   
522 C CA  . TRP A 62 ? 0.3310 0.2648 0.2754 0.0019  -0.0427 -0.0246 123 TRP A CA  
523 C C   . TRP A 62 ? 0.3336 0.2737 0.2857 0.0057  -0.0444 -0.0215 123 TRP A C   
524 O O   . TRP A 62 ? 0.3131 0.2474 0.2804 0.0130  -0.0831 -0.0384 123 TRP A O   
525 C CB  . TRP A 62 ? 0.3333 0.2548 0.2862 -0.0076 -0.0291 -0.0239 123 TRP A CB  
526 C CG  . TRP A 62 ? 0.3205 0.2681 0.2483 -0.0005 -0.0219 -0.0414 123 TRP A CG  
527 C CD1 . TRP A 62 ? 0.3491 0.3078 0.2837 0.0142  -0.0212 -0.0028 123 TRP A CD1 
528 C CD2 . TRP A 62 ? 0.3448 0.2410 0.2653 -0.0043 -0.0298 -0.0257 123 TRP A CD2 
529 N NE1 . TRP A 62 ? 0.4042 0.3224 0.2785 0.0034  -0.0148 -0.0642 123 TRP A NE1 
530 C CE2 . TRP A 62 ? 0.3617 0.2708 0.2372 -0.0083 -0.0104 -0.0304 123 TRP A CE2 
531 C CE3 . TRP A 62 ? 0.3106 0.2927 0.2754 -0.0032 -0.0117 0.0036  123 TRP A CE3 
532 C CZ2 . TRP A 62 ? 0.3313 0.2573 0.2780 -0.0279 -0.0267 -0.0602 123 TRP A CZ2 
533 C CZ3 . TRP A 62 ? 0.3299 0.3306 0.2978 -0.0067 -0.0111 -0.0310 123 TRP A CZ3 
534 C CH2 . TRP A 62 ? 0.2218 0.2405 0.2724 -0.0475 0.0031  -0.0251 123 TRP A CH2 
535 N N   A ARG A 63 ? 0.3606 0.2895 0.3208 0.0051  -0.0424 -0.0212 124 ARG A N   
536 N N   B ARG A 63 ? 0.3626 0.2815 0.3126 0.0065  -0.0435 -0.0253 124 ARG A N   
537 C CA  A ARG A 63 ? 0.3755 0.3222 0.3486 0.0027  -0.0246 -0.0118 124 ARG A CA  
538 C CA  B ARG A 63 ? 0.3763 0.3086 0.3324 0.0089  -0.0323 -0.0188 124 ARG A CA  
539 C C   A ARG A 63 ? 0.3754 0.3365 0.3458 -0.0012 -0.0338 -0.0081 124 ARG A C   
540 C C   B ARG A 63 ? 0.3776 0.3263 0.3399 0.0027  -0.0362 -0.0106 124 ARG A C   
541 O O   A ARG A 63 ? 0.3570 0.3325 0.3451 -0.0149 -0.0536 -0.0126 124 ARG A O   
542 O O   B ARG A 63 ? 0.3749 0.3129 0.3399 -0.0065 -0.0573 -0.0163 124 ARG A O   
543 C CB  A ARG A 63 ? 0.3767 0.3350 0.3607 0.0094  -0.0201 -0.0078 124 ARG A CB  
544 C CB  B ARG A 63 ? 0.3895 0.3115 0.3422 0.0096  -0.0271 -0.0234 124 ARG A CB  
545 C CG  A ARG A 63 ? 0.3831 0.3358 0.3615 -0.0002 -0.0050 -0.0270 124 ARG A CG  
546 C CG  B ARG A 63 ? 0.3937 0.3130 0.3602 0.0239  -0.0172 -0.0399 124 ARG A CG  
547 C CD  A ARG A 63 ? 0.4092 0.3622 0.4058 0.0028  0.0016  -0.0013 124 ARG A CD  
548 C CD  B ARG A 63 ? 0.4337 0.2657 0.4241 0.0185  -0.0403 -0.0917 124 ARG A CD  
549 N NE  A ARG A 63 ? 0.5141 0.4639 0.4753 0.0131  0.0071  -0.0096 124 ARG A NE  
550 N NE  B ARG A 63 ? 0.4547 0.2667 0.4528 -0.0146 -0.0213 -0.0844 124 ARG A NE  
551 C CZ  A ARG A 63 ? 0.5350 0.4603 0.5059 0.0221  0.0229  0.0012  124 ARG A CZ  
552 C CZ  B ARG A 63 ? 0.4583 0.2362 0.4737 -0.0178 -0.0179 -0.0703 124 ARG A CZ  
553 N NH1 A ARG A 63 ? 0.5715 0.5159 0.5570 0.0419  0.0156  -0.0018 124 ARG A NH1 
554 N NH1 B ARG A 63 ? 0.4694 0.2027 0.4275 -0.0230 -0.0076 -0.0370 124 ARG A NH1 
555 N NH2 A ARG A 63 ? 0.5563 0.4764 0.5061 0.0364  0.0311  0.0027  124 ARG A NH2 
556 N NH2 B ARG A 63 ? 0.4182 0.2218 0.4663 -0.0285 -0.0260 -0.0931 124 ARG A NH2 
557 N N   . ARG A 64 ? 0.3981 0.3321 0.3279 -0.0123 -0.0330 -0.0099 125 ARG A N   
558 C CA  . ARG A 64 ? 0.4100 0.3569 0.3378 -0.0006 -0.0302 0.0113  125 ARG A CA  
559 C C   . ARG A 64 ? 0.4009 0.3593 0.2919 -0.0106 -0.0390 0.0219  125 ARG A C   
560 O O   . ARG A 64 ? 0.4062 0.3322 0.2906 0.0297  -0.0830 0.0164  125 ARG A O   
561 C CB  . ARG A 64 ? 0.3899 0.3595 0.3450 -0.0167 -0.0144 -0.0052 125 ARG A CB  
562 C CG  . ARG A 64 ? 0.3940 0.3661 0.3611 0.0183  0.0058  0.0015  125 ARG A CG  
563 C CD  . ARG A 64 ? 0.3767 0.4443 0.4277 0.0236  0.0030  0.0056  125 ARG A CD  
564 N NE  . ARG A 64 ? 0.4013 0.4879 0.4272 -0.0007 -0.0184 0.0079  125 ARG A NE  
565 C CZ  . ARG A 64 ? 0.4383 0.5243 0.3981 0.0096  -0.0151 0.0309  125 ARG A CZ  
566 N NH1 . ARG A 64 ? 0.3913 0.5690 0.3573 -0.0144 -0.0031 0.0784  125 ARG A NH1 
567 N NH2 . ARG A 64 ? 0.4516 0.5067 0.3602 0.0105  0.0178  0.0419  125 ARG A NH2 
568 N N   . PRO A 65 ? 0.4269 0.3697 0.3243 -0.0081 -0.0497 0.0329  126 PRO A N   
569 C CA  . PRO A 65 ? 0.4123 0.3450 0.3049 -0.0137 -0.0456 0.0183  126 PRO A CA  
570 C C   . PRO A 65 ? 0.3794 0.3099 0.2842 -0.0060 -0.0335 0.0155  126 PRO A C   
571 O O   . PRO A 65 ? 0.3952 0.3060 0.2854 -0.0177 -0.0299 0.0179  126 PRO A O   
572 C CB  . PRO A 65 ? 0.4304 0.3729 0.2793 -0.0203 -0.0389 0.0246  126 PRO A CB  
573 C CG  . PRO A 65 ? 0.4218 0.4218 0.2941 -0.0262 -0.0480 0.0324  126 PRO A CG  
574 C CD  . PRO A 65 ? 0.4233 0.4055 0.3190 -0.0188 -0.0429 0.0283  126 PRO A CD  
575 N N   . HIS A 66 ? 0.3536 0.2816 0.2606 0.0010  -0.0508 -0.0021 127 HIS A N   
576 C CA  . HIS A 66 ? 0.3078 0.2559 0.2563 0.0022  -0.0378 -0.0058 127 HIS A CA  
577 C C   . HIS A 66 ? 0.3006 0.2867 0.2863 -0.0089 -0.0438 -0.0038 127 HIS A C   
578 O O   . HIS A 66 ? 0.2476 0.2817 0.2831 0.0229  -0.0378 0.0057  127 HIS A O   
579 C CB  . HIS A 66 ? 0.2939 0.2606 0.2306 0.0079  -0.0417 -0.0169 127 HIS A CB  
580 C CG  . HIS A 66 ? 0.2368 0.2624 0.2443 0.0015  -0.0092 0.0090  127 HIS A CG  
581 N ND1 . HIS A 66 ? 0.2412 0.2505 0.1757 0.0068  0.0177  0.0178  127 HIS A ND1 
582 C CD2 . HIS A 66 ? 0.1918 0.3069 0.2131 0.0072  -0.0021 -0.0041 127 HIS A CD2 
583 C CE1 . HIS A 66 ? 0.2482 0.2670 0.2454 -0.0149 -0.0478 0.0372  127 HIS A CE1 
584 N NE2 . HIS A 66 ? 0.2311 0.3026 0.2330 -0.0580 -0.0353 0.0037  127 HIS A NE2 
585 N N   . GLU A 67 ? 0.2395 0.3472 0.2556 -0.0369 -0.0345 -0.0018 128 GLU A N   
586 C CA  . GLU A 67 ? 0.2860 0.3876 0.3158 -0.0336 -0.0317 0.0099  128 GLU A CA  
587 C C   . GLU A 67 ? 0.2744 0.3872 0.2798 -0.0324 -0.0292 0.0216  128 GLU A C   
588 O O   . GLU A 67 ? 0.2996 0.4305 0.2652 -0.0427 -0.0638 0.0409  128 GLU A O   
589 C CB  . GLU A 67 ? 0.2754 0.4182 0.3518 -0.0154 -0.0340 0.0123  128 GLU A CB  
590 C CG  . GLU A 67 ? 0.3823 0.4770 0.4753 -0.0168 -0.0055 0.0339  128 GLU A CG  
591 C CD  . GLU A 67 ? 0.3703 0.5056 0.5657 0.0067  0.0008  0.0285  128 GLU A CD  
592 O OE1 . GLU A 67 ? 0.3565 0.5108 0.6536 0.0319  0.0385  -0.0092 128 GLU A OE1 
593 O OE2 . GLU A 67 ? 0.3474 0.4690 0.5785 0.0805  0.0180  0.0343  128 GLU A OE2 
594 N N   . THR A 68 ? 0.1996 0.2901 0.2307 -0.0105 -0.0081 0.0006  129 THR A N   
595 C CA  . THR A 68 ? 0.2243 0.2791 0.2299 -0.0051 -0.0001 0.0016  129 THR A CA  
596 C C   . THR A 68 ? 0.2096 0.2536 0.2266 0.0101  -0.0095 0.0070  129 THR A C   
597 O O   . THR A 68 ? 0.2535 0.2830 0.2545 -0.0217 -0.0276 0.0041  129 THR A O   
598 C CB  . THR A 68 ? 0.2300 0.2423 0.2022 0.0107  0.0225  -0.0176 129 THR A CB  
599 O OG1 . THR A 68 ? 0.2100 0.2972 0.2057 -0.0178 0.0047  0.0293  129 THR A OG1 
600 C CG2 . THR A 68 ? 0.2054 0.3195 0.2104 0.0081  0.0688  -0.0255 129 THR A CG2 
601 N N   . GLY A 69 ? 0.1991 0.2719 0.2154 0.0140  -0.0100 0.0097  130 GLY A N   
602 C CA  . GLY A 69 ? 0.2331 0.2844 0.2211 0.0305  -0.0075 0.0117  130 GLY A CA  
603 C C   . GLY A 69 ? 0.2567 0.3295 0.2461 0.0389  -0.0206 -0.0021 130 GLY A C   
604 O O   . GLY A 69 ? 0.2599 0.3666 0.2818 0.0609  -0.0190 -0.0102 130 GLY A O   
605 N N   . GLY A 70 ? 0.2758 0.2966 0.2519 0.0199  -0.0405 -0.0035 131 GLY A N   
606 C CA  . GLY A 70 ? 0.3118 0.3390 0.2787 0.0147  -0.0326 -0.0337 131 GLY A CA  
607 C C   . GLY A 70 ? 0.2887 0.3217 0.2806 0.0185  -0.0243 -0.0400 131 GLY A C   
608 O O   . GLY A 70 ? 0.3300 0.3861 0.3167 -0.0196 0.0002  -0.0608 131 GLY A O   
609 N N   . TYR A 71 ? 0.2760 0.3164 0.2669 0.0340  -0.0410 -0.0404 132 TYR A N   
610 C CA  . TYR A 71 ? 0.2926 0.3260 0.2963 0.0431  -0.0637 -0.0343 132 TYR A CA  
611 C C   . TYR A 71 ? 0.3364 0.3358 0.3233 0.0338  -0.0683 -0.0405 132 TYR A C   
612 O O   . TYR A 71 ? 0.3196 0.3596 0.3536 0.0237  -0.0734 -0.0631 132 TYR A O   
613 C CB  . TYR A 71 ? 0.2979 0.3357 0.2886 0.0461  -0.0478 -0.0232 132 TYR A CB  
614 C CG  . TYR A 71 ? 0.2748 0.3096 0.2425 0.0629  -0.0466 -0.0127 132 TYR A CG  
615 C CD1 . TYR A 71 ? 0.2476 0.3475 0.2623 0.0803  -0.0673 -0.0040 132 TYR A CD1 
616 C CD2 . TYR A 71 ? 0.2172 0.3263 0.2519 0.0299  -0.0423 -0.0034 132 TYR A CD2 
617 C CE1 . TYR A 71 ? 0.2468 0.3679 0.2511 0.0165  -0.0324 -0.0179 132 TYR A CE1 
618 C CE2 . TYR A 71 ? 0.2350 0.3751 0.2407 0.0296  0.0187  0.0339  132 TYR A CE2 
619 C CZ  . TYR A 71 ? 0.1935 0.3051 0.2299 0.0177  -0.0149 0.0024  132 TYR A CZ  
620 O OH  . TYR A 71 ? 0.2580 0.3296 0.2112 -0.0304 -0.0129 -0.0063 132 TYR A OH  
621 N N   . MET A 72 ? 0.3870 0.3356 0.3026 0.0385  -0.0876 -0.0218 133 MET A N   
622 C CA  . MET A 72 ? 0.3906 0.3473 0.3512 0.0260  -0.0772 0.0101  133 MET A CA  
623 C C   . MET A 72 ? 0.3809 0.3414 0.3171 0.0092  -0.0772 0.0278  133 MET A C   
624 O O   . MET A 72 ? 0.3799 0.3761 0.3546 0.0233  -0.0932 0.0467  133 MET A O   
625 C CB  . MET A 72 ? 0.4253 0.3666 0.3488 0.0261  -0.0754 0.0206  133 MET A CB  
626 C CG  . MET A 72 ? 0.4796 0.4458 0.4160 0.0329  -0.0440 0.0453  133 MET A CG  
627 S SD  . MET A 72 ? 0.5163 0.5904 0.4639 0.0109  -0.0267 0.1135  133 MET A SD  
628 C CE  . MET A 72 ? 0.5857 0.5061 0.4242 0.0029  0.0242  0.0033  133 MET A CE  
629 N N   . LEU A 73 ? 0.3770 0.3192 0.3073 0.0162  -0.0672 0.0315  134 LEU A N   
630 C CA  . LEU A 73 ? 0.3447 0.2906 0.2703 0.0132  -0.0784 0.0193  134 LEU A CA  
631 C C   . LEU A 73 ? 0.3238 0.2978 0.2826 0.0060  -0.0797 0.0250  134 LEU A C   
632 O O   . LEU A 73 ? 0.3468 0.2844 0.2632 0.0012  -0.1000 0.0448  134 LEU A O   
633 C CB  . LEU A 73 ? 0.3483 0.3074 0.2715 0.0157  -0.0722 0.0097  134 LEU A CB  
634 C CG  . LEU A 73 ? 0.3301 0.3165 0.2539 0.0149  -0.0610 -0.0228 134 LEU A CG  
635 C CD1 . LEU A 73 ? 0.3282 0.3538 0.3124 0.0707  -0.0987 0.0371  134 LEU A CD1 
636 C CD2 . LEU A 73 ? 0.2995 0.2949 0.2900 0.0119  -0.0048 -0.0053 134 LEU A CD2 
637 N N   . GLU A 74 ? 0.3063 0.2887 0.2654 0.0253  -0.0857 -0.0046 135 GLU A N   
638 C CA  . GLU A 74 ? 0.3137 0.2728 0.2598 0.0386  -0.0702 -0.0088 135 GLU A CA  
639 C C   . GLU A 74 ? 0.2824 0.2502 0.2242 0.0356  -0.0588 -0.0069 135 GLU A C   
640 O O   . GLU A 74 ? 0.2764 0.2859 0.2318 0.0326  -0.0156 -0.0110 135 GLU A O   
641 C CB  . GLU A 74 ? 0.3320 0.2899 0.2739 0.0367  -0.0866 -0.0178 135 GLU A CB  
642 C CG  . GLU A 74 ? 0.4325 0.4115 0.3502 0.0576  -0.0536 -0.0140 135 GLU A CG  
643 C CD  . GLU A 74 ? 0.5472 0.5497 0.4297 0.0288  -0.0169 -0.0297 135 GLU A CD  
644 O OE1 . GLU A 74 ? 0.6071 0.5684 0.4850 0.0464  0.0357  -0.0596 135 GLU A OE1 
645 O OE2 . GLU A 74 ? 0.6438 0.6355 0.5134 0.0143  0.0125  -0.0340 135 GLU A OE2 
646 N N   . CYS A 75 ? 0.2983 0.2307 0.2145 0.0195  -0.0494 -0.0055 136 CYS A N   
647 C CA  . CYS A 75 ? 0.2619 0.2050 0.1860 0.0230  -0.0505 -0.0177 136 CYS A CA  
648 C C   . CYS A 75 ? 0.2346 0.1842 0.1705 0.0238  -0.0559 -0.0107 136 CYS A C   
649 O O   . CYS A 75 ? 0.2662 0.1854 0.2247 0.0181  -0.0828 -0.0053 136 CYS A O   
650 C CB  . CYS A 75 ? 0.2978 0.2156 0.1871 -0.0111 -0.0373 0.0053  136 CYS A CB  
651 S SG  . CYS A 75 ? 0.3318 0.2451 0.2245 -0.0192 -0.0660 0.0033  136 CYS A SG  
652 N N   . VAL A 76 ? 0.2289 0.1991 0.1504 0.0433  -0.0363 -0.0084 137 VAL A N   
653 C CA  . VAL A 76 ? 0.2166 0.2091 0.1800 0.0537  -0.0287 -0.0159 137 VAL A CA  
654 C C   . VAL A 76 ? 0.2073 0.1809 0.1850 0.0350  -0.0168 -0.0243 137 VAL A C   
655 O O   . VAL A 76 ? 0.2036 0.2006 0.1693 0.0020  -0.0236 -0.0034 137 VAL A O   
656 C CB  . VAL A 76 ? 0.2495 0.2142 0.2060 0.0597  -0.0175 -0.0246 137 VAL A CB  
657 C CG1 . VAL A 76 ? 0.2941 0.2484 0.2079 0.0391  -0.0265 0.0071  137 VAL A CG1 
658 C CG2 . VAL A 76 ? 0.2261 0.2551 0.1158 0.0367  -0.0207 0.0035  137 VAL A CG2 
659 N N   . CYS A 77 ? 0.2105 0.2118 0.1861 0.0230  0.0026  -0.0278 138 CYS A N   
660 C CA  . CYS A 77 ? 0.1874 0.2007 0.1796 0.0145  -0.0107 -0.0090 138 CYS A CA  
661 C C   . CYS A 77 ? 0.1881 0.2274 0.1658 0.0129  0.0158  -0.0110 138 CYS A C   
662 O O   . CYS A 77 ? 0.2153 0.2304 0.1632 0.0404  -0.0110 -0.0254 138 CYS A O   
663 C CB  . CYS A 77 ? 0.1764 0.2255 0.1894 0.0125  -0.0083 -0.0081 138 CYS A CB  
664 S SG  . CYS A 77 ? 0.2248 0.2301 0.1992 0.0274  0.0216  -0.0244 138 CYS A SG  
665 N N   . LEU A 78 ? 0.1845 0.2220 0.1477 0.0062  0.0067  -0.0155 139 LEU A N   
666 C CA  . LEU A 78 ? 0.1988 0.2077 0.1517 0.0224  0.0076  -0.0030 139 LEU A CA  
667 C C   . LEU A 78 ? 0.2088 0.2359 0.1595 0.0263  0.0160  0.0163  139 LEU A C   
668 O O   . LEU A 78 ? 0.2287 0.2863 0.1544 0.0471  0.0101  0.0108  139 LEU A O   
669 C CB  . LEU A 78 ? 0.1770 0.2403 0.1577 0.0347  0.0060  -0.0246 139 LEU A CB  
670 C CG  . LEU A 78 ? 0.2188 0.2534 0.1534 -0.0039 0.0097  0.0022  139 LEU A CG  
671 C CD1 . LEU A 78 ? 0.2040 0.2401 0.1779 -0.0103 0.0032  0.0380  139 LEU A CD1 
672 C CD2 . LEU A 78 ? 0.2974 0.2418 0.1598 -0.0178 0.0229  -0.0779 139 LEU A CD2 
673 N N   . GLY A 79 ? 0.1923 0.2180 0.1384 0.0440  0.0275  -0.0035 140 GLY A N   
674 C CA  . GLY A 79 ? 0.2135 0.2416 0.1692 0.0479  0.0250  0.0142  140 GLY A CA  
675 C C   . GLY A 79 ? 0.2319 0.2394 0.1921 0.0377  0.0121  -0.0067 140 GLY A C   
676 O O   . GLY A 79 ? 0.2170 0.2577 0.1922 0.0539  0.0141  -0.0089 140 GLY A O   
677 N N   . ASN A 80 ? 0.2317 0.2231 0.1853 0.0377  0.0099  0.0149  141 ASN A N   
678 C CA  . ASN A 80 ? 0.2590 0.2490 0.2133 0.0410  0.0088  -0.0084 141 ASN A CA  
679 C C   . ASN A 80 ? 0.2639 0.2243 0.2126 0.0517  -0.0007 -0.0100 141 ASN A C   
680 O O   . ASN A 80 ? 0.3357 0.2637 0.2425 0.0730  -0.0078 -0.0160 141 ASN A O   
681 C CB  . ASN A 80 ? 0.2406 0.2667 0.2181 0.0440  0.0074  -0.0153 141 ASN A CB  
682 C CG  . ASN A 80 ? 0.2408 0.2506 0.1825 0.0294  0.0092  -0.0151 141 ASN A CG  
683 O OD1 . ASN A 80 ? 0.2532 0.3399 0.2055 0.0401  0.0163  -0.0081 141 ASN A OD1 
684 N ND2 . ASN A 80 ? 0.2646 0.2573 0.2677 0.0208  0.0009  -0.0150 141 ASN A ND2 
685 N N   . GLY A 81 ? 0.2568 0.2670 0.2111 0.0780  0.0053  -0.0185 142 GLY A N   
686 C CA  . GLY A 81 ? 0.2694 0.2740 0.1757 0.0834  0.0357  -0.0321 142 GLY A CA  
687 C C   . GLY A 81 ? 0.2801 0.2842 0.1924 0.0806  0.0170  -0.0243 142 GLY A C   
688 O O   . GLY A 81 ? 0.3003 0.3323 0.2650 0.1029  0.0230  -0.0266 142 GLY A O   
689 N N   . LYS A 82 ? 0.2922 0.2805 0.1866 0.0623  0.0219  -0.0081 143 LYS A N   
690 C CA  . LYS A 82 ? 0.3048 0.2787 0.2217 0.0451  0.0262  -0.0124 143 LYS A CA  
691 C C   . LYS A 82 ? 0.2726 0.2616 0.2189 0.0489  0.0232  -0.0112 143 LYS A C   
692 O O   . LYS A 82 ? 0.3083 0.2722 0.2321 0.0320  0.0131  -0.0410 143 LYS A O   
693 C CB  . LYS A 82 ? 0.3236 0.2991 0.2255 0.0321  0.0210  -0.0312 143 LYS A CB  
694 C CG  . LYS A 82 ? 0.3964 0.3561 0.3156 0.0025  -0.0023 0.0071  143 LYS A CG  
695 C CD  . LYS A 82 ? 0.4510 0.3687 0.3493 -0.0370 0.0166  0.0171  143 LYS A CD  
696 C CE  . LYS A 82 ? 0.5068 0.4546 0.4330 0.0045  0.0107  -0.0171 143 LYS A CE  
697 N NZ  . LYS A 82 ? 0.5284 0.4267 0.4570 0.0175  0.0109  -0.0220 143 LYS A NZ  
698 N N   . GLY A 83 ? 0.2571 0.2639 0.2117 0.0365  0.0163  0.0092  144 GLY A N   
699 C CA  . GLY A 83 ? 0.2580 0.2613 0.2480 0.0306  0.0345  0.0057  144 GLY A CA  
700 C C   . GLY A 83 ? 0.2503 0.2306 0.2242 0.0193  0.0125  0.0078  144 GLY A C   
701 O O   . GLY A 83 ? 0.2596 0.2506 0.2146 0.0272  0.0451  0.0320  144 GLY A O   
702 N N   . GLU A 84 ? 0.2234 0.2248 0.2039 0.0056  0.0231  -0.0132 145 GLU A N   
703 C CA  . GLU A 84 ? 0.2360 0.2011 0.2111 0.0143  0.0186  -0.0275 145 GLU A CA  
704 C C   . GLU A 84 ? 0.2174 0.2025 0.1783 0.0182  0.0041  -0.0248 145 GLU A C   
705 O O   . GLU A 84 ? 0.2183 0.2034 0.1597 0.0216  -0.0015 -0.0284 145 GLU A O   
706 C CB  . GLU A 84 ? 0.2506 0.2268 0.2068 0.0003  0.0244  -0.0081 145 GLU A CB  
707 C CG  . GLU A 84 ? 0.3100 0.2550 0.2067 -0.0185 -0.0159 -0.0227 145 GLU A CG  
708 C CD  . GLU A 84 ? 0.3721 0.3002 0.3109 -0.0574 -0.0466 0.0095  145 GLU A CD  
709 O OE1 . GLU A 84 ? 0.4129 0.2933 0.2450 -0.0634 -0.0525 0.0446  145 GLU A OE1 
710 O OE2 . GLU A 84 ? 0.4854 0.3871 0.4145 -0.0270 -0.0308 0.0720  145 GLU A OE2 
711 N N   . TRP A 85 ? 0.2133 0.1863 0.1664 0.0282  0.0194  -0.0144 146 TRP A N   
712 C CA  . TRP A 85 ? 0.2236 0.1782 0.1566 0.0178  0.0000  -0.0038 146 TRP A CA  
713 C C   . TRP A 85 ? 0.2214 0.1842 0.1739 0.0015  -0.0013 -0.0128 146 TRP A C   
714 O O   . TRP A 85 ? 0.2563 0.2165 0.2128 0.0179  -0.0241 -0.0447 146 TRP A O   
715 C CB  . TRP A 85 ? 0.2413 0.1521 0.1496 0.0049  -0.0110 -0.0244 146 TRP A CB  
716 C CG  . TRP A 85 ? 0.2439 0.2317 0.1525 0.0289  0.0143  -0.0036 146 TRP A CG  
717 C CD1 . TRP A 85 ? 0.2747 0.2056 0.1367 0.0155  -0.0199 0.0056  146 TRP A CD1 
718 C CD2 . TRP A 85 ? 0.2233 0.2376 0.1923 -0.0243 0.0148  0.0030  146 TRP A CD2 
719 N NE1 . TRP A 85 ? 0.2810 0.2501 0.1702 -0.0158 0.0068  -0.0277 146 TRP A NE1 
720 C CE2 . TRP A 85 ? 0.2710 0.2210 0.1513 -0.0066 0.0180  0.0182  146 TRP A CE2 
721 C CE3 . TRP A 85 ? 0.3091 0.2335 0.1601 -0.0006 0.0549  0.0010  146 TRP A CE3 
722 C CZ2 . TRP A 85 ? 0.2739 0.2250 0.2160 0.0255  0.0248  -0.0144 146 TRP A CZ2 
723 C CZ3 . TRP A 85 ? 0.2906 0.2289 0.1878 -0.0452 0.0244  -0.0317 146 TRP A CZ3 
724 C CH2 . TRP A 85 ? 0.2756 0.2045 0.2311 0.0114  0.0079  -0.0100 146 TRP A CH2 
725 N N   . THR A 86 ? 0.2250 0.2255 0.1929 0.0029  -0.0008 0.0005  147 THR A N   
726 C CA  . THR A 86 ? 0.2110 0.2196 0.1958 -0.0049 -0.0139 -0.0039 147 THR A CA  
727 C C   . THR A 86 ? 0.2190 0.2007 0.1893 0.0006  -0.0187 -0.0129 147 THR A C   
728 O O   . THR A 86 ? 0.2317 0.1769 0.2347 0.0080  -0.0569 -0.0233 147 THR A O   
729 C CB  . THR A 86 ? 0.2117 0.2142 0.2221 -0.0184 0.0065  -0.0110 147 THR A CB  
730 O OG1 . THR A 86 ? 0.2418 0.3015 0.2536 -0.0069 0.0013  -0.0005 147 THR A OG1 
731 C CG2 . THR A 86 ? 0.2339 0.2917 0.2201 -0.0182 -0.0522 0.0033  147 THR A CG2 
732 N N   . CYS A 87 ? 0.2403 0.2123 0.2055 0.0078  -0.0211 -0.0184 148 CYS A N   
733 C CA  . CYS A 87 ? 0.2782 0.2522 0.2115 0.0084  -0.0191 -0.0001 148 CYS A CA  
734 C C   . CYS A 87 ? 0.2864 0.2628 0.2445 0.0152  -0.0192 -0.0033 148 CYS A C   
735 O O   . CYS A 87 ? 0.3013 0.3063 0.2982 0.0185  -0.0225 -0.0148 148 CYS A O   
736 C CB  . CYS A 87 ? 0.2980 0.2340 0.1476 0.0076  -0.0210 0.0069  148 CYS A CB  
737 S SG  . CYS A 87 ? 0.3171 0.2726 0.2221 0.0196  -0.0339 -0.0035 148 CYS A SG  
738 N N   . LYS A 88 ? 0.3126 0.3123 0.2833 0.0156  -0.0185 0.0044  149 LYS A N   
739 C CA  . LYS A 88 ? 0.3292 0.3461 0.3163 0.0325  -0.0327 0.0175  149 LYS A CA  
740 C C   . LYS A 88 ? 0.3528 0.3647 0.3484 0.0284  -0.0375 0.0208  149 LYS A C   
741 O O   . LYS A 88 ? 0.3605 0.3428 0.3444 0.0720  -0.0613 0.0438  149 LYS A O   
742 C CB  . LYS A 88 ? 0.3261 0.3701 0.3369 0.0283  -0.0251 0.0121  149 LYS A CB  
743 C CG  . LYS A 88 ? 0.3893 0.4293 0.3274 0.0190  -0.0067 0.0171  149 LYS A CG  
744 C CD  . LYS A 88 ? 0.4982 0.5286 0.4410 0.0339  -0.0051 0.0146  149 LYS A CD  
745 C CE  . LYS A 88 ? 0.5199 0.5430 0.4718 0.0147  -0.0345 0.0127  149 LYS A CE  
746 N NZ  . LYS A 88 ? 0.5816 0.6216 0.3907 0.0561  -0.0578 -0.0082 149 LYS A NZ  
747 N N   . PRO A 89 ? 0.3792 0.4036 0.3827 0.0260  -0.0427 0.0202  150 PRO A N   
748 C CA  . PRO A 89 ? 0.4002 0.4291 0.4224 0.0239  -0.0465 0.0104  150 PRO A CA  
749 C C   . PRO A 89 ? 0.4271 0.4658 0.4594 0.0234  -0.0356 0.0094  150 PRO A C   
750 O O   . PRO A 89 ? 0.4290 0.4953 0.4796 0.0347  -0.0412 0.0059  150 PRO A O   
751 C CB  . PRO A 89 ? 0.3996 0.4329 0.4219 0.0286  -0.0496 0.0112  150 PRO A CB  
752 C CG  . PRO A 89 ? 0.3911 0.4434 0.4118 0.0244  -0.0658 0.0193  150 PRO A CG  
753 C CD  . PRO A 89 ? 0.3969 0.4069 0.3878 0.0271  -0.0521 0.0355  150 PRO A CD  
754 N N   . ILE A 90 ? 0.4880 0.4926 0.5099 0.0177  -0.0354 -0.0045 151 ILE A N   
755 C CA  . ILE A 90 ? 0.5350 0.5234 0.5379 0.0097  -0.0228 -0.0099 151 ILE A CA  
756 C C   . ILE A 90 ? 0.5561 0.5301 0.5594 0.0045  -0.0287 -0.0082 151 ILE A C   
757 O O   . ILE A 90 ? 0.5757 0.5307 0.5773 0.0061  -0.0142 -0.0132 151 ILE A O   
758 C CB  . ILE A 90 ? 0.5422 0.5290 0.5294 0.0154  -0.0279 -0.0089 151 ILE A CB  
759 C CG1 . ILE A 90 ? 0.5340 0.5242 0.5228 -0.0010 -0.0320 -0.0259 151 ILE A CG1 
760 C CG2 . ILE A 90 ? 0.5623 0.5791 0.5267 0.0288  -0.0083 0.0044  151 ILE A CG2 
761 C CD1 . ILE A 90 ? 0.5458 0.5312 0.5427 -0.0046 -0.0166 -0.0204 151 ILE A CD1 
762 O OXT . ILE A 90 ? 0.5884 0.5564 0.5890 0.0029  -0.0280 -0.0019 151 ILE A OXT 
# 
